data_5N8U
#
_entry.id   5N8U
#
_cell.length_a   302.368
_cell.length_b   51.288
_cell.length_c   164.097
_cell.angle_alpha   90.00
_cell.angle_beta   114.70
_cell.angle_gamma   90.00
#
_symmetry.space_group_name_H-M   'C 1 2 1'
#
loop_
_entity.id
_entity.type
_entity.pdbx_description
1 polymer 'CG9323, isoform A'
2 polymer "DNA (5'-D(P*CP*TP*CP*TP*CP*CP*CP*T)-3')"
3 non-polymer 'PHOSPHATE ION'
4 water water
#
loop_
_entity_poly.entity_id
_entity_poly.type
_entity_poly.pdbx_seq_one_letter_code
_entity_poly.pdbx_strand_id
1 'polypeptide(L)'
;MQRDRDSSGSNARKGNRPPGLRGKDIGLYYRNLARQQKKDRGENAESKEPQIRLGCNVSAPSGVLERVKELMEDYSRAPS
RQNVDDKNVDAKFQQQFRHLLSVNFEEFVAETKERNADLDWVNPKLDERLQLELGQRQLEENAKKRLEARKKLPTMKYAD
DIIQAVRENQVILIVGSTGCGKTTQVPQILLDDAISRGCASSCRIICTQPRRISAIAIAEWVSYERCESLGNSVGYQIRL
ESRKARERASITYCTTGVLLQQLQSDPLMHNLSVLILDEIHERSVETDLLMGLLKVILPHRPDLKVILMSATVREQDFCD
YFNNCPMFRIEGVMFPVKMLYLEDVLSKTNYEFQKFRDRRPKRDPPERRMKHEAMIEPYLRRIRNSYDSRVLDKLRLPES
EGCEDIDFIADLVYYICENEPEGAILVFLPGYDKISQLYNILDKPKTSKGQRWRDHMAVFPLHSLMQSGEQQAVFRRPPA
GQRKVIISTIIAETSVTIDDVVYVINSGRTKATNYDIETNIQSLDEVWVTKANTQQRRGRAGRVRPGICYNLFSRAREDR
MDDIPTPEILRSKLESIILSLKLLHIDDPYRFLQTLINAPNPEAIKMGVELLKRIEALDQTGTLTPLGMHLAKLPIDPQM
GKMILMSALFCCLDPITSAAAALSFKSPFYSPLGKESRVDEIKRRMARNMRSDHLMVHNTIIAYRDSRYSHAERDFCYKN
FLSSMTLQQLERMKNQFSELLYNYKFLASSNCKDAASNKNSEKIPLLRAIIGAGLYPNMAHLRKSRQIKNRVRAIHTMAT
DDGRRVNFHPSSVNSGESGFDSAYFVYFQRQKSTDLFLLDSTMVFPMALIIFGDGVEAGVTQNTPYLCVAKTYYFKCNRE
TADVVIQLRSNLEKLLLKKALYPAPIEENGYEKQLIKAIELLLSLDERLGEDYISSDEIDDIVD
;
A,B
2 'polydeoxyribonucleotide' (DC)(DT)(DC)(DT)(DC)(DC)(DC)(DT) C,D
#
# COMPACT_ATOMS: atom_id res chain seq x y z
N ILE A 52 58.09 -17.74 18.54
CA ILE A 52 57.23 -16.64 18.99
C ILE A 52 58.05 -15.42 19.39
N ARG A 53 57.95 -14.35 18.59
CA ARG A 53 58.65 -13.08 18.82
C ARG A 53 57.59 -12.03 19.16
N LEU A 54 57.62 -11.53 20.38
CA LEU A 54 56.56 -10.64 20.85
C LEU A 54 56.69 -9.24 20.26
N GLY A 55 55.53 -8.60 20.07
CA GLY A 55 55.47 -7.24 19.59
C GLY A 55 55.24 -6.27 20.73
N CYS A 56 54.86 -5.05 20.36
CA CYS A 56 54.79 -3.92 21.27
C CYS A 56 53.75 -4.16 22.37
N ASN A 57 53.84 -3.36 23.43
CA ASN A 57 52.98 -3.56 24.59
C ASN A 57 51.66 -2.83 24.39
N VAL A 58 50.55 -3.56 24.51
CA VAL A 58 49.21 -3.03 24.30
C VAL A 58 48.44 -2.84 25.61
N SER A 59 49.09 -2.97 26.75
CA SER A 59 48.40 -2.85 28.02
C SER A 59 47.75 -1.48 28.16
N ALA A 60 46.62 -1.42 28.88
CA ALA A 60 45.93 -0.15 28.96
C ALA A 60 46.06 0.43 30.37
N PRO A 61 46.01 1.76 30.52
CA PRO A 61 46.13 2.34 31.86
C PRO A 61 45.01 1.84 32.76
N SER A 62 45.31 1.77 34.06
CA SER A 62 44.33 1.25 35.01
C SER A 62 43.07 2.10 35.03
N GLY A 63 43.21 3.42 34.85
CA GLY A 63 42.05 4.29 34.86
C GLY A 63 41.13 4.02 33.69
N VAL A 64 41.70 3.65 32.55
CA VAL A 64 40.88 3.34 31.39
C VAL A 64 40.22 1.97 31.57
N LEU A 65 40.93 1.01 32.15
CA LEU A 65 40.35 -0.32 32.33
C LEU A 65 39.20 -0.31 33.34
N GLU A 66 39.29 0.52 34.37
CA GLU A 66 38.20 0.57 35.33
C GLU A 66 36.94 1.10 34.68
N ARG A 67 37.10 2.06 33.78
CA ARG A 67 35.92 2.66 33.19
C ARG A 67 35.38 1.79 32.04
N VAL A 68 36.26 1.05 31.36
CA VAL A 68 35.75 0.01 30.47
C VAL A 68 34.98 -0.99 31.29
N LYS A 69 35.47 -1.29 32.48
CA LYS A 69 34.70 -2.20 33.31
C LYS A 69 33.42 -1.54 33.80
N GLU A 70 33.45 -0.28 34.25
CA GLU A 70 32.16 0.32 34.59
C GLU A 70 31.21 0.26 33.40
N LEU A 71 31.73 0.48 32.19
CA LEU A 71 30.84 0.56 31.04
C LEU A 71 30.33 -0.83 30.63
N MET A 72 31.22 -1.83 30.62
CA MET A 72 30.78 -3.18 30.24
C MET A 72 29.67 -3.68 31.15
N GLU A 73 29.80 -3.48 32.47
CA GLU A 73 28.79 -4.06 33.34
C GLU A 73 27.53 -3.20 33.45
N ASP A 74 27.57 -1.95 32.97
CA ASP A 74 26.31 -1.27 32.61
C ASP A 74 25.61 -2.00 31.47
N TYR A 75 26.35 -2.33 30.41
CA TYR A 75 25.78 -3.01 29.26
C TYR A 75 25.17 -4.36 29.64
N SER A 76 25.74 -5.05 30.63
CA SER A 76 25.26 -6.37 31.00
C SER A 76 24.04 -6.33 31.92
N ARG A 77 23.62 -5.14 32.36
CA ARG A 77 22.40 -4.96 33.14
C ARG A 77 21.18 -4.78 32.27
N ALA A 78 21.28 -5.02 31.02
CA ALA A 78 20.07 -4.80 30.24
C ALA A 78 19.16 -6.03 30.30
N PRO A 79 17.84 -5.82 30.20
CA PRO A 79 16.82 -6.89 30.21
C PRO A 79 16.80 -7.72 28.92
N ASP A 90 9.85 -4.44 17.83
CA ASP A 90 9.89 -5.90 17.89
C ASP A 90 10.47 -6.51 16.58
N ALA A 91 10.25 -7.80 16.34
CA ALA A 91 11.05 -8.50 15.33
C ALA A 91 10.31 -9.04 14.13
N LYS A 92 10.29 -8.27 13.05
CA LYS A 92 9.84 -8.87 11.81
C LYS A 92 11.00 -9.60 11.14
N PHE A 93 12.22 -9.05 11.22
CA PHE A 93 13.35 -9.71 10.56
C PHE A 93 13.60 -11.09 11.13
N GLN A 94 13.46 -11.25 12.45
CA GLN A 94 13.79 -12.52 13.04
C GLN A 94 12.79 -13.60 12.62
N GLN A 95 11.52 -13.23 12.42
CA GLN A 95 10.56 -14.23 11.96
C GLN A 95 10.79 -14.58 10.49
N GLN A 96 11.08 -13.58 9.65
CA GLN A 96 11.52 -13.86 8.28
C GLN A 96 12.71 -14.82 8.28
N PHE A 97 13.64 -14.64 9.23
CA PHE A 97 14.83 -15.47 9.22
C PHE A 97 14.50 -16.89 9.64
N ARG A 98 13.62 -17.08 10.64
CA ARG A 98 13.38 -18.46 11.05
C ARG A 98 12.47 -19.15 10.07
N HIS A 99 11.62 -18.39 9.37
CA HIS A 99 10.79 -18.97 8.33
C HIS A 99 11.65 -19.55 7.22
N LEU A 100 12.63 -18.76 6.75
CA LEU A 100 13.47 -19.23 5.64
C LEU A 100 14.20 -20.51 6.01
N LEU A 101 14.61 -20.65 7.28
CA LEU A 101 15.33 -21.85 7.68
C LEU A 101 14.44 -23.06 7.91
N SER A 102 13.15 -22.86 8.17
CA SER A 102 12.24 -23.96 8.48
C SER A 102 11.57 -24.61 7.26
N VAL A 103 11.55 -23.95 6.10
CA VAL A 103 10.81 -24.44 4.93
C VAL A 103 11.75 -25.26 4.06
N ASN A 104 11.22 -26.31 3.43
CA ASN A 104 12.00 -27.03 2.44
C ASN A 104 11.80 -26.35 1.10
N PHE A 105 12.38 -26.94 0.05
CA PHE A 105 12.42 -26.23 -1.23
C PHE A 105 11.04 -26.09 -1.85
N GLU A 106 10.18 -27.11 -1.80
CA GLU A 106 8.93 -26.88 -2.52
C GLU A 106 7.88 -26.15 -1.68
N GLU A 107 8.02 -26.09 -0.35
CA GLU A 107 7.31 -25.04 0.38
C GLU A 107 7.76 -23.67 -0.12
N PHE A 108 9.09 -23.49 -0.27
CA PHE A 108 9.66 -22.27 -0.82
C PHE A 108 9.05 -21.90 -2.17
N VAL A 109 8.94 -22.89 -3.08
CA VAL A 109 8.34 -22.68 -4.39
C VAL A 109 6.88 -22.21 -4.26
N ALA A 110 6.08 -22.92 -3.46
CA ALA A 110 4.68 -22.54 -3.27
C ALA A 110 4.54 -21.13 -2.72
N GLU A 111 5.33 -20.79 -1.70
CA GLU A 111 5.18 -19.48 -1.05
C GLU A 111 5.50 -18.35 -2.02
N THR A 112 6.59 -18.47 -2.77
CA THR A 112 6.93 -17.36 -3.65
C THR A 112 5.97 -17.25 -4.83
N LYS A 113 5.23 -18.31 -5.17
CA LYS A 113 4.22 -18.20 -6.21
C LYS A 113 3.07 -17.33 -5.77
N GLU A 114 2.59 -17.52 -4.52
CA GLU A 114 1.48 -16.71 -4.01
C GLU A 114 1.90 -15.26 -3.87
N ARG A 115 3.15 -15.04 -3.48
CA ARG A 115 3.64 -13.70 -3.15
C ARG A 115 3.90 -12.86 -4.40
N ASN A 116 4.30 -13.47 -5.51
CA ASN A 116 4.44 -12.73 -6.76
C ASN A 116 3.43 -13.31 -7.72
N ALA A 117 2.21 -12.78 -7.67
CA ALA A 117 1.11 -13.22 -8.50
C ALA A 117 0.62 -12.18 -9.51
N ASP A 118 1.28 -11.01 -9.62
CA ASP A 118 0.66 -9.92 -10.37
C ASP A 118 0.44 -10.25 -11.85
N LEU A 119 1.32 -11.04 -12.47
CA LEU A 119 1.06 -11.40 -13.87
C LEU A 119 -0.06 -12.40 -14.03
N ASP A 120 -0.65 -12.91 -12.94
CA ASP A 120 -1.91 -13.65 -13.06
C ASP A 120 -3.06 -12.75 -13.49
N TRP A 121 -2.90 -11.43 -13.42
CA TRP A 121 -3.95 -10.48 -13.73
C TRP A 121 -3.66 -9.81 -15.07
N VAL A 122 -4.65 -9.78 -15.94
CA VAL A 122 -4.54 -9.12 -17.23
C VAL A 122 -5.63 -8.08 -17.33
N ASN A 123 -5.47 -7.16 -18.29
CA ASN A 123 -6.33 -5.98 -18.40
C ASN A 123 -6.96 -5.97 -19.80
N PRO A 124 -8.08 -6.68 -19.99
CA PRO A 124 -8.69 -6.75 -21.33
C PRO A 124 -8.90 -5.42 -22.03
N LYS A 125 -9.25 -4.34 -21.31
CA LYS A 125 -9.43 -3.07 -22.01
C LYS A 125 -8.10 -2.48 -22.44
N LEU A 126 -7.03 -2.75 -21.70
CA LEU A 126 -5.74 -2.24 -22.14
C LEU A 126 -5.18 -3.14 -23.23
N ASP A 127 -5.44 -4.43 -23.15
CA ASP A 127 -5.18 -5.33 -24.26
C ASP A 127 -5.78 -4.78 -25.54
N GLU A 128 -7.10 -4.50 -25.53
CA GLU A 128 -7.74 -4.12 -26.78
C GLU A 128 -7.35 -2.72 -27.22
N ARG A 129 -7.07 -1.81 -26.29
CA ARG A 129 -6.70 -0.46 -26.69
C ARG A 129 -5.31 -0.43 -27.31
N LEU A 130 -4.35 -1.11 -26.70
CA LEU A 130 -3.02 -1.16 -27.29
C LEU A 130 -3.06 -1.89 -28.62
N GLN A 131 -3.87 -2.95 -28.72
CA GLN A 131 -3.98 -3.62 -30.01
C GLN A 131 -4.55 -2.67 -31.05
N LEU A 132 -5.42 -1.76 -30.63
CA LEU A 132 -6.06 -0.89 -31.60
C LEU A 132 -5.24 0.34 -31.99
N GLU A 133 -4.45 0.93 -31.13
CA GLU A 133 -3.62 1.95 -31.76
C GLU A 133 -2.27 1.38 -32.30
N LEU A 134 -1.93 0.10 -32.05
CA LEU A 134 -0.82 -0.42 -32.86
C LEU A 134 -1.29 -0.69 -34.28
N GLY A 135 -2.46 -1.29 -34.44
CA GLY A 135 -3.03 -1.47 -35.77
C GLY A 135 -3.11 -0.21 -36.61
N GLN A 136 -3.66 0.87 -36.03
CA GLN A 136 -3.69 2.16 -36.72
C GLN A 136 -2.34 2.82 -36.78
N ARG A 137 -1.58 2.76 -35.72
CA ARG A 137 -0.35 3.54 -35.73
C ARG A 137 0.77 2.80 -36.46
N GLN A 138 0.44 1.68 -37.12
CA GLN A 138 1.25 1.20 -38.25
C GLN A 138 0.88 1.90 -39.54
N LEU A 139 -0.25 2.60 -39.59
CA LEU A 139 -0.76 3.19 -40.82
C LEU A 139 -0.33 4.64 -41.07
N GLU A 140 0.39 5.31 -40.15
CA GLU A 140 1.07 6.52 -40.59
C GLU A 140 2.19 6.13 -41.52
N GLU A 141 2.91 7.13 -42.01
CA GLU A 141 4.28 6.86 -42.38
C GLU A 141 5.30 7.34 -41.34
N ASN A 142 4.84 7.92 -40.22
CA ASN A 142 5.85 8.33 -39.23
C ASN A 142 6.56 7.13 -38.58
N ALA A 143 5.88 6.00 -38.27
CA ALA A 143 6.59 4.78 -37.79
C ALA A 143 6.49 3.63 -38.80
N LYS A 144 7.28 3.87 -39.82
CA LYS A 144 7.21 3.00 -40.97
C LYS A 144 8.54 3.08 -41.75
N LYS A 145 8.94 4.34 -42.01
CA LYS A 145 10.26 4.70 -42.53
C LYS A 145 11.32 3.77 -41.97
N ARG A 146 11.20 3.49 -40.64
CA ARG A 146 11.95 2.45 -39.91
C ARG A 146 11.34 1.07 -40.00
N LEU A 147 10.02 0.91 -40.14
CA LEU A 147 9.56 -0.47 -40.26
C LEU A 147 10.07 -1.05 -41.57
N GLU A 148 10.23 -0.19 -42.58
CA GLU A 148 11.00 -0.57 -43.75
C GLU A 148 12.51 -0.43 -43.52
N ALA A 149 12.94 0.38 -42.54
CA ALA A 149 14.36 0.39 -42.16
C ALA A 149 14.70 -0.76 -41.24
N ARG A 150 13.77 -1.17 -40.36
CA ARG A 150 14.00 -2.37 -39.58
C ARG A 150 13.97 -3.62 -40.45
N LYS A 151 13.18 -3.60 -41.53
CA LYS A 151 13.14 -4.75 -42.42
C LYS A 151 14.47 -4.94 -43.15
N LYS A 152 15.25 -3.87 -43.31
CA LYS A 152 16.61 -4.01 -43.84
C LYS A 152 17.56 -4.68 -42.85
N LEU A 153 17.10 -5.04 -41.53
CA LEU A 153 17.99 -5.77 -40.63
C LEU A 153 17.72 -7.28 -40.69
N PRO A 154 18.82 -8.04 -40.69
CA PRO A 154 18.71 -9.50 -40.89
C PRO A 154 17.75 -10.21 -39.96
N THR A 155 17.69 -9.81 -38.69
CA THR A 155 16.82 -10.51 -37.75
C THR A 155 15.35 -10.47 -38.18
N MET A 156 14.94 -9.41 -38.87
CA MET A 156 13.52 -9.28 -39.21
C MET A 156 13.07 -10.31 -40.23
N LYS A 157 13.96 -10.81 -41.10
CA LYS A 157 13.56 -11.85 -42.04
C LYS A 157 13.10 -13.11 -41.32
N TYR A 158 13.56 -13.32 -40.08
CA TYR A 158 13.25 -14.55 -39.33
C TYR A 158 12.13 -14.34 -38.29
N ALA A 159 11.41 -13.22 -38.35
CA ALA A 159 10.40 -12.88 -37.35
C ALA A 159 9.48 -14.04 -37.02
N ASP A 160 8.75 -14.53 -38.03
CA ASP A 160 7.68 -15.50 -37.76
C ASP A 160 8.25 -16.82 -37.28
N ASP A 161 9.40 -17.24 -37.83
CA ASP A 161 10.02 -18.47 -37.35
C ASP A 161 10.45 -18.31 -35.90
N ILE A 162 10.97 -17.12 -35.56
CA ILE A 162 11.32 -16.83 -34.17
C ILE A 162 10.06 -16.87 -33.32
N ILE A 163 8.99 -16.20 -33.77
CA ILE A 163 7.73 -16.21 -33.03
C ILE A 163 7.27 -17.64 -32.81
N GLN A 164 7.25 -18.43 -33.89
CA GLN A 164 6.71 -19.78 -33.81
C GLN A 164 7.59 -20.66 -32.94
N ALA A 165 8.91 -20.53 -33.07
CA ALA A 165 9.82 -21.30 -32.24
C ALA A 165 9.65 -20.98 -30.76
N VAL A 166 9.37 -19.70 -30.43
CA VAL A 166 9.20 -19.34 -29.01
C VAL A 166 7.92 -19.97 -28.46
N ARG A 167 6.85 -20.01 -29.26
CA ARG A 167 5.63 -20.65 -28.76
C ARG A 167 5.84 -22.16 -28.56
N GLU A 168 6.57 -22.81 -29.48
CA GLU A 168 6.75 -24.25 -29.30
C GLU A 168 7.86 -24.62 -28.33
N ASN A 169 8.64 -23.68 -27.80
CA ASN A 169 9.79 -24.06 -26.98
C ASN A 169 9.98 -23.12 -25.81
N GLN A 170 10.28 -23.72 -24.66
CA GLN A 170 10.55 -22.95 -23.46
C GLN A 170 11.85 -22.16 -23.59
N VAL A 171 12.84 -22.71 -24.28
CA VAL A 171 14.15 -22.10 -24.46
C VAL A 171 14.52 -22.17 -25.93
N ILE A 172 14.91 -21.04 -26.52
CA ILE A 172 15.56 -21.07 -27.82
C ILE A 172 16.86 -20.28 -27.77
N LEU A 173 17.65 -20.43 -28.84
CA LEU A 173 18.95 -19.82 -28.96
C LEU A 173 18.99 -19.06 -30.27
N ILE A 174 19.41 -17.80 -30.21
CA ILE A 174 19.56 -16.98 -31.40
C ILE A 174 21.03 -16.59 -31.48
N VAL A 175 21.71 -17.06 -32.51
CA VAL A 175 23.14 -16.84 -32.69
C VAL A 175 23.33 -15.88 -33.85
N GLY A 176 24.14 -14.84 -33.65
CA GLY A 176 24.37 -13.88 -34.72
C GLY A 176 25.49 -12.90 -34.45
N SER A 177 26.17 -12.47 -35.53
CA SER A 177 27.33 -11.61 -35.42
C SER A 177 26.90 -10.15 -35.33
N THR A 178 27.88 -9.28 -35.15
CA THR A 178 27.63 -7.84 -35.09
C THR A 178 26.77 -7.36 -36.27
N GLY A 179 25.72 -6.60 -35.93
CA GLY A 179 24.90 -5.93 -36.92
C GLY A 179 23.66 -6.68 -37.34
N CYS A 180 23.46 -7.92 -36.86
CA CYS A 180 22.32 -8.71 -37.28
C CYS A 180 21.00 -8.17 -36.77
N GLY A 181 21.00 -7.38 -35.69
CA GLY A 181 19.80 -6.77 -35.17
C GLY A 181 19.07 -7.53 -34.09
N LYS A 182 19.64 -8.60 -33.55
CA LYS A 182 18.89 -9.45 -32.63
C LYS A 182 18.51 -8.73 -31.33
N THR A 183 19.43 -7.93 -30.77
CA THR A 183 19.16 -7.23 -29.52
C THR A 183 18.02 -6.21 -29.67
N THR A 184 18.06 -5.39 -30.72
CA THR A 184 17.01 -4.39 -30.90
C THR A 184 15.72 -5.00 -31.44
N GLN A 185 15.79 -6.01 -32.33
CA GLN A 185 14.61 -6.49 -33.04
C GLN A 185 13.85 -7.63 -32.35
N VAL A 186 14.53 -8.60 -31.74
CA VAL A 186 13.79 -9.72 -31.13
C VAL A 186 12.81 -9.24 -30.06
N PRO A 187 13.20 -8.39 -29.10
CA PRO A 187 12.20 -7.91 -28.11
C PRO A 187 10.98 -7.28 -28.75
N GLN A 188 11.15 -6.43 -29.77
CA GLN A 188 9.97 -5.85 -30.42
C GLN A 188 9.18 -6.86 -31.22
N ILE A 189 9.86 -7.86 -31.80
CA ILE A 189 9.13 -8.85 -32.57
C ILE A 189 8.15 -9.59 -31.67
N LEU A 190 8.57 -9.95 -30.46
CA LEU A 190 7.68 -10.70 -29.58
C LEU A 190 6.65 -9.80 -28.90
N LEU A 191 7.03 -8.57 -28.59
CA LEU A 191 6.11 -7.63 -27.98
C LEU A 191 5.02 -7.22 -28.96
N ASP A 192 5.40 -6.88 -30.19
CA ASP A 192 4.40 -6.44 -31.16
C ASP A 192 3.47 -7.58 -31.55
N ASP A 193 3.94 -8.82 -31.43
CA ASP A 193 3.08 -9.98 -31.71
C ASP A 193 2.02 -10.17 -30.62
N ALA A 194 2.43 -10.07 -29.35
CA ALA A 194 1.49 -10.22 -28.24
C ALA A 194 0.45 -9.10 -28.23
N ILE A 195 0.86 -7.89 -28.58
CA ILE A 195 -0.10 -6.80 -28.73
C ILE A 195 -1.11 -7.12 -29.83
N SER A 196 -0.62 -7.67 -30.95
CA SER A 196 -1.48 -7.92 -32.10
C SER A 196 -2.45 -9.06 -31.84
N ARG A 197 -2.05 -10.08 -31.10
CA ARG A 197 -2.95 -11.13 -30.64
C ARG A 197 -3.90 -10.68 -29.53
N GLY A 198 -3.79 -9.44 -29.04
CA GLY A 198 -4.61 -8.98 -27.92
C GLY A 198 -4.22 -9.57 -26.59
N CYS A 199 -2.94 -9.88 -26.42
CA CYS A 199 -2.34 -10.33 -25.17
C CYS A 199 -1.50 -9.26 -24.49
N ALA A 200 -1.60 -8.00 -24.91
CA ALA A 200 -0.61 -6.98 -24.52
C ALA A 200 -0.32 -6.98 -23.03
N SER A 201 -1.34 -7.06 -22.19
CA SER A 201 -1.06 -6.84 -20.78
C SER A 201 -0.38 -8.03 -20.12
N SER A 202 -0.42 -9.22 -20.75
CA SER A 202 0.30 -10.35 -20.18
C SER A 202 1.78 -10.40 -20.56
N CYS A 203 2.28 -9.44 -21.32
CA CYS A 203 3.62 -9.49 -21.88
C CYS A 203 4.55 -8.50 -21.18
N ARG A 204 5.55 -9.02 -20.48
CA ARG A 204 6.60 -8.19 -19.90
C ARG A 204 7.93 -8.87 -20.21
N ILE A 205 8.76 -8.23 -21.04
CA ILE A 205 10.00 -8.79 -21.53
C ILE A 205 11.17 -8.12 -20.83
N ILE A 206 12.06 -8.93 -20.27
CA ILE A 206 13.30 -8.45 -19.68
C ILE A 206 14.45 -8.92 -20.57
N CYS A 207 15.29 -7.99 -21.02
CA CYS A 207 16.47 -8.33 -21.80
C CYS A 207 17.73 -7.91 -21.05
N THR A 208 18.58 -8.87 -20.71
CA THR A 208 19.81 -8.58 -19.99
C THR A 208 20.97 -8.26 -20.91
N GLN A 209 21.84 -7.36 -20.43
CA GLN A 209 23.07 -6.97 -21.10
C GLN A 209 24.22 -7.02 -20.11
N PRO A 210 25.44 -7.25 -20.59
CA PRO A 210 26.58 -7.26 -19.66
C PRO A 210 26.96 -5.88 -19.13
N ARG A 211 26.89 -4.85 -19.96
CA ARG A 211 27.43 -3.55 -19.61
C ARG A 211 26.32 -2.52 -19.48
N ARG A 212 26.52 -1.58 -18.54
CA ARG A 212 25.51 -0.57 -18.25
C ARG A 212 25.21 0.28 -19.46
N ILE A 213 26.26 0.77 -20.13
CA ILE A 213 26.08 1.69 -21.23
C ILE A 213 25.39 1.01 -22.42
N SER A 214 25.62 -0.29 -22.57
CA SER A 214 24.86 -1.05 -23.53
C SER A 214 23.36 -0.97 -23.23
N ALA A 215 23.00 -1.11 -21.94
CA ALA A 215 21.58 -1.13 -21.59
C ALA A 215 20.90 0.19 -21.88
N ILE A 216 21.56 1.31 -21.58
CA ILE A 216 20.97 2.62 -21.83
C ILE A 216 20.86 2.86 -23.33
N ALA A 217 21.98 2.69 -24.04
CA ALA A 217 22.05 2.96 -25.48
C ALA A 217 21.07 2.10 -26.29
N ILE A 218 21.01 0.79 -26.00
CA ILE A 218 20.03 -0.04 -26.70
C ILE A 218 18.61 0.40 -26.35
N ALA A 219 18.35 0.70 -25.08
CA ALA A 219 17.01 1.13 -24.70
C ALA A 219 16.64 2.41 -25.42
N GLU A 220 17.55 3.39 -25.43
CA GLU A 220 17.27 4.64 -26.12
C GLU A 220 17.06 4.41 -27.61
N TRP A 221 17.78 3.46 -28.20
CA TRP A 221 17.68 3.32 -29.64
C TRP A 221 16.42 2.57 -30.02
N VAL A 222 16.07 1.53 -29.27
CA VAL A 222 14.83 0.82 -29.55
C VAL A 222 13.61 1.71 -29.33
N SER A 223 13.69 2.63 -28.37
CA SER A 223 12.55 3.52 -28.11
C SER A 223 12.41 4.55 -29.23
N TYR A 224 13.52 5.04 -29.75
CA TYR A 224 13.53 5.78 -31.01
C TYR A 224 12.81 4.99 -32.10
N GLU A 225 13.12 3.70 -32.23
CA GLU A 225 12.50 2.87 -33.25
C GLU A 225 11.00 2.65 -33.04
N ARG A 226 10.43 3.01 -31.88
CA ARG A 226 8.97 2.99 -31.72
C ARG A 226 8.33 4.37 -31.69
N CYS A 227 9.11 5.44 -31.89
CA CYS A 227 8.67 6.83 -31.82
C CYS A 227 8.02 7.11 -30.46
N GLU A 228 8.69 6.65 -29.44
CA GLU A 228 8.31 6.90 -28.06
C GLU A 228 9.53 7.46 -27.36
N SER A 229 9.29 8.24 -26.32
CA SER A 229 10.35 8.58 -25.39
C SER A 229 10.57 7.41 -24.43
N LEU A 230 11.78 7.34 -23.87
CA LEU A 230 12.08 6.32 -22.87
C LEU A 230 11.04 6.35 -21.77
N GLY A 231 10.55 5.16 -21.40
CA GLY A 231 9.60 5.07 -20.32
C GLY A 231 8.21 4.65 -20.72
N ASN A 232 7.93 4.48 -22.01
CA ASN A 232 6.62 3.92 -22.31
C ASN A 232 6.74 2.42 -22.54
N SER A 233 6.90 2.00 -23.80
CA SER A 233 6.99 0.56 -24.01
C SER A 233 8.41 0.05 -23.80
N VAL A 234 9.41 0.94 -23.79
CA VAL A 234 10.80 0.52 -23.64
C VAL A 234 11.42 1.26 -22.46
N GLY A 235 12.15 0.53 -21.63
CA GLY A 235 12.87 1.13 -20.54
C GLY A 235 14.19 0.42 -20.33
N TYR A 236 14.99 0.98 -19.44
CA TYR A 236 16.17 0.28 -18.96
C TYR A 236 16.22 0.35 -17.45
N GLN A 237 16.92 -0.61 -16.88
CA GLN A 237 17.18 -0.59 -15.45
C GLN A 237 18.61 -1.03 -15.21
N ILE A 238 19.43 -0.13 -14.73
CA ILE A 238 20.73 -0.52 -14.25
C ILE A 238 20.74 -0.24 -12.76
N ARG A 239 21.83 -0.58 -12.08
CA ARG A 239 21.94 -0.24 -10.67
C ARG A 239 22.13 1.27 -10.50
N LEU A 240 21.32 1.86 -9.63
CA LEU A 240 21.37 3.27 -9.21
C LEU A 240 20.77 4.24 -10.22
N GLU A 241 20.23 3.78 -11.33
CA GLU A 241 19.64 4.69 -12.29
C GLU A 241 18.63 3.89 -13.09
N SER A 242 17.47 4.48 -13.37
CA SER A 242 16.55 3.74 -14.22
C SER A 242 15.65 4.72 -14.96
N ARG A 243 15.25 4.32 -16.16
CA ARG A 243 14.06 4.86 -16.79
C ARG A 243 13.16 3.65 -17.08
N LYS A 244 12.15 3.47 -16.24
CA LYS A 244 11.39 2.23 -16.28
C LYS A 244 10.31 2.30 -17.33
N ALA A 245 10.13 1.20 -18.03
CA ALA A 245 9.00 1.10 -18.92
C ALA A 245 7.73 1.05 -18.07
N ARG A 246 6.61 1.28 -18.75
CA ARG A 246 5.27 0.97 -18.24
C ARG A 246 5.22 -0.48 -17.77
N GLU A 247 4.29 -0.79 -16.85
CA GLU A 247 4.30 -2.11 -16.22
C GLU A 247 4.15 -3.23 -17.24
N ARG A 248 3.23 -3.07 -18.20
CA ARG A 248 2.81 -4.13 -19.10
C ARG A 248 3.03 -3.77 -20.56
N ALA A 249 2.97 -4.80 -21.41
CA ALA A 249 3.34 -4.70 -22.83
C ALA A 249 4.58 -3.83 -23.00
N SER A 250 5.70 -4.31 -22.43
CA SER A 250 6.88 -3.47 -22.33
C SER A 250 8.13 -4.32 -22.40
N ILE A 251 9.23 -3.64 -22.67
CA ILE A 251 10.55 -4.23 -22.79
C ILE A 251 11.48 -3.44 -21.88
N THR A 252 12.20 -4.16 -21.02
CA THR A 252 13.22 -3.57 -20.18
C THR A 252 14.59 -4.15 -20.50
N TYR A 253 15.54 -3.25 -20.80
CA TYR A 253 16.93 -3.64 -20.84
C TYR A 253 17.57 -3.36 -19.50
N CYS A 254 18.23 -4.38 -18.95
CA CYS A 254 18.86 -4.26 -17.65
C CYS A 254 20.18 -5.01 -17.68
N THR A 255 21.05 -4.67 -16.74
CA THR A 255 22.29 -5.38 -16.51
C THR A 255 22.01 -6.69 -15.78
N THR A 256 22.91 -7.65 -15.96
CA THR A 256 22.68 -8.98 -15.40
C THR A 256 22.55 -8.94 -13.89
N GLY A 257 23.36 -8.12 -13.23
CA GLY A 257 23.31 -8.03 -11.78
C GLY A 257 21.97 -7.54 -11.27
N VAL A 258 21.36 -6.56 -11.95
CA VAL A 258 20.05 -6.10 -11.53
C VAL A 258 19.08 -7.26 -11.46
N LEU A 259 19.08 -8.11 -12.49
CA LEU A 259 18.14 -9.21 -12.50
C LEU A 259 18.44 -10.20 -11.37
N LEU A 260 19.72 -10.48 -11.10
CA LEU A 260 20.08 -11.40 -10.03
C LEU A 260 19.65 -10.85 -8.68
N GLN A 261 19.74 -9.54 -8.47
CA GLN A 261 19.31 -9.03 -7.20
C GLN A 261 17.79 -9.05 -7.08
N GLN A 262 17.06 -8.80 -8.18
CA GLN A 262 15.61 -8.95 -8.14
C GLN A 262 15.19 -10.39 -7.93
N LEU A 263 16.08 -11.36 -8.18
CA LEU A 263 15.73 -12.75 -7.90
C LEU A 263 15.49 -12.99 -6.44
N GLN A 264 16.05 -12.16 -5.56
CA GLN A 264 15.86 -12.43 -4.14
C GLN A 264 14.42 -12.28 -3.73
N SER A 265 13.68 -11.33 -4.32
CA SER A 265 12.23 -11.23 -4.07
C SER A 265 11.39 -12.14 -4.95
N ASP A 266 11.85 -12.44 -6.17
CA ASP A 266 11.07 -13.22 -7.12
C ASP A 266 11.97 -14.34 -7.63
N PRO A 267 12.23 -15.35 -6.78
CA PRO A 267 13.23 -16.36 -7.14
C PRO A 267 12.80 -17.28 -8.28
N LEU A 268 11.51 -17.38 -8.59
CA LEU A 268 11.07 -18.09 -9.79
C LEU A 268 10.64 -17.19 -10.95
N MET A 269 10.99 -15.91 -10.92
CA MET A 269 10.89 -15.07 -12.12
C MET A 269 9.44 -14.92 -12.55
N HIS A 270 8.53 -14.93 -11.57
CA HIS A 270 7.11 -14.79 -11.88
C HIS A 270 6.73 -13.43 -12.43
N ASN A 271 7.58 -12.42 -12.30
CA ASN A 271 7.18 -11.08 -12.66
C ASN A 271 7.60 -10.70 -14.06
N LEU A 272 8.01 -11.67 -14.87
CA LEU A 272 8.22 -11.45 -16.29
C LEU A 272 7.68 -12.64 -17.06
N SER A 273 7.27 -12.40 -18.32
CA SER A 273 6.85 -13.49 -19.21
C SER A 273 7.93 -13.97 -20.17
N VAL A 274 8.96 -13.17 -20.42
CA VAL A 274 9.99 -13.54 -21.37
C VAL A 274 11.32 -13.05 -20.82
N LEU A 275 12.27 -13.96 -20.74
CA LEU A 275 13.64 -13.70 -20.34
C LEU A 275 14.55 -13.80 -21.57
N ILE A 276 15.16 -12.69 -21.95
CA ILE A 276 16.17 -12.70 -23.00
C ILE A 276 17.54 -12.48 -22.36
N LEU A 277 18.43 -13.49 -22.45
CA LEU A 277 19.83 -13.40 -22.01
C LEU A 277 20.73 -13.12 -23.21
N ASP A 278 21.33 -11.95 -23.25
CA ASP A 278 22.16 -11.57 -24.39
C ASP A 278 23.64 -11.72 -24.07
N GLU A 279 24.44 -11.98 -25.11
CA GLU A 279 25.91 -12.01 -25.00
C GLU A 279 26.37 -13.09 -24.04
N ILE A 280 25.72 -14.25 -24.07
CA ILE A 280 26.13 -15.31 -23.17
C ILE A 280 27.52 -15.87 -23.53
N HIS A 281 27.96 -15.71 -24.79
CA HIS A 281 29.25 -16.22 -25.24
C HIS A 281 30.43 -15.56 -24.52
N GLU A 282 30.21 -14.38 -23.90
CA GLU A 282 31.30 -13.78 -23.12
C GLU A 282 31.51 -14.48 -21.78
N ARG A 283 30.63 -15.42 -21.45
CA ARG A 283 30.75 -16.27 -20.28
C ARG A 283 31.11 -15.48 -19.02
N SER A 284 30.41 -14.38 -18.80
CA SER A 284 30.48 -13.71 -17.52
C SER A 284 29.90 -14.60 -16.41
N VAL A 285 30.31 -14.33 -15.16
CA VAL A 285 29.78 -15.06 -14.00
C VAL A 285 28.27 -15.03 -13.98
N GLU A 286 27.69 -13.88 -14.30
CA GLU A 286 26.27 -13.73 -14.05
C GLU A 286 25.44 -14.55 -15.02
N THR A 287 25.74 -14.48 -16.31
CA THR A 287 24.96 -15.28 -17.24
C THR A 287 25.20 -16.76 -17.02
N ASP A 288 26.39 -17.14 -16.58
CA ASP A 288 26.61 -18.55 -16.26
C ASP A 288 25.79 -18.96 -15.04
N LEU A 289 25.79 -18.13 -14.00
CA LEU A 289 24.90 -18.39 -12.88
C LEU A 289 23.45 -18.40 -13.35
N LEU A 290 23.07 -17.44 -14.19
CA LEU A 290 21.67 -17.34 -14.56
C LEU A 290 21.22 -18.58 -15.32
N MET A 291 22.02 -19.06 -16.27
CA MET A 291 21.64 -20.32 -16.92
C MET A 291 21.63 -21.47 -15.92
N GLY A 292 22.58 -21.47 -14.97
CA GLY A 292 22.55 -22.49 -13.94
C GLY A 292 21.25 -22.47 -13.15
N LEU A 293 20.75 -21.28 -12.83
CA LEU A 293 19.51 -21.16 -12.07
C LEU A 293 18.27 -21.48 -12.91
N LEU A 294 18.30 -21.18 -14.21
CA LEU A 294 17.18 -21.51 -15.06
C LEU A 294 16.89 -23.01 -15.08
N LYS A 295 17.92 -23.84 -14.91
CA LYS A 295 17.67 -25.28 -14.86
C LYS A 295 16.91 -25.65 -13.60
N VAL A 296 17.05 -24.84 -12.55
CA VAL A 296 16.26 -25.03 -11.33
C VAL A 296 14.88 -24.38 -11.45
N ILE A 297 14.81 -23.22 -12.09
CA ILE A 297 13.59 -22.43 -12.12
C ILE A 297 12.61 -23.00 -13.15
N LEU A 298 13.08 -23.27 -14.37
CA LEU A 298 12.14 -23.53 -15.45
C LEU A 298 11.24 -24.76 -15.23
N PRO A 299 11.68 -25.82 -14.54
CA PRO A 299 10.71 -26.87 -14.16
C PRO A 299 9.46 -26.37 -13.45
N HIS A 300 9.57 -25.32 -12.64
CA HIS A 300 8.41 -24.78 -11.94
C HIS A 300 7.78 -23.60 -12.68
N ARG A 301 8.20 -23.30 -13.90
CA ARG A 301 7.70 -22.16 -14.64
C ARG A 301 7.45 -22.53 -16.09
N PRO A 302 6.40 -23.32 -16.35
CA PRO A 302 6.14 -23.74 -17.74
C PRO A 302 5.71 -22.61 -18.66
N ASP A 303 5.07 -21.57 -18.13
CA ASP A 303 4.67 -20.45 -18.97
C ASP A 303 5.86 -19.55 -19.33
N LEU A 304 6.96 -19.66 -18.60
CA LEU A 304 8.09 -18.77 -18.82
C LEU A 304 8.79 -19.10 -20.13
N LYS A 305 9.11 -18.05 -20.90
CA LYS A 305 9.83 -18.14 -22.16
C LYS A 305 11.23 -17.56 -22.00
N VAL A 306 12.22 -18.32 -22.46
CA VAL A 306 13.61 -17.93 -22.40
C VAL A 306 14.18 -17.92 -23.81
N ILE A 307 14.83 -16.82 -24.18
CA ILE A 307 15.57 -16.73 -25.41
C ILE A 307 17.02 -16.41 -25.06
N LEU A 308 17.92 -17.37 -25.28
CA LEU A 308 19.35 -17.14 -25.21
C LEU A 308 19.84 -16.49 -26.51
N MET A 309 20.77 -15.55 -26.37
CA MET A 309 21.36 -14.86 -27.51
C MET A 309 22.87 -14.85 -27.36
N SER A 310 23.56 -15.14 -28.45
CA SER A 310 24.99 -15.41 -28.43
C SER A 310 25.63 -14.97 -29.74
N ALA A 311 26.90 -14.57 -29.67
CA ALA A 311 27.69 -14.40 -30.89
C ALA A 311 28.05 -15.77 -31.45
N THR A 312 28.71 -15.84 -32.62
CA THR A 312 29.10 -17.16 -33.09
C THR A 312 30.47 -17.43 -32.49
N VAL A 313 30.43 -17.82 -31.22
CA VAL A 313 31.64 -18.10 -30.44
C VAL A 313 31.30 -19.29 -29.56
N ARG A 314 31.72 -20.49 -29.96
CA ARG A 314 31.35 -21.72 -29.26
C ARG A 314 29.87 -21.76 -28.89
N GLU A 315 29.03 -21.30 -29.82
CA GLU A 315 27.58 -21.27 -29.61
C GLU A 315 27.02 -22.62 -29.18
N GLN A 316 27.62 -23.73 -29.65
CA GLN A 316 27.04 -25.04 -29.42
C GLN A 316 27.11 -25.45 -27.96
N ASP A 317 27.98 -24.81 -27.19
CA ASP A 317 28.03 -25.07 -25.76
C ASP A 317 26.68 -24.84 -25.12
N PHE A 318 26.00 -23.75 -25.49
CA PHE A 318 24.73 -23.41 -24.88
C PHE A 318 23.59 -24.27 -25.43
N CYS A 319 23.61 -24.57 -26.74
CA CYS A 319 22.65 -25.52 -27.26
C CYS A 319 22.72 -26.84 -26.51
N ASP A 320 23.93 -27.41 -26.38
CA ASP A 320 24.12 -28.62 -25.59
C ASP A 320 23.66 -28.44 -24.15
N TYR A 321 23.99 -27.31 -23.55
CA TYR A 321 23.68 -27.13 -22.15
C TYR A 321 22.17 -27.18 -21.89
N PHE A 322 21.35 -26.67 -22.82
CA PHE A 322 19.89 -26.70 -22.61
C PHE A 322 19.31 -27.77 -23.52
N ASN A 323 19.26 -29.01 -23.00
CA ASN A 323 18.92 -30.18 -23.78
C ASN A 323 19.62 -30.02 -25.12
N ASN A 324 18.88 -30.10 -26.23
CA ASN A 324 19.34 -29.47 -27.48
C ASN A 324 18.15 -28.71 -28.05
N CYS A 325 18.17 -27.39 -27.88
CA CYS A 325 17.05 -26.48 -28.16
C CYS A 325 17.18 -25.88 -29.56
N PRO A 326 16.08 -25.36 -30.13
CA PRO A 326 16.15 -24.73 -31.46
C PRO A 326 17.20 -23.62 -31.50
N MET A 327 18.03 -23.64 -32.53
CA MET A 327 19.06 -22.63 -32.68
C MET A 327 18.88 -21.93 -34.02
N PHE A 328 18.72 -20.62 -33.99
CA PHE A 328 18.68 -19.77 -35.17
C PHE A 328 20.05 -19.14 -35.40
N ARG A 329 20.50 -19.12 -36.65
CA ARG A 329 21.69 -18.39 -37.03
C ARG A 329 21.31 -17.24 -37.94
N ILE A 330 21.72 -16.04 -37.55
CA ILE A 330 21.34 -14.83 -38.22
C ILE A 330 22.61 -14.16 -38.69
N GLU A 331 22.69 -13.88 -39.99
CA GLU A 331 23.91 -13.34 -40.58
C GLU A 331 24.08 -11.87 -40.21
N GLY A 332 25.34 -11.49 -39.93
CA GLY A 332 25.68 -10.14 -39.52
C GLY A 332 25.59 -9.11 -40.64
N VAL A 333 25.85 -7.86 -40.28
CA VAL A 333 26.02 -6.78 -41.25
C VAL A 333 27.32 -6.08 -40.91
N MET A 334 28.33 -6.31 -41.72
CA MET A 334 29.63 -5.71 -41.48
C MET A 334 30.32 -5.72 -42.83
N PHE A 335 31.26 -4.82 -43.01
CA PHE A 335 32.01 -4.85 -44.25
C PHE A 335 33.18 -5.84 -44.10
N PRO A 336 33.65 -6.39 -45.22
CA PRO A 336 34.75 -7.36 -45.15
C PRO A 336 35.98 -6.75 -44.48
N VAL A 337 36.66 -7.56 -43.68
CA VAL A 337 37.92 -7.14 -43.08
C VAL A 337 38.97 -8.21 -43.35
N LYS A 338 40.05 -7.83 -44.02
CA LYS A 338 41.12 -8.76 -44.33
C LYS A 338 42.06 -8.95 -43.16
N MET A 339 42.44 -10.21 -42.94
CA MET A 339 43.36 -10.59 -41.89
C MET A 339 44.74 -10.86 -42.49
N LEU A 340 45.75 -10.11 -42.04
CA LEU A 340 47.16 -10.40 -42.31
C LEU A 340 47.86 -10.85 -41.05
N TYR A 341 48.83 -11.73 -41.22
CA TYR A 341 49.60 -12.22 -40.09
C TYR A 341 50.99 -11.62 -40.18
N LEU A 342 51.84 -12.03 -39.23
CA LEU A 342 53.18 -11.44 -39.10
C LEU A 342 53.99 -11.62 -40.38
N GLU A 343 53.92 -12.79 -40.98
CA GLU A 343 54.53 -13.01 -42.29
C GLU A 343 54.08 -11.94 -43.28
N ASP A 344 52.78 -11.71 -43.37
CA ASP A 344 52.27 -10.77 -44.36
C ASP A 344 52.72 -9.35 -44.05
N VAL A 345 52.68 -8.97 -42.76
CA VAL A 345 53.06 -7.62 -42.35
C VAL A 345 54.54 -7.37 -42.64
N LEU A 346 55.39 -8.32 -42.25
CA LEU A 346 56.82 -8.16 -42.50
C LEU A 346 57.15 -8.23 -43.99
N SER A 347 56.38 -8.97 -44.78
CA SER A 347 56.60 -8.97 -46.21
C SER A 347 56.21 -7.63 -46.84
N LYS A 348 55.29 -6.88 -46.22
CA LYS A 348 54.95 -5.55 -46.69
C LYS A 348 55.84 -4.43 -46.14
N THR A 349 56.18 -4.46 -44.84
CA THR A 349 56.95 -3.38 -44.21
C THR A 349 58.46 -3.55 -44.37
N ASN A 350 58.93 -4.80 -44.54
CA ASN A 350 60.36 -5.15 -44.62
C ASN A 350 61.15 -4.57 -43.45
N TYR A 351 60.49 -4.37 -42.29
CA TYR A 351 61.18 -3.87 -41.11
C TYR A 351 62.28 -4.83 -40.66
N GLU A 352 63.36 -4.28 -40.11
CA GLU A 352 64.46 -5.10 -39.59
C GLU A 352 64.62 -4.85 -38.10
N PHE A 353 64.81 -5.94 -37.35
CA PHE A 353 64.82 -5.93 -35.89
C PHE A 353 66.26 -5.83 -35.41
N GLN A 354 66.50 -5.01 -34.39
CA GLN A 354 67.86 -4.83 -33.88
C GLN A 354 67.81 -4.00 -32.61
N LYS A 355 69.03 -3.67 -32.11
CA LYS A 355 69.37 -2.67 -31.05
C LYS A 355 70.38 -3.27 -30.04
N ARG A 369 60.98 -19.56 -23.72
CA ARG A 369 61.93 -20.54 -24.19
C ARG A 369 61.69 -20.83 -25.67
N MET A 370 62.46 -21.76 -26.24
CA MET A 370 62.13 -22.28 -27.57
C MET A 370 62.08 -23.80 -27.52
N LYS A 371 60.90 -24.43 -27.59
CA LYS A 371 59.53 -23.83 -27.60
C LYS A 371 59.25 -22.95 -28.82
N HIS A 372 59.39 -21.63 -28.72
CA HIS A 372 59.12 -20.76 -29.87
C HIS A 372 59.72 -21.35 -31.15
N GLU A 373 60.93 -21.92 -31.08
CA GLU A 373 61.50 -22.52 -32.29
C GLU A 373 60.80 -23.84 -32.65
N ALA A 374 60.34 -24.60 -31.64
CA ALA A 374 59.52 -25.77 -31.92
C ALA A 374 58.22 -25.41 -32.61
N MET A 375 57.70 -24.22 -32.35
CA MET A 375 56.46 -23.77 -32.99
C MET A 375 56.70 -23.24 -34.41
N ILE A 376 57.75 -22.45 -34.62
CA ILE A 376 57.87 -21.68 -35.85
C ILE A 376 58.45 -22.48 -37.04
N GLU A 377 59.40 -23.41 -36.81
CA GLU A 377 60.08 -24.03 -37.96
C GLU A 377 59.19 -24.96 -38.77
N PRO A 378 58.39 -25.87 -38.18
CA PRO A 378 57.40 -26.56 -39.00
C PRO A 378 56.53 -25.62 -39.82
N TYR A 379 56.13 -24.50 -39.22
CA TYR A 379 55.30 -23.54 -39.93
C TYR A 379 56.06 -22.93 -41.11
N LEU A 380 57.31 -22.49 -40.88
CA LEU A 380 58.04 -21.82 -41.96
C LEU A 380 58.39 -22.77 -43.08
N ARG A 381 58.42 -24.07 -42.80
CA ARG A 381 58.64 -25.04 -43.89
C ARG A 381 57.36 -25.25 -44.69
N ARG A 382 56.19 -25.18 -44.06
CA ARG A 382 54.96 -25.32 -44.82
C ARG A 382 54.61 -24.08 -45.62
N ILE A 383 55.18 -22.92 -45.29
CA ILE A 383 54.96 -21.68 -46.04
C ILE A 383 56.21 -21.29 -46.83
N ARG A 384 57.21 -22.18 -46.94
CA ARG A 384 58.51 -21.90 -47.59
C ARG A 384 58.37 -21.19 -48.93
N ASN A 385 57.42 -21.61 -49.75
CA ASN A 385 57.33 -21.10 -51.11
C ASN A 385 56.28 -20.01 -51.25
N SER A 386 55.69 -19.55 -50.15
CA SER A 386 54.78 -18.42 -50.23
C SER A 386 55.37 -17.10 -49.76
N TYR A 387 56.57 -17.08 -49.19
CA TYR A 387 57.18 -15.83 -48.75
C TYR A 387 58.68 -15.87 -48.97
N ASP A 388 59.26 -14.68 -49.18
CA ASP A 388 60.72 -14.59 -49.28
C ASP A 388 61.39 -15.15 -48.02
N SER A 389 62.55 -15.77 -48.22
CA SER A 389 63.29 -16.40 -47.12
C SER A 389 63.64 -15.41 -46.01
N ARG A 390 63.91 -14.15 -46.35
CA ARG A 390 64.39 -13.23 -45.34
C ARG A 390 63.29 -12.83 -44.37
N VAL A 391 62.03 -12.82 -44.82
CA VAL A 391 60.91 -12.57 -43.91
C VAL A 391 60.64 -13.80 -43.05
N LEU A 392 60.71 -15.01 -43.62
CA LEU A 392 60.50 -16.19 -42.78
C LEU A 392 61.59 -16.32 -41.72
N ASP A 393 62.78 -15.77 -41.98
CA ASP A 393 63.85 -15.80 -41.00
C ASP A 393 63.55 -14.86 -39.82
N LYS A 394 62.95 -13.71 -40.09
CA LYS A 394 62.54 -12.82 -39.00
C LYS A 394 61.56 -13.50 -38.06
N LEU A 395 60.76 -14.43 -38.58
CA LEU A 395 59.79 -15.13 -37.74
C LEU A 395 60.48 -16.06 -36.74
N ARG A 396 61.77 -16.33 -36.90
CA ARG A 396 62.42 -17.15 -35.91
C ARG A 396 62.83 -16.38 -34.68
N LEU A 397 62.77 -15.06 -34.71
CA LEU A 397 63.00 -14.32 -33.48
C LEU A 397 61.74 -14.28 -32.61
N PRO A 398 61.84 -14.62 -31.32
CA PRO A 398 60.70 -14.48 -30.42
C PRO A 398 60.23 -13.05 -30.30
N GLU A 399 61.16 -12.10 -30.39
CA GLU A 399 60.81 -10.68 -30.34
C GLU A 399 59.88 -10.26 -31.47
N SER A 400 59.81 -11.05 -32.56
CA SER A 400 59.09 -10.61 -33.76
C SER A 400 57.58 -10.63 -33.59
N GLU A 401 57.08 -11.42 -32.66
CA GLU A 401 55.65 -11.57 -32.44
C GLU A 401 55.23 -10.87 -31.15
N GLY A 402 53.97 -10.46 -31.09
CA GLY A 402 53.49 -9.76 -29.92
C GLY A 402 53.87 -8.31 -29.92
N CYS A 403 54.13 -7.72 -28.76
CA CYS A 403 54.57 -6.32 -28.64
C CYS A 403 55.98 -6.11 -28.10
N GLU A 404 56.86 -7.12 -28.06
CA GLU A 404 58.16 -6.90 -27.42
C GLU A 404 58.98 -5.81 -28.09
N ASP A 405 58.76 -5.53 -29.38
CA ASP A 405 59.44 -4.45 -30.07
C ASP A 405 58.40 -3.41 -30.49
N ILE A 406 58.37 -2.32 -29.74
CA ILE A 406 57.41 -1.26 -29.98
C ILE A 406 57.79 -0.47 -31.23
N ASP A 407 59.09 -0.40 -31.56
CA ASP A 407 59.51 0.28 -32.78
C ASP A 407 58.96 -0.41 -34.02
N PHE A 408 58.79 -1.74 -33.96
CA PHE A 408 58.17 -2.47 -35.06
C PHE A 408 56.74 -2.02 -35.28
N ILE A 409 55.96 -1.93 -34.20
CA ILE A 409 54.58 -1.46 -34.30
C ILE A 409 54.57 -0.03 -34.84
N ALA A 410 55.50 0.79 -34.33
CA ALA A 410 55.63 2.18 -34.78
C ALA A 410 55.87 2.25 -36.28
N ASP A 411 56.69 1.34 -36.81
CA ASP A 411 56.94 1.32 -38.25
C ASP A 411 55.68 0.97 -39.03
N LEU A 412 54.87 0.01 -38.53
CA LEU A 412 53.68 -0.35 -39.28
C LEU A 412 52.61 0.73 -39.19
N VAL A 413 52.55 1.46 -38.08
CA VAL A 413 51.75 2.68 -38.04
C VAL A 413 52.18 3.62 -39.16
N TYR A 414 53.48 3.90 -39.23
CA TYR A 414 53.99 4.80 -40.26
C TYR A 414 53.69 4.24 -41.66
N TYR A 415 53.71 2.90 -41.81
CA TYR A 415 53.40 2.29 -43.09
C TYR A 415 51.97 2.56 -43.51
N ILE A 416 51.04 2.45 -42.56
CA ILE A 416 49.64 2.65 -42.92
C ILE A 416 49.37 4.11 -43.29
N CYS A 417 50.08 5.05 -42.66
CA CYS A 417 49.87 6.46 -42.99
C CYS A 417 50.31 6.80 -44.42
N GLU A 418 51.29 6.07 -44.96
CA GLU A 418 51.85 6.38 -46.29
C GLU A 418 51.03 5.76 -47.41
N ASN A 419 50.88 4.44 -47.40
CA ASN A 419 49.99 3.76 -48.32
C ASN A 419 48.57 3.87 -47.79
N GLU A 420 47.63 3.15 -48.41
CA GLU A 420 46.30 2.84 -47.88
C GLU A 420 45.35 4.03 -47.78
N PRO A 421 44.06 3.81 -48.00
CA PRO A 421 43.11 4.93 -48.02
C PRO A 421 42.88 5.58 -46.66
N GLU A 422 42.03 6.62 -46.64
CA GLU A 422 41.76 7.36 -45.42
C GLU A 422 41.13 6.45 -44.37
N GLY A 423 41.64 6.52 -43.15
CA GLY A 423 41.03 5.79 -42.06
C GLY A 423 41.86 5.80 -40.79
N ALA A 424 41.20 5.54 -39.66
CA ALA A 424 41.83 5.52 -38.35
C ALA A 424 42.46 4.16 -38.04
N ILE A 425 43.53 4.20 -37.25
CA ILE A 425 44.27 3.01 -36.85
C ILE A 425 43.92 2.69 -35.40
N LEU A 426 43.52 1.45 -35.13
CA LEU A 426 43.27 0.95 -33.79
C LEU A 426 44.38 -0.04 -33.43
N VAL A 427 45.21 0.33 -32.47
CA VAL A 427 46.34 -0.49 -32.03
C VAL A 427 45.97 -1.11 -30.68
N PHE A 428 45.87 -2.46 -30.66
CA PHE A 428 45.60 -3.22 -29.44
C PHE A 428 46.91 -3.67 -28.80
N LEU A 429 47.22 -3.15 -27.60
CA LEU A 429 48.32 -3.51 -26.73
C LEU A 429 47.84 -3.92 -25.35
N PRO A 430 48.54 -4.82 -24.66
CA PRO A 430 47.95 -5.38 -23.44
C PRO A 430 47.67 -4.41 -22.30
N GLY A 431 48.55 -3.46 -22.00
CA GLY A 431 48.37 -2.60 -20.87
C GLY A 431 49.05 -1.24 -20.98
N TYR A 432 48.93 -0.51 -19.87
CA TYR A 432 49.39 0.87 -19.73
C TYR A 432 50.84 1.07 -20.14
N ASP A 433 51.73 0.17 -19.74
CA ASP A 433 53.16 0.39 -19.87
C ASP A 433 53.59 0.47 -21.33
N LYS A 434 53.11 -0.40 -22.17
CA LYS A 434 53.62 -0.16 -23.51
C LYS A 434 52.68 0.69 -24.37
N ILE A 435 51.43 0.91 -23.95
CA ILE A 435 50.70 2.03 -24.55
C ILE A 435 51.51 3.31 -24.37
N SER A 436 52.09 3.49 -23.19
CA SER A 436 52.97 4.61 -22.95
C SER A 436 54.14 4.62 -23.92
N GLN A 437 54.76 3.46 -24.14
CA GLN A 437 55.95 3.47 -24.97
C GLN A 437 55.62 3.81 -26.42
N LEU A 438 54.49 3.28 -26.94
CA LEU A 438 54.22 3.60 -28.34
C LEU A 438 53.72 5.03 -28.48
N TYR A 439 53.02 5.51 -27.46
CA TYR A 439 52.63 6.91 -27.47
C TYR A 439 53.87 7.81 -27.54
N ASN A 440 54.88 7.52 -26.71
CA ASN A 440 56.06 8.38 -26.70
C ASN A 440 56.88 8.26 -27.98
N ILE A 441 56.80 7.13 -28.68
CA ILE A 441 57.58 7.01 -29.91
C ILE A 441 56.90 7.77 -31.04
N LEU A 442 55.57 7.70 -31.11
CA LEU A 442 54.84 8.48 -32.10
C LEU A 442 54.96 9.97 -31.80
N ASP A 443 54.95 10.33 -30.51
CA ASP A 443 54.91 11.71 -30.07
C ASP A 443 56.28 12.36 -30.06
N LYS A 444 57.34 11.62 -29.70
CA LYS A 444 58.71 12.13 -29.67
C LYS A 444 59.61 11.20 -30.49
N PRO A 445 59.51 11.27 -31.81
CA PRO A 445 60.04 10.18 -32.66
C PRO A 445 61.56 10.08 -32.71
N LYS A 446 62.02 8.83 -32.65
CA LYS A 446 63.43 8.49 -32.76
C LYS A 446 63.97 8.58 -34.19
N THR A 447 63.12 8.42 -35.20
CA THR A 447 63.53 8.24 -36.59
C THR A 447 63.17 9.46 -37.44
N SER A 448 63.89 9.67 -38.53
CA SER A 448 63.35 10.58 -39.53
C SER A 448 61.93 10.17 -40.00
N LYS A 449 61.61 8.88 -40.19
CA LYS A 449 60.23 8.56 -40.60
C LYS A 449 59.23 9.01 -39.55
N GLY A 450 59.63 8.91 -38.28
CA GLY A 450 58.76 9.35 -37.22
C GLY A 450 58.69 10.86 -37.13
N GLN A 451 59.84 11.54 -37.18
CA GLN A 451 59.84 13.00 -37.28
C GLN A 451 58.88 13.48 -38.35
N ARG A 452 58.85 12.77 -39.47
CA ARG A 452 58.01 13.11 -40.60
C ARG A 452 56.52 13.09 -40.23
N TRP A 453 56.06 12.02 -39.59
CA TRP A 453 54.63 11.76 -39.45
C TRP A 453 54.03 12.36 -38.19
N ARG A 454 54.87 12.85 -37.29
CA ARG A 454 54.44 13.35 -35.99
C ARG A 454 53.28 14.35 -36.10
N ASP A 455 53.43 15.37 -36.96
CA ASP A 455 52.45 16.45 -37.06
C ASP A 455 51.20 16.08 -37.84
N HIS A 456 51.19 14.90 -38.46
CA HIS A 456 50.04 14.44 -39.23
C HIS A 456 49.24 13.34 -38.55
N MET A 457 49.51 13.07 -37.27
CA MET A 457 48.76 12.09 -36.50
C MET A 457 48.15 12.74 -35.27
N ALA A 458 46.89 12.42 -34.98
CA ALA A 458 46.27 12.72 -33.70
C ALA A 458 46.21 11.40 -32.93
N VAL A 459 46.99 11.30 -31.86
CA VAL A 459 47.25 10.02 -31.20
C VAL A 459 46.53 10.00 -29.86
N PHE A 460 45.72 8.97 -29.67
CA PHE A 460 44.88 8.80 -28.47
C PHE A 460 45.23 7.51 -27.72
N PRO A 461 45.77 7.60 -26.51
CA PRO A 461 45.81 6.41 -25.64
C PRO A 461 44.42 6.11 -25.09
N LEU A 462 44.11 4.83 -24.97
CA LEU A 462 42.77 4.42 -24.54
C LEU A 462 42.93 3.33 -23.47
N HIS A 463 42.54 3.68 -22.25
CA HIS A 463 42.79 2.87 -21.07
C HIS A 463 41.80 3.28 -19.99
N SER A 464 41.38 2.32 -19.17
CA SER A 464 40.35 2.60 -18.17
C SER A 464 40.79 3.64 -17.16
N LEU A 465 42.09 3.68 -16.87
CA LEU A 465 42.69 4.62 -15.93
C LEU A 465 43.05 5.95 -16.58
N MET A 466 42.69 6.13 -17.85
CA MET A 466 42.98 7.33 -18.61
C MET A 466 41.69 8.06 -18.93
N GLN A 467 41.82 9.34 -19.23
CA GLN A 467 40.65 10.21 -19.43
C GLN A 467 40.07 10.11 -20.85
N SER A 468 40.80 9.55 -21.83
CA SER A 468 40.42 9.66 -23.23
C SER A 468 38.98 9.22 -23.53
N GLY A 469 38.50 8.16 -22.87
CA GLY A 469 37.15 7.70 -23.10
C GLY A 469 36.08 8.60 -22.49
N GLU A 470 36.47 9.46 -21.56
CA GLU A 470 35.56 10.40 -20.92
C GLU A 470 35.41 11.71 -21.68
N GLN A 471 36.16 11.88 -22.77
CA GLN A 471 36.03 13.01 -23.65
C GLN A 471 35.51 12.53 -24.99
N GLN A 472 35.18 13.47 -25.89
CA GLN A 472 34.58 13.07 -27.15
C GLN A 472 35.53 13.20 -28.34
N ALA A 473 36.75 13.67 -28.11
CA ALA A 473 37.68 13.82 -29.22
C ALA A 473 37.96 12.47 -29.87
N VAL A 474 38.25 11.45 -29.06
CA VAL A 474 38.66 10.16 -29.57
C VAL A 474 37.57 9.49 -30.41
N PHE A 475 36.31 9.95 -30.30
CA PHE A 475 35.24 9.48 -31.16
C PHE A 475 35.09 10.27 -32.45
N ARG A 476 35.23 11.59 -32.40
CA ARG A 476 35.07 12.40 -33.59
C ARG A 476 36.20 12.13 -34.59
N ARG A 477 35.96 12.51 -35.85
CA ARG A 477 36.95 12.36 -36.91
C ARG A 477 38.04 13.45 -36.82
N PRO A 478 39.27 13.08 -37.21
CA PRO A 478 40.43 13.95 -36.98
C PRO A 478 40.36 15.22 -37.80
N PRO A 479 41.17 16.23 -37.44
CA PRO A 479 41.32 17.39 -38.32
C PRO A 479 41.81 16.97 -39.70
N ALA A 480 41.42 17.75 -40.70
CA ALA A 480 41.77 17.42 -42.07
C ALA A 480 43.29 17.35 -42.23
N GLY A 481 43.75 16.33 -42.96
CA GLY A 481 45.17 16.09 -43.09
C GLY A 481 45.78 15.30 -41.96
N GLN A 482 45.05 15.08 -40.87
CA GLN A 482 45.55 14.28 -39.76
C GLN A 482 44.92 12.91 -39.76
N ARG A 483 45.73 11.91 -39.45
CA ARG A 483 45.29 10.53 -39.32
C ARG A 483 45.16 10.17 -37.84
N LYS A 484 44.05 9.53 -37.48
CA LYS A 484 43.77 9.19 -36.10
C LYS A 484 44.38 7.85 -35.74
N VAL A 485 45.08 7.81 -34.60
CA VAL A 485 45.79 6.62 -34.15
C VAL A 485 45.36 6.37 -32.71
N ILE A 486 44.68 5.26 -32.48
CA ILE A 486 44.17 4.90 -31.17
C ILE A 486 45.03 3.76 -30.64
N ILE A 487 45.65 3.98 -29.48
CA ILE A 487 46.50 2.99 -28.83
C ILE A 487 45.74 2.53 -27.60
N SER A 488 45.21 1.31 -27.63
CA SER A 488 44.24 0.88 -26.64
C SER A 488 44.57 -0.48 -26.04
N THR A 489 44.01 -0.70 -24.86
CA THR A 489 43.88 -2.02 -24.26
C THR A 489 42.71 -2.79 -24.89
N ILE A 490 42.41 -3.95 -24.32
CA ILE A 490 41.25 -4.76 -24.70
C ILE A 490 39.94 -3.97 -24.61
N ILE A 491 39.95 -2.83 -23.91
CA ILE A 491 38.71 -2.07 -23.70
C ILE A 491 38.05 -1.67 -25.01
N ALA A 492 38.82 -1.51 -26.10
CA ALA A 492 38.25 -1.17 -27.40
C ALA A 492 37.77 -2.39 -28.18
N GLU A 493 37.81 -3.58 -27.59
CA GLU A 493 37.26 -4.77 -28.26
C GLU A 493 35.73 -4.77 -28.23
N THR A 494 35.13 -4.53 -27.07
CA THR A 494 33.68 -4.37 -26.95
C THR A 494 33.32 -3.10 -26.17
N SER A 495 33.82 -3.00 -24.94
CA SER A 495 33.34 -1.99 -24.00
C SER A 495 33.30 -0.58 -24.61
N VAL A 496 34.37 -0.17 -25.30
CA VAL A 496 34.42 1.14 -25.95
C VAL A 496 34.57 0.91 -27.44
N THR A 497 33.85 1.71 -28.25
CA THR A 497 33.73 1.48 -29.68
C THR A 497 33.92 2.76 -30.48
N ILE A 498 34.98 2.79 -31.30
CA ILE A 498 35.28 3.90 -32.22
C ILE A 498 34.82 3.49 -33.62
N ASP A 499 34.05 4.37 -34.27
CA ASP A 499 33.34 3.98 -35.49
C ASP A 499 34.04 4.31 -36.82
N ASP A 500 35.03 5.20 -36.86
CA ASP A 500 35.73 5.51 -38.11
C ASP A 500 36.99 4.66 -38.32
N VAL A 501 37.19 3.62 -37.51
CA VAL A 501 38.33 2.74 -37.64
C VAL A 501 38.25 1.93 -38.91
N VAL A 502 39.27 2.01 -39.76
CA VAL A 502 39.41 1.05 -40.86
C VAL A 502 40.59 0.09 -40.67
N TYR A 503 41.44 0.29 -39.67
CA TYR A 503 42.62 -0.57 -39.51
C TYR A 503 42.85 -0.97 -38.07
N VAL A 504 42.99 -2.28 -37.84
CA VAL A 504 43.34 -2.82 -36.53
C VAL A 504 44.75 -3.39 -36.61
N ILE A 505 45.64 -2.90 -35.73
CA ILE A 505 46.92 -3.53 -35.48
C ILE A 505 46.73 -4.31 -34.19
N ASN A 506 46.71 -5.63 -34.30
CA ASN A 506 46.42 -6.53 -33.18
C ASN A 506 47.72 -7.20 -32.72
N SER A 507 48.23 -6.76 -31.56
CA SER A 507 49.43 -7.36 -31.01
C SER A 507 49.24 -8.81 -30.60
N GLY A 508 48.02 -9.23 -30.34
CA GLY A 508 47.78 -10.58 -29.84
C GLY A 508 48.10 -10.75 -28.37
N ARG A 509 48.36 -9.68 -27.64
CA ARG A 509 48.73 -9.81 -26.25
C ARG A 509 47.81 -9.00 -25.37
N THR A 510 47.45 -9.56 -24.21
CA THR A 510 46.61 -8.85 -23.26
C THR A 510 47.11 -9.17 -21.86
N LYS A 511 46.52 -8.53 -20.88
CA LYS A 511 46.79 -8.85 -19.50
C LYS A 511 45.53 -9.48 -18.95
N ALA A 512 45.70 -10.46 -18.07
CA ALA A 512 44.58 -11.22 -17.55
C ALA A 512 44.92 -11.65 -16.14
N THR A 513 43.89 -11.79 -15.31
CA THR A 513 44.04 -12.26 -13.94
C THR A 513 43.80 -13.76 -13.89
N ASN A 514 44.65 -14.44 -13.14
CA ASN A 514 44.49 -15.86 -12.92
C ASN A 514 44.69 -16.15 -11.45
N TYR A 515 44.02 -17.18 -10.98
CA TYR A 515 44.05 -17.54 -9.58
C TYR A 515 44.74 -18.88 -9.39
N ASP A 516 45.85 -18.87 -8.66
CA ASP A 516 46.51 -20.09 -8.23
C ASP A 516 45.88 -20.54 -6.93
N ILE A 517 45.14 -21.64 -6.98
CA ILE A 517 44.37 -22.10 -5.82
C ILE A 517 45.32 -22.59 -4.72
N GLU A 518 46.52 -23.01 -5.09
CA GLU A 518 47.41 -23.69 -4.17
C GLU A 518 48.29 -22.74 -3.35
N THR A 519 48.67 -21.61 -3.95
CA THR A 519 49.47 -20.57 -3.31
C THR A 519 48.63 -19.42 -2.77
N ASN A 520 47.33 -19.43 -3.05
CA ASN A 520 46.46 -18.29 -2.76
C ASN A 520 47.12 -16.97 -3.16
N ILE A 521 47.69 -16.96 -4.34
CA ILE A 521 48.30 -15.76 -4.91
C ILE A 521 47.55 -15.41 -6.18
N GLN A 522 47.01 -14.21 -6.23
CA GLN A 522 46.44 -13.68 -7.46
C GLN A 522 47.52 -12.91 -8.21
N SER A 523 47.57 -13.13 -9.52
CA SER A 523 48.56 -12.51 -10.37
C SER A 523 47.88 -11.87 -11.57
N LEU A 524 48.57 -10.89 -12.15
CA LEU A 524 48.17 -10.24 -13.39
C LEU A 524 49.31 -10.47 -14.37
N ASP A 525 49.08 -11.30 -15.39
CA ASP A 525 50.16 -11.67 -16.29
C ASP A 525 49.79 -11.34 -17.72
N GLU A 526 50.81 -11.01 -18.48
CA GLU A 526 50.63 -10.77 -19.90
C GLU A 526 50.53 -12.12 -20.60
N VAL A 527 49.51 -12.29 -21.44
CA VAL A 527 49.21 -13.55 -22.12
C VAL A 527 48.82 -13.25 -23.57
N TRP A 528 48.80 -14.33 -24.37
CA TRP A 528 48.24 -14.28 -25.71
C TRP A 528 46.73 -14.26 -25.60
N VAL A 529 46.10 -13.51 -26.50
CA VAL A 529 44.64 -13.49 -26.55
C VAL A 529 44.12 -14.83 -27.09
N THR A 530 42.80 -14.96 -27.17
CA THR A 530 42.19 -16.17 -27.67
C THR A 530 41.74 -15.92 -29.09
N LYS A 531 41.33 -17.00 -29.76
CA LYS A 531 40.78 -16.88 -31.10
C LYS A 531 39.57 -15.95 -31.12
N ALA A 532 38.73 -16.01 -30.08
CA ALA A 532 37.55 -15.15 -30.06
C ALA A 532 37.94 -13.68 -29.94
N ASN A 533 39.00 -13.39 -29.17
CA ASN A 533 39.47 -12.01 -29.06
C ASN A 533 39.85 -11.44 -30.41
N THR A 534 40.72 -12.15 -31.16
CA THR A 534 41.15 -11.62 -32.46
C THR A 534 39.97 -11.50 -33.42
N GLN A 535 39.08 -12.50 -33.41
CA GLN A 535 37.87 -12.46 -34.23
C GLN A 535 37.10 -11.17 -33.99
N GLN A 536 36.94 -10.78 -32.72
CA GLN A 536 36.20 -9.57 -32.43
C GLN A 536 37.03 -8.33 -32.78
N ARG A 537 38.33 -8.40 -32.59
CA ARG A 537 39.19 -7.28 -32.95
C ARG A 537 39.22 -7.08 -34.45
N ARG A 538 39.10 -8.17 -35.20
CA ARG A 538 38.99 -8.06 -36.65
C ARG A 538 37.73 -7.28 -37.05
N GLY A 539 36.61 -7.58 -36.38
CA GLY A 539 35.32 -6.96 -36.64
C GLY A 539 35.26 -5.47 -36.34
N ARG A 540 36.15 -4.99 -35.47
CA ARG A 540 36.25 -3.57 -35.15
C ARG A 540 36.70 -2.70 -36.32
N ALA A 541 37.24 -3.30 -37.40
CA ALA A 541 37.65 -2.53 -38.58
C ALA A 541 36.57 -2.41 -39.65
N GLY A 542 35.48 -3.17 -39.57
CA GLY A 542 34.52 -3.29 -40.68
C GLY A 542 33.23 -2.51 -40.56
N ARG A 543 33.34 -1.40 -39.84
CA ARG A 543 32.25 -0.67 -39.22
C ARG A 543 31.68 0.44 -40.11
N VAL A 544 32.53 1.15 -40.86
CA VAL A 544 32.08 2.07 -41.90
C VAL A 544 32.41 1.61 -43.31
N ARG A 545 33.31 0.62 -43.48
CA ARG A 545 33.95 0.49 -44.78
C ARG A 545 34.99 -0.63 -44.70
N PRO A 546 35.30 -1.34 -45.79
CA PRO A 546 36.18 -2.53 -45.71
C PRO A 546 37.55 -2.25 -45.09
N GLY A 547 37.91 -3.04 -44.08
CA GLY A 547 39.13 -2.83 -43.33
C GLY A 547 40.21 -3.88 -43.50
N ILE A 548 41.31 -3.66 -42.77
CA ILE A 548 42.47 -4.54 -42.73
C ILE A 548 42.85 -4.76 -41.28
N CYS A 549 43.07 -6.02 -40.91
CA CYS A 549 43.51 -6.37 -39.55
C CYS A 549 44.91 -6.97 -39.64
N TYR A 550 45.89 -6.25 -39.12
CA TYR A 550 47.27 -6.70 -39.04
C TYR A 550 47.52 -7.39 -37.70
N ASN A 551 47.70 -8.71 -37.73
CA ASN A 551 48.06 -9.47 -36.53
C ASN A 551 49.57 -9.61 -36.42
N LEU A 552 50.12 -9.18 -35.30
CA LEU A 552 51.56 -9.16 -35.05
C LEU A 552 52.04 -10.51 -34.52
N PHE A 553 51.37 -11.58 -34.96
CA PHE A 553 51.83 -12.93 -34.68
C PHE A 553 51.48 -13.82 -35.87
N SER A 554 52.25 -14.89 -36.03
CA SER A 554 52.12 -15.83 -37.13
C SER A 554 50.87 -16.70 -36.98
N ARG A 555 50.43 -17.35 -38.08
CA ARG A 555 49.29 -18.26 -37.91
C ARG A 555 49.67 -19.54 -37.20
N ALA A 556 50.96 -19.84 -37.07
CA ALA A 556 51.33 -20.92 -36.17
C ALA A 556 51.01 -20.56 -34.72
N ARG A 557 51.25 -19.30 -34.30
CA ARG A 557 50.85 -18.92 -32.94
C ARG A 557 49.34 -18.96 -32.78
N GLU A 558 48.59 -18.53 -33.82
CA GLU A 558 47.14 -18.61 -33.77
C GLU A 558 46.66 -20.02 -33.50
N ASP A 559 47.32 -21.03 -34.06
CA ASP A 559 46.76 -22.36 -33.83
C ASP A 559 47.08 -22.89 -32.44
N ARG A 560 47.99 -22.25 -31.72
CA ARG A 560 48.23 -22.54 -30.32
C ARG A 560 47.40 -21.68 -29.36
N MET A 561 46.55 -20.79 -29.88
CA MET A 561 45.67 -19.99 -29.04
C MET A 561 44.42 -20.79 -28.65
N ASP A 562 43.95 -20.52 -27.44
CA ASP A 562 42.71 -21.10 -26.93
C ASP A 562 41.51 -20.55 -27.71
N ASP A 563 40.41 -21.30 -27.68
CA ASP A 563 39.21 -20.82 -28.37
C ASP A 563 38.70 -19.55 -27.72
N ILE A 564 38.44 -19.61 -26.41
CA ILE A 564 37.85 -18.49 -25.67
C ILE A 564 38.63 -18.32 -24.37
N PRO A 565 38.54 -17.15 -23.74
CA PRO A 565 39.21 -16.97 -22.44
C PRO A 565 38.62 -17.89 -21.39
N THR A 566 39.41 -18.17 -20.37
CA THR A 566 38.96 -19.08 -19.31
C THR A 566 37.76 -18.41 -18.66
N PRO A 567 36.60 -19.07 -18.59
CA PRO A 567 35.39 -18.40 -18.11
C PRO A 567 35.59 -17.90 -16.69
N GLU A 568 35.13 -16.68 -16.45
CA GLU A 568 35.55 -15.98 -15.24
C GLU A 568 35.06 -16.68 -13.97
N ILE A 569 34.04 -17.54 -14.02
CA ILE A 569 33.65 -18.20 -12.78
C ILE A 569 34.67 -19.22 -12.30
N LEU A 570 35.61 -19.61 -13.14
CA LEU A 570 36.71 -20.43 -12.64
C LEU A 570 37.87 -19.58 -12.17
N ARG A 571 37.82 -18.26 -12.40
CA ARG A 571 38.82 -17.30 -11.96
C ARG A 571 38.41 -16.49 -10.72
N SER A 572 37.28 -16.82 -10.07
CA SER A 572 36.61 -15.88 -9.17
C SER A 572 36.49 -16.38 -7.74
N LYS A 573 36.58 -15.43 -6.78
CA LYS A 573 36.17 -15.71 -5.42
C LYS A 573 34.67 -16.01 -5.40
N LEU A 574 34.28 -17.04 -4.65
CA LEU A 574 32.90 -17.49 -4.65
C LEU A 574 32.09 -17.14 -3.39
N GLU A 575 32.68 -16.47 -2.40
CA GLU A 575 31.97 -16.19 -1.15
C GLU A 575 30.65 -15.46 -1.40
N SER A 576 30.67 -14.39 -2.20
CA SER A 576 29.44 -13.65 -2.48
C SER A 576 28.38 -14.55 -3.13
N ILE A 577 28.76 -15.34 -4.14
CA ILE A 577 27.80 -16.16 -4.85
C ILE A 577 27.15 -17.18 -3.92
N ILE A 578 27.96 -17.85 -3.10
CA ILE A 578 27.45 -18.88 -2.20
C ILE A 578 26.47 -18.28 -1.21
N LEU A 579 26.77 -17.10 -0.69
CA LEU A 579 25.87 -16.47 0.26
C LEU A 579 24.56 -16.10 -0.44
N SER A 580 24.65 -15.47 -1.62
CA SER A 580 23.45 -15.18 -2.40
C SER A 580 22.62 -16.42 -2.68
N LEU A 581 23.26 -17.57 -2.94
CA LEU A 581 22.47 -18.75 -3.22
C LEU A 581 21.67 -19.21 -2.01
N LYS A 582 22.09 -18.86 -0.79
CA LYS A 582 21.30 -19.25 0.37
C LYS A 582 19.96 -18.53 0.40
N LEU A 583 19.89 -17.27 -0.09
CA LEU A 583 18.60 -16.58 -0.12
C LEU A 583 17.67 -17.17 -1.17
N LEU A 584 18.20 -17.80 -2.22
CA LEU A 584 17.35 -18.50 -3.17
C LEU A 584 17.02 -19.90 -2.71
N HIS A 585 17.34 -20.22 -1.46
CA HIS A 585 17.05 -21.52 -0.89
C HIS A 585 17.79 -22.61 -1.66
N ILE A 586 18.97 -22.25 -2.16
CA ILE A 586 19.92 -23.21 -2.72
C ILE A 586 21.02 -23.34 -1.68
N ASP A 587 20.92 -24.41 -0.89
CA ASP A 587 21.78 -24.51 0.28
C ASP A 587 23.00 -25.37 0.05
N ASP A 588 23.05 -26.13 -1.03
CA ASP A 588 24.27 -26.88 -1.29
C ASP A 588 24.99 -26.23 -2.45
N PRO A 589 26.02 -25.43 -2.18
CA PRO A 589 26.77 -24.83 -3.29
C PRO A 589 27.52 -25.89 -4.08
N TYR A 590 27.98 -26.95 -3.41
CA TYR A 590 28.62 -28.06 -4.10
C TYR A 590 27.75 -28.60 -5.20
N ARG A 591 26.54 -29.02 -4.82
CA ARG A 591 25.63 -29.62 -5.77
C ARG A 591 25.27 -28.62 -6.87
N PHE A 592 25.00 -27.36 -6.51
CA PHE A 592 24.51 -26.43 -7.53
C PHE A 592 25.62 -25.99 -8.48
N LEU A 593 26.77 -25.57 -7.95
CA LEU A 593 27.79 -25.03 -8.84
C LEU A 593 28.33 -26.10 -9.78
N GLN A 594 28.29 -27.37 -9.36
CA GLN A 594 28.65 -28.47 -10.25
C GLN A 594 27.73 -28.51 -11.48
N THR A 595 26.55 -27.90 -11.41
CA THR A 595 25.62 -27.93 -12.53
C THR A 595 25.96 -26.90 -13.59
N LEU A 596 26.88 -25.99 -13.31
CA LEU A 596 27.18 -24.96 -14.29
C LEU A 596 27.85 -25.58 -15.50
N ILE A 597 27.75 -24.86 -16.63
CA ILE A 597 28.37 -25.33 -17.88
C ILE A 597 29.84 -25.64 -17.64
N ASN A 598 30.47 -24.85 -16.77
CA ASN A 598 31.83 -25.07 -16.33
C ASN A 598 31.80 -25.06 -14.81
N ALA A 599 32.00 -26.22 -14.22
CA ALA A 599 32.00 -26.34 -12.76
C ALA A 599 33.24 -25.72 -12.16
N PRO A 600 33.10 -24.85 -11.16
CA PRO A 600 34.29 -24.35 -10.45
C PRO A 600 34.94 -25.45 -9.61
N ASN A 601 36.22 -25.26 -9.34
CA ASN A 601 36.97 -26.18 -8.51
C ASN A 601 36.30 -26.25 -7.15
N PRO A 602 35.89 -27.45 -6.71
CA PRO A 602 35.33 -27.56 -5.33
C PRO A 602 36.27 -27.09 -4.24
N GLU A 603 37.58 -27.07 -4.48
CA GLU A 603 38.47 -26.45 -3.49
C GLU A 603 38.13 -24.97 -3.33
N ALA A 604 37.77 -24.30 -4.42
CA ALA A 604 37.36 -22.89 -4.30
C ALA A 604 36.02 -22.75 -3.60
N ILE A 605 35.15 -23.75 -3.73
CA ILE A 605 33.84 -23.70 -3.08
C ILE A 605 33.97 -23.77 -1.55
N LYS A 606 34.82 -24.67 -0.97
CA LYS A 606 34.95 -24.59 0.49
C LYS A 606 35.86 -23.47 0.91
N MET A 607 36.70 -22.98 0.02
CA MET A 607 37.48 -21.82 0.41
C MET A 607 36.54 -20.63 0.57
N GLY A 608 35.47 -20.61 -0.21
CA GLY A 608 34.47 -19.57 -0.08
C GLY A 608 33.61 -19.83 1.13
N VAL A 609 33.21 -21.09 1.32
CA VAL A 609 32.46 -21.45 2.52
C VAL A 609 33.25 -21.13 3.77
N GLU A 610 34.56 -21.37 3.75
CA GLU A 610 35.34 -21.21 4.97
C GLU A 610 35.48 -19.75 5.33
N LEU A 611 35.62 -18.89 4.30
CA LEU A 611 35.64 -17.45 4.55
C LEU A 611 34.32 -17.01 5.17
N LEU A 612 33.21 -17.49 4.62
CA LEU A 612 31.90 -17.09 5.15
C LEU A 612 31.71 -17.57 6.58
N LYS A 613 32.29 -18.71 6.93
CA LYS A 613 32.18 -19.16 8.31
C LYS A 613 33.00 -18.25 9.22
N ARG A 614 34.18 -17.84 8.75
CA ARG A 614 35.06 -17.06 9.60
C ARG A 614 34.44 -15.72 9.95
N ILE A 615 33.92 -14.99 8.96
CA ILE A 615 33.20 -13.74 9.20
C ILE A 615 31.82 -13.97 9.77
N GLU A 616 31.41 -15.24 9.90
CA GLU A 616 30.22 -15.66 10.64
C GLU A 616 28.92 -15.31 9.91
N ALA A 617 28.95 -15.34 8.58
CA ALA A 617 27.73 -15.32 7.78
C ALA A 617 27.08 -16.69 7.71
N LEU A 618 27.86 -17.75 7.89
CA LEU A 618 27.39 -19.10 8.10
C LEU A 618 27.92 -19.62 9.42
N ASP A 619 27.13 -20.47 10.08
CA ASP A 619 27.58 -21.14 11.30
C ASP A 619 28.47 -22.34 10.95
N GLN A 620 28.90 -23.11 11.96
CA GLN A 620 29.84 -24.20 11.70
C GLN A 620 29.17 -25.32 10.90
N THR A 621 27.87 -25.52 11.04
CA THR A 621 27.18 -26.55 10.26
C THR A 621 26.96 -26.10 8.82
N GLY A 622 27.22 -24.84 8.49
CA GLY A 622 27.05 -24.34 7.14
C GLY A 622 25.79 -23.57 6.85
N THR A 623 24.96 -23.30 7.85
CA THR A 623 23.67 -22.69 7.63
C THR A 623 23.77 -21.18 7.79
N LEU A 624 22.93 -20.47 7.06
CA LEU A 624 22.90 -19.02 7.09
C LEU A 624 22.61 -18.51 8.51
N THR A 625 23.44 -17.54 8.97
CA THR A 625 23.19 -16.83 10.23
C THR A 625 22.35 -15.59 9.95
N PRO A 626 21.73 -15.02 10.98
CA PRO A 626 21.06 -13.71 10.79
C PRO A 626 21.95 -12.66 10.14
N LEU A 627 23.23 -12.55 10.53
CA LEU A 627 24.09 -11.59 9.86
C LEU A 627 24.32 -11.97 8.39
N GLY A 628 24.44 -13.27 8.11
CA GLY A 628 24.59 -13.71 6.74
C GLY A 628 23.40 -13.36 5.87
N MET A 629 22.20 -13.29 6.47
CA MET A 629 21.06 -12.87 5.68
C MET A 629 21.15 -11.38 5.36
N HIS A 630 21.62 -10.56 6.31
CA HIS A 630 21.84 -9.14 6.00
C HIS A 630 22.89 -8.97 4.93
N LEU A 631 24.02 -9.70 5.03
CA LEU A 631 25.09 -9.55 4.04
C LEU A 631 24.67 -9.99 2.64
N ALA A 632 23.81 -11.01 2.55
CA ALA A 632 23.38 -11.44 1.23
C ALA A 632 22.48 -10.40 0.58
N LYS A 633 21.73 -9.64 1.38
CA LYS A 633 20.82 -8.61 0.88
C LYS A 633 21.52 -7.29 0.63
N LEU A 634 22.82 -7.20 0.88
CA LEU A 634 23.53 -5.98 0.52
C LEU A 634 24.30 -6.19 -0.78
N PRO A 635 24.21 -5.25 -1.72
CA PRO A 635 24.80 -5.38 -3.05
C PRO A 635 26.30 -5.14 -3.08
N ILE A 636 27.03 -5.86 -2.23
CA ILE A 636 28.47 -5.68 -2.12
C ILE A 636 29.01 -6.96 -1.51
N ASP A 637 30.30 -7.18 -1.66
CA ASP A 637 30.92 -8.40 -1.15
C ASP A 637 30.74 -8.49 0.37
N PRO A 638 30.61 -9.71 0.91
CA PRO A 638 30.20 -9.85 2.32
C PRO A 638 31.16 -9.18 3.29
N GLN A 639 32.46 -9.15 2.98
CA GLN A 639 33.40 -8.52 3.88
C GLN A 639 33.12 -7.03 4.02
N MET A 640 32.92 -6.36 2.90
CA MET A 640 32.66 -4.93 2.99
C MET A 640 31.24 -4.62 3.47
N GLY A 641 30.28 -5.51 3.21
CA GLY A 641 28.98 -5.38 3.85
C GLY A 641 29.10 -5.43 5.35
N LYS A 642 29.91 -6.35 5.87
CA LYS A 642 30.14 -6.38 7.31
C LYS A 642 30.75 -5.06 7.77
N MET A 643 31.70 -4.55 6.99
CA MET A 643 32.30 -3.28 7.35
C MET A 643 31.24 -2.18 7.37
N ILE A 644 30.31 -2.23 6.43
CA ILE A 644 29.29 -1.21 6.33
C ILE A 644 28.33 -1.25 7.52
N LEU A 645 27.92 -2.45 7.95
CA LEU A 645 27.02 -2.55 9.10
C LEU A 645 27.72 -2.09 10.37
N MET A 646 28.98 -2.51 10.58
CA MET A 646 29.73 -2.01 11.73
C MET A 646 29.71 -0.49 11.76
N SER A 647 29.83 0.14 10.58
CA SER A 647 29.89 1.60 10.55
C SER A 647 28.58 2.22 11.05
N ALA A 648 27.44 1.56 10.85
CA ALA A 648 26.20 1.99 11.50
C ALA A 648 26.31 1.82 13.00
N LEU A 649 26.66 0.63 13.47
CA LEU A 649 26.75 0.39 14.90
C LEU A 649 27.72 1.37 15.57
N PHE A 650 28.82 1.69 14.90
CA PHE A 650 29.87 2.51 15.48
C PHE A 650 29.83 3.97 15.02
N CYS A 651 28.75 4.40 14.37
CA CYS A 651 28.51 5.81 14.05
C CYS A 651 29.65 6.46 13.26
N CYS A 652 30.19 5.75 12.28
CA CYS A 652 31.00 6.46 11.30
C CYS A 652 30.61 5.98 9.91
N LEU A 653 29.49 6.49 9.43
CA LEU A 653 28.91 5.86 8.26
C LEU A 653 29.50 6.41 6.98
N ASP A 654 29.70 7.71 6.92
CA ASP A 654 30.17 8.36 5.70
C ASP A 654 31.55 7.86 5.28
N PRO A 655 32.58 7.87 6.13
CA PRO A 655 33.90 7.42 5.67
C PRO A 655 33.92 5.96 5.28
N ILE A 656 33.23 5.10 6.05
CA ILE A 656 33.34 3.68 5.81
C ILE A 656 32.59 3.31 4.53
N THR A 657 31.42 3.92 4.31
CA THR A 657 30.78 3.71 3.02
C THR A 657 31.61 4.28 1.89
N SER A 658 32.36 5.36 2.14
CA SER A 658 33.32 5.81 1.13
C SER A 658 34.35 4.73 0.83
N ALA A 659 34.90 4.11 1.88
CA ALA A 659 35.88 3.05 1.66
C ALA A 659 35.25 1.88 0.90
N ALA A 660 34.05 1.45 1.31
CA ALA A 660 33.44 0.25 0.72
C ALA A 660 33.13 0.45 -0.76
N ALA A 661 32.56 1.61 -1.12
CA ALA A 661 32.19 1.84 -2.50
C ALA A 661 33.41 1.88 -3.41
N ALA A 662 34.53 2.41 -2.91
CA ALA A 662 35.72 2.51 -3.76
C ALA A 662 36.36 1.15 -3.98
N LEU A 663 36.46 0.32 -2.93
CA LEU A 663 36.95 -1.04 -3.11
C LEU A 663 35.98 -1.87 -3.93
N SER A 664 34.69 -1.52 -3.84
CA SER A 664 33.65 -2.24 -4.53
C SER A 664 33.56 -1.84 -5.99
N PHE A 665 34.00 -0.62 -6.35
CA PHE A 665 33.98 -0.19 -7.74
C PHE A 665 35.35 0.11 -8.22
N LYS A 666 35.82 1.35 -8.17
CA LYS A 666 37.17 1.69 -8.58
C LYS A 666 37.51 3.04 -7.98
N SER A 667 38.80 3.36 -7.97
CA SER A 667 39.26 4.66 -7.50
C SER A 667 38.91 5.75 -8.50
N PRO A 668 38.59 6.96 -8.01
CA PRO A 668 38.26 8.08 -8.91
C PRO A 668 39.45 8.65 -9.67
N PHE A 669 40.68 8.28 -9.33
CA PHE A 669 41.86 8.89 -9.94
C PHE A 669 42.21 8.30 -11.31
N TYR A 670 42.52 9.16 -12.27
CA TYR A 670 43.16 8.72 -13.49
C TYR A 670 44.65 8.45 -13.29
N SER A 671 45.25 7.91 -14.35
CA SER A 671 46.70 7.82 -14.50
C SER A 671 47.04 8.34 -15.88
N PRO A 672 47.06 9.66 -16.04
CA PRO A 672 47.33 10.23 -17.37
C PRO A 672 48.79 10.10 -17.73
N LEU A 673 49.04 9.94 -19.04
CA LEU A 673 50.40 9.72 -19.51
C LEU A 673 51.35 10.82 -19.05
N GLY A 674 52.48 10.41 -18.48
CA GLY A 674 53.54 11.30 -18.03
C GLY A 674 53.33 11.95 -16.68
N LYS A 675 52.15 11.82 -16.08
CA LYS A 675 51.82 12.57 -14.87
C LYS A 675 51.96 11.78 -13.57
N GLU A 676 52.55 10.59 -13.59
CA GLU A 676 52.53 9.71 -12.41
C GLU A 676 53.15 10.36 -11.18
N SER A 677 54.36 10.91 -11.32
CA SER A 677 55.00 11.50 -10.15
C SER A 677 54.09 12.53 -9.52
N ARG A 678 53.27 13.18 -10.35
CA ARG A 678 52.32 14.20 -9.94
C ARG A 678 51.02 13.60 -9.44
N VAL A 679 50.57 12.48 -10.01
CA VAL A 679 49.39 11.83 -9.45
C VAL A 679 49.76 11.14 -8.14
N ASP A 680 50.97 10.60 -8.04
CA ASP A 680 51.48 10.09 -6.76
C ASP A 680 51.38 11.16 -5.68
N GLU A 681 51.65 12.42 -6.03
CA GLU A 681 51.75 13.47 -5.02
C GLU A 681 50.38 14.02 -4.62
N ILE A 682 49.41 14.01 -5.56
CA ILE A 682 48.04 14.35 -5.20
C ILE A 682 47.47 13.35 -4.19
N LYS A 683 47.69 12.05 -4.40
CA LYS A 683 47.15 11.08 -3.46
C LYS A 683 47.78 11.25 -2.07
N ARG A 684 49.09 11.50 -2.00
CA ARG A 684 49.69 11.67 -0.69
C ARG A 684 49.14 12.90 0.02
N ARG A 685 48.78 13.93 -0.73
CA ARG A 685 48.15 15.08 -0.10
C ARG A 685 46.69 14.77 0.28
N MET A 686 45.95 14.05 -0.58
CA MET A 686 44.60 13.63 -0.21
C MET A 686 44.61 12.60 0.93
N ALA A 687 45.69 11.82 1.05
CA ALA A 687 45.75 10.88 2.14
C ALA A 687 45.90 11.59 3.49
N ARG A 688 46.22 12.87 3.49
CA ARG A 688 46.29 13.67 4.71
C ARG A 688 47.13 12.98 5.77
N ASN A 689 48.16 12.28 5.31
CA ASN A 689 49.13 11.58 6.17
C ASN A 689 48.45 10.53 7.06
N MET A 690 47.32 9.96 6.63
CA MET A 690 46.61 8.98 7.44
C MET A 690 46.96 7.53 7.11
N ARG A 691 47.89 7.29 6.17
CA ARG A 691 48.41 5.96 5.85
C ARG A 691 47.31 4.97 5.50
N SER A 692 46.29 5.44 4.80
CA SER A 692 45.20 4.57 4.41
C SER A 692 44.80 4.93 2.99
N ASP A 693 44.79 3.94 2.10
CA ASP A 693 44.20 4.19 0.79
C ASP A 693 42.70 4.44 0.89
N HIS A 694 42.05 3.81 1.86
CA HIS A 694 40.61 3.94 1.99
C HIS A 694 40.18 5.28 2.55
N LEU A 695 40.92 5.82 3.54
CA LEU A 695 40.53 7.17 3.96
C LEU A 695 41.00 8.23 2.99
N MET A 696 42.00 7.93 2.15
CA MET A 696 42.36 8.80 1.04
C MET A 696 41.17 9.02 0.10
N VAL A 697 40.45 7.96 -0.25
CA VAL A 697 39.28 8.15 -1.11
C VAL A 697 38.22 8.99 -0.39
N HIS A 698 37.96 8.72 0.90
CA HIS A 698 36.94 9.51 1.58
C HIS A 698 37.34 10.97 1.66
N ASN A 699 38.60 11.24 1.95
CA ASN A 699 39.05 12.63 1.87
C ASN A 699 38.82 13.21 0.48
N THR A 700 39.08 12.40 -0.56
CA THR A 700 38.82 12.86 -1.92
C THR A 700 37.35 13.23 -2.10
N ILE A 701 36.44 12.45 -1.52
CA ILE A 701 35.01 12.72 -1.70
C ILE A 701 34.56 13.92 -0.87
N ILE A 702 35.16 14.12 0.31
CA ILE A 702 34.87 15.32 1.10
C ILE A 702 35.24 16.55 0.30
N ALA A 703 36.43 16.53 -0.32
CA ALA A 703 36.91 17.65 -1.13
C ALA A 703 36.10 17.82 -2.41
N TYR A 704 35.57 16.72 -2.97
CA TYR A 704 34.76 16.86 -4.17
C TYR A 704 33.43 17.53 -3.85
N ARG A 705 32.83 17.18 -2.70
CA ARG A 705 31.58 17.85 -2.33
C ARG A 705 31.82 19.32 -2.05
N ASP A 706 32.95 19.64 -1.46
CA ASP A 706 33.26 21.03 -1.21
C ASP A 706 33.42 21.80 -2.51
N SER A 707 33.96 21.16 -3.55
CA SER A 707 34.13 21.87 -4.81
C SER A 707 32.80 22.07 -5.53
N ARG A 708 31.83 21.18 -5.33
CA ARG A 708 30.53 21.44 -5.92
C ARG A 708 29.81 22.53 -5.15
N TYR A 709 29.95 22.49 -3.84
CA TYR A 709 29.38 23.51 -2.99
C TYR A 709 30.04 24.86 -3.24
N SER A 710 31.26 24.88 -3.80
CA SER A 710 31.96 26.07 -4.23
C SER A 710 31.84 26.40 -5.71
N HIS A 711 31.06 25.62 -6.49
CA HIS A 711 31.03 25.81 -7.94
C HIS A 711 32.43 25.79 -8.56
N ALA A 712 33.34 25.00 -7.96
CA ALA A 712 34.71 24.80 -8.43
C ALA A 712 34.95 23.37 -9.01
N GLU A 713 33.88 22.62 -9.30
CA GLU A 713 34.01 21.19 -9.55
C GLU A 713 34.98 20.88 -10.67
N ARG A 714 34.84 21.56 -11.81
CA ARG A 714 35.67 21.24 -12.98
C ARG A 714 37.16 21.42 -12.69
N ASP A 715 37.54 22.57 -12.11
CA ASP A 715 38.96 22.78 -11.82
C ASP A 715 39.47 21.85 -10.73
N PHE A 716 38.65 21.56 -9.72
CA PHE A 716 39.04 20.59 -8.71
C PHE A 716 39.40 19.24 -9.35
N CYS A 717 38.54 18.73 -10.24
CA CYS A 717 38.83 17.46 -10.89
C CYS A 717 40.06 17.57 -11.77
N TYR A 718 40.19 18.68 -12.48
CA TYR A 718 41.36 18.93 -13.31
C TYR A 718 42.64 18.91 -12.47
N LYS A 719 42.72 19.78 -11.46
CA LYS A 719 43.96 19.93 -10.69
C LYS A 719 44.40 18.64 -10.03
N ASN A 720 43.47 17.76 -9.69
CA ASN A 720 43.77 16.53 -8.96
C ASN A 720 43.58 15.26 -9.76
N PHE A 721 43.43 15.35 -11.08
CA PHE A 721 43.30 14.20 -12.00
C PHE A 721 42.25 13.22 -11.50
N LEU A 722 41.05 13.73 -11.30
CA LEU A 722 39.92 12.97 -10.78
C LEU A 722 38.81 12.89 -11.81
N SER A 723 38.13 11.75 -11.84
CA SER A 723 36.93 11.61 -12.65
C SER A 723 35.71 12.05 -11.84
N SER A 724 35.11 13.17 -12.26
CA SER A 724 33.84 13.59 -11.65
C SER A 724 32.75 12.53 -11.89
N MET A 725 32.84 11.76 -12.96
CA MET A 725 31.81 10.75 -13.17
C MET A 725 32.04 9.54 -12.28
N THR A 726 33.30 9.22 -11.95
CA THR A 726 33.52 8.18 -10.95
C THR A 726 33.08 8.68 -9.57
N LEU A 727 33.40 9.92 -9.22
CA LEU A 727 33.00 10.41 -7.89
C LEU A 727 31.48 10.43 -7.73
N GLN A 728 30.76 10.79 -8.80
CA GLN A 728 29.30 10.84 -8.70
C GLN A 728 28.71 9.47 -8.46
N GLN A 729 29.30 8.44 -9.07
CA GLN A 729 28.76 7.11 -8.91
C GLN A 729 29.12 6.51 -7.54
N LEU A 730 30.29 6.85 -7.04
CA LEU A 730 30.63 6.52 -5.65
C LEU A 730 29.64 7.15 -4.66
N GLU A 731 29.20 8.37 -4.95
CA GLU A 731 28.29 9.00 -4.02
C GLU A 731 26.91 8.38 -4.07
N ARG A 732 26.51 7.82 -5.21
CA ARG A 732 25.21 7.17 -5.21
C ARG A 732 25.28 5.78 -4.62
N MET A 733 26.40 5.07 -4.79
CA MET A 733 26.54 3.84 -4.02
C MET A 733 26.49 4.13 -2.52
N LYS A 734 27.18 5.19 -2.07
CA LYS A 734 27.09 5.57 -0.66
C LYS A 734 25.64 5.85 -0.24
N ASN A 735 24.89 6.63 -1.05
CA ASN A 735 23.47 6.82 -0.75
C ASN A 735 22.70 5.51 -0.80
N GLN A 736 23.06 4.58 -1.67
CA GLN A 736 22.31 3.35 -1.69
C GLN A 736 22.60 2.48 -0.45
N PHE A 737 23.87 2.39 -0.06
CA PHE A 737 24.18 1.67 1.18
C PHE A 737 23.45 2.29 2.36
N SER A 738 23.35 3.60 2.36
CA SER A 738 22.69 4.30 3.43
C SER A 738 21.18 4.03 3.40
N GLU A 739 20.59 3.94 2.20
CA GLU A 739 19.15 3.68 2.13
C GLU A 739 18.83 2.24 2.53
N LEU A 740 19.64 1.28 2.07
CA LEU A 740 19.44 -0.11 2.47
C LEU A 740 19.56 -0.28 3.99
N LEU A 741 20.66 0.21 4.57
CA LEU A 741 20.86 0.10 6.01
C LEU A 741 19.73 0.75 6.78
N TYR A 742 19.13 1.81 6.23
CA TYR A 742 18.00 2.44 6.90
C TYR A 742 16.77 1.55 6.87
N ASN A 743 16.45 0.98 5.70
CA ASN A 743 15.28 0.13 5.58
C ASN A 743 15.43 -1.15 6.37
N TYR A 744 16.66 -1.60 6.57
CA TYR A 744 16.92 -2.78 7.37
C TYR A 744 16.91 -2.47 8.86
N LYS A 745 16.57 -1.23 9.23
CA LYS A 745 16.42 -0.73 10.60
C LYS A 745 17.74 -0.64 11.36
N PHE A 746 18.87 -0.47 10.65
CA PHE A 746 20.15 -0.21 11.31
C PHE A 746 20.48 1.27 11.46
N LEU A 747 19.81 2.16 10.75
CA LEU A 747 20.10 3.59 10.83
C LEU A 747 18.85 4.38 11.13
N ALA A 748 19.02 5.44 11.92
CA ALA A 748 17.90 6.34 12.17
C ALA A 748 17.57 7.18 10.94
N SER A 749 18.57 7.50 10.11
CA SER A 749 18.38 8.33 8.93
C SER A 749 18.94 7.62 7.70
N SER A 750 18.34 7.90 6.53
CA SER A 750 18.82 7.35 5.25
C SER A 750 19.89 8.20 4.57
N ASN A 751 20.28 9.33 5.16
CA ASN A 751 21.27 10.23 4.61
C ASN A 751 22.62 9.83 5.17
N CYS A 752 23.51 9.34 4.31
CA CYS A 752 24.79 8.86 4.84
C CYS A 752 25.62 10.00 5.41
N LYS A 753 25.22 11.24 5.21
CA LYS A 753 25.89 12.38 5.82
C LYS A 753 25.26 12.79 7.14
N ASP A 754 24.25 12.07 7.60
CA ASP A 754 23.51 12.54 8.78
C ASP A 754 24.40 12.59 10.02
N ALA A 755 24.20 13.64 10.83
CA ALA A 755 25.08 13.88 11.98
C ALA A 755 25.01 12.73 12.99
N ALA A 756 23.82 12.22 13.25
CA ALA A 756 23.70 11.11 14.18
C ALA A 756 24.46 9.88 13.69
N SER A 757 24.41 9.61 12.38
CA SER A 757 25.14 8.45 11.89
C SER A 757 26.65 8.64 11.87
N ASN A 758 27.15 9.88 12.01
CA ASN A 758 28.57 10.19 11.89
C ASN A 758 29.23 10.73 13.15
N LYS A 759 28.65 10.57 14.34
CA LYS A 759 29.24 11.19 15.52
C LYS A 759 30.71 10.79 15.77
N ASN A 760 31.18 9.65 15.27
CA ASN A 760 32.61 9.30 15.35
C ASN A 760 33.37 9.35 14.02
N SER A 761 32.81 9.93 12.97
CA SER A 761 33.46 9.84 11.66
C SER A 761 34.79 10.56 11.57
N GLU A 762 35.15 11.39 12.56
CA GLU A 762 36.45 12.04 12.62
C GLU A 762 37.40 11.41 13.61
N LYS A 763 37.02 10.31 14.25
CA LYS A 763 37.95 9.64 15.16
C LYS A 763 38.71 8.63 14.32
N ILE A 764 39.95 8.99 13.98
CA ILE A 764 40.73 8.16 13.05
C ILE A 764 41.00 6.78 13.60
N PRO A 765 41.38 6.59 14.86
CA PRO A 765 41.59 5.22 15.34
C PRO A 765 40.35 4.37 15.25
N LEU A 766 39.18 4.97 15.48
CA LEU A 766 37.94 4.20 15.32
C LEU A 766 37.70 3.83 13.85
N LEU A 767 38.06 4.72 12.91
CA LEU A 767 37.88 4.37 11.51
C LEU A 767 38.86 3.30 11.06
N ARG A 768 40.07 3.27 11.61
CA ARG A 768 40.94 2.13 11.32
C ARG A 768 40.34 0.83 11.83
N ALA A 769 39.67 0.89 12.98
CA ALA A 769 39.07 -0.32 13.56
C ALA A 769 37.99 -0.88 12.65
N ILE A 770 37.11 -0.01 12.12
CA ILE A 770 36.01 -0.53 11.31
C ILE A 770 36.52 -1.05 9.97
N ILE A 771 37.51 -0.37 9.38
CA ILE A 771 38.12 -0.84 8.15
C ILE A 771 38.81 -2.18 8.36
N GLY A 772 39.52 -2.34 9.48
CA GLY A 772 40.15 -3.61 9.78
C GLY A 772 39.14 -4.73 10.00
N ALA A 773 38.00 -4.40 10.61
CA ALA A 773 36.99 -5.42 10.84
C ALA A 773 36.47 -5.98 9.53
N GLY A 774 36.44 -5.18 8.48
CA GLY A 774 36.00 -5.68 7.19
C GLY A 774 37.10 -6.35 6.38
N LEU A 775 38.34 -5.87 6.46
CA LEU A 775 39.40 -6.46 5.67
C LEU A 775 40.09 -7.61 6.39
N TYR A 776 39.82 -7.78 7.67
CA TYR A 776 40.26 -8.95 8.40
C TYR A 776 39.72 -10.23 7.71
N PRO A 777 40.55 -11.27 7.59
CA PRO A 777 41.91 -11.35 8.12
C PRO A 777 43.02 -10.98 7.17
N ASN A 778 42.94 -9.97 6.31
CA ASN A 778 44.08 -9.70 5.45
C ASN A 778 44.98 -8.73 6.20
N MET A 779 46.05 -9.27 6.77
CA MET A 779 46.98 -8.50 7.57
C MET A 779 48.39 -8.64 7.01
N ALA A 780 49.19 -7.58 7.24
CA ALA A 780 50.59 -7.61 6.90
C ALA A 780 51.38 -6.90 7.99
N HIS A 781 52.65 -7.27 8.10
CA HIS A 781 53.56 -6.74 9.11
C HIS A 781 54.82 -6.23 8.44
N LEU A 782 55.19 -4.99 8.74
CA LEU A 782 56.41 -4.38 8.23
C LEU A 782 57.52 -4.35 9.29
N ARG A 783 58.75 -4.72 8.90
CA ARG A 783 59.95 -4.55 9.76
C ARG A 783 61.05 -3.78 9.01
N LYS A 784 61.20 -2.45 9.16
CA LYS A 784 62.10 -1.79 8.21
C LYS A 784 62.16 -0.26 8.38
N SER A 785 63.36 0.33 8.12
CA SER A 785 63.70 1.75 8.26
C SER A 785 64.57 2.15 7.09
N ARG A 786 64.35 3.35 6.53
CA ARG A 786 65.28 3.99 5.54
C ARG A 786 64.92 5.49 5.39
N ARG A 793 62.27 8.45 -0.27
CA ARG A 793 61.57 7.18 -0.39
C ARG A 793 62.36 6.06 0.23
N ALA A 794 61.66 5.02 0.66
CA ALA A 794 62.25 3.94 1.43
C ALA A 794 61.85 2.60 0.83
N ILE A 795 62.67 1.58 1.09
CA ILE A 795 62.38 0.22 0.66
C ILE A 795 61.58 -0.43 1.79
N HIS A 796 61.05 -1.65 1.60
CA HIS A 796 60.22 -2.22 2.67
C HIS A 796 60.46 -3.72 2.80
N THR A 797 60.70 -4.18 4.03
CA THR A 797 60.69 -5.61 4.32
C THR A 797 59.39 -5.87 5.06
N MET A 798 58.44 -6.49 4.36
CA MET A 798 57.10 -6.65 4.89
C MET A 798 56.59 -8.01 4.46
N ALA A 799 55.68 -8.58 5.26
CA ALA A 799 55.13 -9.88 4.92
C ALA A 799 53.71 -10.00 5.44
N THR A 800 52.88 -10.65 4.64
CA THR A 800 51.53 -10.99 5.03
C THR A 800 51.55 -12.05 6.12
N ASP A 801 50.41 -12.20 6.80
CA ASP A 801 50.32 -13.08 7.96
C ASP A 801 50.56 -14.54 7.63
N ASP A 802 50.65 -14.91 6.36
CA ASP A 802 51.03 -16.24 5.92
C ASP A 802 52.53 -16.36 5.66
N GLY A 803 53.32 -15.34 6.00
CA GLY A 803 54.76 -15.39 5.85
C GLY A 803 55.31 -14.89 4.52
N ARG A 804 54.49 -14.80 3.48
CA ARG A 804 54.97 -14.33 2.18
C ARG A 804 55.38 -12.86 2.23
N ARG A 805 56.53 -12.56 1.65
CA ARG A 805 56.98 -11.19 1.55
C ARG A 805 56.15 -10.44 0.50
N VAL A 806 55.64 -9.28 0.89
CA VAL A 806 54.80 -8.44 0.04
C VAL A 806 55.39 -7.03 0.03
N ASN A 807 54.93 -6.22 -0.91
CA ASN A 807 55.22 -4.80 -0.87
C ASN A 807 53.97 -4.03 -1.23
N PHE A 808 53.95 -2.76 -0.84
CA PHE A 808 52.84 -1.90 -1.24
C PHE A 808 52.86 -1.71 -2.74
N HIS A 809 51.70 -1.75 -3.36
CA HIS A 809 51.70 -1.45 -4.77
C HIS A 809 52.13 0.00 -4.96
N PRO A 810 52.99 0.29 -5.94
CA PRO A 810 53.48 1.68 -6.11
C PRO A 810 52.37 2.69 -6.33
N SER A 811 51.15 2.24 -6.63
CA SER A 811 50.01 3.16 -6.70
C SER A 811 49.39 3.42 -5.33
N SER A 812 49.73 2.65 -4.31
CA SER A 812 49.21 2.87 -2.96
C SER A 812 49.88 4.09 -2.33
N VAL A 813 49.11 4.84 -1.52
CA VAL A 813 49.70 5.96 -0.79
C VAL A 813 50.81 5.50 0.14
N ASN A 814 50.81 4.23 0.56
CA ASN A 814 51.76 3.76 1.56
C ASN A 814 53.11 3.37 0.96
N SER A 815 53.21 3.25 -0.36
CA SER A 815 54.46 2.79 -0.96
C SER A 815 55.59 3.80 -0.75
N GLY A 816 56.74 3.31 -0.30
CA GLY A 816 57.93 4.12 -0.16
C GLY A 816 57.97 5.02 1.07
N GLU A 817 56.89 5.11 1.85
CA GLU A 817 56.90 5.99 3.01
C GLU A 817 57.65 5.36 4.18
N SER A 818 58.07 6.22 5.11
CA SER A 818 58.77 5.80 6.31
C SER A 818 58.10 6.42 7.53
N GLY A 819 58.35 5.81 8.68
CA GLY A 819 57.85 6.39 9.91
C GLY A 819 56.37 6.19 10.15
N PHE A 820 55.89 4.96 10.01
CA PHE A 820 54.53 4.64 10.40
C PHE A 820 54.37 4.59 11.92
N ASP A 821 53.23 5.11 12.41
CA ASP A 821 52.90 4.98 13.82
C ASP A 821 52.77 3.52 14.20
N SER A 822 52.32 2.70 13.25
CA SER A 822 52.09 1.29 13.48
C SER A 822 52.64 0.49 12.31
N ALA A 823 53.19 -0.67 12.60
CA ALA A 823 53.75 -1.54 11.58
C ALA A 823 52.73 -2.52 11.01
N TYR A 824 51.45 -2.39 11.39
CA TYR A 824 50.43 -3.35 10.98
C TYR A 824 49.47 -2.73 9.99
N PHE A 825 49.10 -3.52 8.98
CA PHE A 825 48.27 -3.06 7.88
C PHE A 825 47.23 -4.10 7.53
N VAL A 826 46.07 -3.63 7.09
CA VAL A 826 45.07 -4.48 6.46
C VAL A 826 44.93 -4.05 5.02
N TYR A 827 44.50 -4.97 4.17
CA TYR A 827 44.44 -4.74 2.73
C TYR A 827 43.24 -5.48 2.17
N PHE A 828 42.72 -4.98 1.05
CA PHE A 828 41.65 -5.69 0.36
C PHE A 828 42.16 -6.73 -0.63
N GLN A 829 43.17 -6.40 -1.43
CA GLN A 829 43.63 -7.31 -2.48
C GLN A 829 45.15 -7.34 -2.62
N ARG A 830 45.71 -8.55 -2.58
CA ARG A 830 47.11 -8.80 -2.89
C ARG A 830 47.18 -9.38 -4.30
N GLN A 831 48.23 -9.00 -5.03
CA GLN A 831 48.35 -9.38 -6.43
C GLN A 831 49.83 -9.48 -6.80
N LYS A 832 50.16 -10.50 -7.59
CA LYS A 832 51.54 -10.72 -8.03
C LYS A 832 51.72 -10.10 -9.41
N SER A 833 52.71 -9.22 -9.56
CA SER A 833 53.21 -8.97 -10.91
C SER A 833 54.74 -9.03 -10.99
N THR A 834 55.40 -7.88 -10.82
CA THR A 834 56.84 -7.86 -10.65
C THR A 834 57.21 -8.40 -9.28
N ASP A 835 56.26 -8.30 -8.36
CA ASP A 835 56.43 -8.61 -6.95
C ASP A 835 55.04 -8.91 -6.44
N LEU A 836 54.96 -9.45 -5.24
CA LEU A 836 53.66 -9.66 -4.63
C LEU A 836 53.25 -8.35 -3.97
N PHE A 837 52.21 -7.70 -4.49
CA PHE A 837 51.86 -6.35 -4.07
C PHE A 837 50.54 -6.30 -3.31
N LEU A 838 50.49 -5.44 -2.30
CA LEU A 838 49.25 -5.05 -1.65
C LEU A 838 48.71 -3.85 -2.40
N LEU A 839 47.53 -3.99 -3.01
CA LEU A 839 47.06 -2.95 -3.90
C LEU A 839 46.43 -1.78 -3.15
N ASP A 840 46.00 -1.99 -1.91
CA ASP A 840 45.36 -0.98 -1.10
C ASP A 840 45.64 -1.37 0.33
N SER A 841 45.80 -0.38 1.22
CA SER A 841 46.06 -0.74 2.60
C SER A 841 45.70 0.37 3.55
N THR A 842 45.38 -0.03 4.78
CA THR A 842 45.25 0.90 5.90
C THR A 842 46.15 0.44 7.03
N MET A 843 46.92 1.38 7.56
CA MET A 843 47.66 1.16 8.80
C MET A 843 46.69 0.97 9.95
N VAL A 844 46.87 -0.11 10.70
CA VAL A 844 45.94 -0.51 11.73
C VAL A 844 46.71 -0.60 13.05
N PHE A 845 45.97 -0.60 14.17
CA PHE A 845 46.68 -0.72 15.44
C PHE A 845 46.34 -2.03 16.09
N PRO A 846 47.30 -2.64 16.80
CA PRO A 846 47.08 -3.99 17.37
C PRO A 846 45.82 -4.15 18.23
N MET A 847 45.52 -3.22 19.14
CA MET A 847 44.30 -3.34 19.94
C MET A 847 43.05 -3.44 19.07
N ALA A 848 43.09 -2.80 17.89
CA ALA A 848 41.93 -2.86 16.99
C ALA A 848 41.76 -4.25 16.38
N LEU A 849 42.84 -4.85 15.89
CA LEU A 849 42.70 -6.21 15.38
C LEU A 849 42.25 -7.14 16.49
N ILE A 850 42.79 -6.94 17.71
CA ILE A 850 42.48 -7.86 18.81
C ILE A 850 41.01 -7.80 19.16
N ILE A 851 40.43 -6.60 19.19
CA ILE A 851 39.03 -6.50 19.54
C ILE A 851 38.15 -7.11 18.47
N PHE A 852 38.39 -6.75 17.20
CA PHE A 852 37.46 -7.19 16.16
C PHE A 852 37.88 -8.48 15.46
N GLY A 853 39.08 -8.99 15.70
CA GLY A 853 39.55 -10.21 15.05
C GLY A 853 39.09 -11.48 15.75
N ASP A 854 39.82 -12.55 15.49
CA ASP A 854 39.56 -13.85 16.10
C ASP A 854 40.91 -14.47 16.42
N GLY A 855 40.89 -15.69 16.93
CA GLY A 855 42.15 -16.30 17.33
C GLY A 855 42.81 -15.53 18.44
N VAL A 856 42.03 -15.08 19.43
CA VAL A 856 42.51 -14.22 20.51
C VAL A 856 42.60 -15.04 21.79
N GLU A 857 43.80 -15.10 22.37
CA GLU A 857 44.08 -15.84 23.59
C GLU A 857 45.07 -15.04 24.44
N ALA A 858 44.96 -15.21 25.75
CA ALA A 858 45.95 -14.67 26.67
C ALA A 858 46.83 -15.81 27.14
N GLY A 859 48.11 -15.51 27.37
CA GLY A 859 49.02 -16.52 27.83
C GLY A 859 50.36 -15.92 28.20
N VAL A 860 51.35 -16.80 28.36
CA VAL A 860 52.74 -16.44 28.67
C VAL A 860 53.70 -17.33 27.87
N THR A 861 54.68 -16.71 27.22
CA THR A 861 55.60 -17.37 26.32
C THR A 861 57.04 -17.27 26.80
N GLN A 862 57.51 -16.09 27.21
CA GLN A 862 58.77 -16.21 27.95
C GLN A 862 58.46 -16.27 29.44
N ASN A 863 58.62 -15.16 30.16
CA ASN A 863 57.94 -14.98 31.44
C ASN A 863 57.00 -13.79 31.44
N THR A 864 56.76 -13.22 30.25
CA THR A 864 56.00 -12.09 29.76
C THR A 864 54.58 -12.49 29.43
N PRO A 865 53.57 -11.90 30.04
CA PRO A 865 52.19 -12.14 29.57
C PRO A 865 51.98 -11.49 28.21
N TYR A 866 51.19 -12.17 27.36
CA TYR A 866 50.92 -11.72 26.00
C TYR A 866 49.43 -11.78 25.74
N LEU A 867 49.07 -11.13 24.64
CA LEU A 867 47.76 -11.23 24.01
C LEU A 867 47.98 -11.37 22.50
N CYS A 868 47.29 -12.31 21.86
CA CYS A 868 47.53 -12.53 20.44
C CYS A 868 46.25 -12.39 19.63
N VAL A 869 46.44 -12.21 18.32
CA VAL A 869 45.35 -12.19 17.35
C VAL A 869 45.70 -13.16 16.24
N ALA A 870 44.69 -13.95 15.83
CA ALA A 870 44.78 -14.95 14.76
C ALA A 870 45.83 -16.01 15.05
N LYS A 871 46.19 -16.16 16.32
CA LYS A 871 47.28 -17.05 16.73
C LYS A 871 48.55 -16.83 15.89
N THR A 872 48.80 -15.56 15.54
CA THR A 872 49.87 -15.19 14.61
C THR A 872 50.73 -14.06 15.17
N TYR A 873 50.10 -12.96 15.54
CA TYR A 873 50.77 -11.80 16.08
C TYR A 873 50.57 -11.76 17.59
N TYR A 874 51.68 -11.76 18.33
CA TYR A 874 51.65 -11.80 19.78
C TYR A 874 52.16 -10.48 20.35
N PHE A 875 51.38 -9.90 21.25
CA PHE A 875 51.69 -8.59 21.81
C PHE A 875 51.86 -8.71 23.31
N LYS A 876 52.88 -8.03 23.84
CA LYS A 876 53.00 -7.93 25.29
C LYS A 876 51.76 -7.29 25.87
N CYS A 877 51.12 -7.97 26.83
CA CYS A 877 49.91 -7.45 27.44
C CYS A 877 49.79 -7.96 28.86
N ASN A 878 49.53 -7.05 29.80
CA ASN A 878 49.40 -7.45 31.20
C ASN A 878 48.05 -8.13 31.45
N ARG A 879 47.99 -8.90 32.54
CA ARG A 879 46.83 -9.74 32.78
C ARG A 879 45.56 -8.92 32.91
N GLU A 880 45.63 -7.73 33.51
CA GLU A 880 44.42 -6.95 33.74
C GLU A 880 43.83 -6.43 32.44
N THR A 881 44.69 -6.07 31.47
CA THR A 881 44.19 -5.66 30.16
C THR A 881 43.76 -6.87 29.32
N ALA A 882 44.54 -7.95 29.34
CA ALA A 882 44.14 -9.17 28.65
C ALA A 882 42.76 -9.61 29.08
N ASP A 883 42.53 -9.69 30.39
CA ASP A 883 41.25 -10.20 30.87
C ASP A 883 40.09 -9.31 30.46
N VAL A 884 40.30 -7.99 30.50
CA VAL A 884 39.22 -7.04 30.17
C VAL A 884 38.93 -7.06 28.66
N VAL A 885 39.97 -7.14 27.84
CA VAL A 885 39.75 -7.24 26.40
C VAL A 885 38.98 -8.52 26.09
N ILE A 886 39.33 -9.63 26.75
CA ILE A 886 38.64 -10.89 26.52
C ILE A 886 37.18 -10.78 26.96
N GLN A 887 36.93 -10.13 28.11
CA GLN A 887 35.54 -9.88 28.51
C GLN A 887 34.87 -8.97 27.50
N LEU A 888 35.60 -7.96 27.00
CA LEU A 888 35.05 -7.01 26.04
C LEU A 888 34.70 -7.69 24.72
N ARG A 889 35.53 -8.63 24.27
CA ARG A 889 35.22 -9.31 23.01
C ARG A 889 33.98 -10.16 23.16
N SER A 890 33.74 -10.67 24.37
CA SER A 890 32.58 -11.53 24.59
C SER A 890 31.28 -10.75 24.48
N ASN A 891 31.18 -9.58 25.14
CA ASN A 891 29.94 -8.84 25.07
C ASN A 891 29.75 -8.21 23.70
N LEU A 892 30.84 -7.98 22.97
CA LEU A 892 30.70 -7.52 21.59
C LEU A 892 30.08 -8.59 20.72
N GLU A 893 30.49 -9.85 20.91
CA GLU A 893 29.89 -10.91 20.13
C GLU A 893 28.41 -11.09 20.49
N LYS A 894 28.04 -10.90 21.76
CA LYS A 894 26.62 -10.95 22.14
C LYS A 894 25.85 -9.80 21.50
N LEU A 895 26.48 -8.63 21.43
CA LEU A 895 25.82 -7.45 20.90
C LEU A 895 25.59 -7.56 19.39
N LEU A 896 26.64 -7.93 18.66
CA LEU A 896 26.50 -8.12 17.22
C LEU A 896 25.44 -9.17 16.91
N LEU A 897 25.41 -10.26 17.68
CA LEU A 897 24.40 -11.29 17.42
C LEU A 897 22.98 -10.75 17.52
N LYS A 898 22.68 -9.86 18.52
CA LYS A 898 21.31 -9.38 18.68
C LYS A 898 20.98 -8.25 17.72
N LYS A 899 21.99 -7.50 17.28
CA LYS A 899 21.73 -6.52 16.24
C LYS A 899 21.45 -7.21 14.93
N ALA A 900 22.06 -8.37 14.71
CA ALA A 900 21.73 -9.14 13.53
C ALA A 900 20.28 -9.65 13.62
N LEU A 901 19.89 -10.16 14.80
CA LEU A 901 18.58 -10.79 14.88
C LEU A 901 17.45 -9.78 15.07
N TYR A 902 17.74 -8.68 15.76
CA TYR A 902 16.74 -7.67 16.09
C TYR A 902 17.21 -6.28 15.67
N PRO A 903 17.21 -5.98 14.39
CA PRO A 903 17.85 -4.73 13.97
C PRO A 903 17.11 -3.49 14.51
N ALA A 904 17.89 -2.61 15.12
CA ALA A 904 17.48 -1.31 15.57
C ALA A 904 18.69 -0.40 15.52
N PRO A 905 18.50 0.90 15.35
CA PRO A 905 19.65 1.79 15.58
C PRO A 905 20.00 1.73 17.06
N ILE A 906 21.30 1.75 17.34
CA ILE A 906 21.76 1.90 18.72
C ILE A 906 21.30 3.26 19.22
N GLU A 907 20.52 3.25 20.30
CA GLU A 907 20.02 4.50 20.84
C GLU A 907 21.09 5.13 21.74
N GLU A 908 21.21 6.46 21.64
CA GLU A 908 22.42 7.15 22.06
C GLU A 908 22.63 7.15 23.57
N ASN A 909 21.57 7.06 24.38
CA ASN A 909 21.72 6.96 25.82
C ASN A 909 21.43 5.58 26.43
N GLY A 910 21.22 4.53 25.61
CA GLY A 910 20.81 3.23 26.12
C GLY A 910 21.97 2.36 26.56
N TYR A 911 21.65 1.07 26.81
CA TYR A 911 22.67 0.16 27.32
C TYR A 911 23.66 -0.25 26.25
N GLU A 912 23.22 -0.44 25.01
CA GLU A 912 24.16 -0.87 23.97
C GLU A 912 25.22 0.19 23.71
N LYS A 913 24.85 1.47 23.80
CA LYS A 913 25.84 2.52 23.58
C LYS A 913 26.96 2.45 24.60
N GLN A 914 26.71 1.88 25.80
CA GLN A 914 27.78 1.85 26.81
C GLN A 914 28.90 0.92 26.41
N LEU A 915 28.60 -0.18 25.71
CA LEU A 915 29.67 -1.03 25.27
C LEU A 915 30.32 -0.50 24.00
N ILE A 916 29.56 0.27 23.21
CA ILE A 916 30.20 1.04 22.14
C ILE A 916 31.20 2.00 22.75
N LYS A 917 30.80 2.70 23.81
CA LYS A 917 31.69 3.69 24.40
C LYS A 917 32.91 3.02 25.03
N ALA A 918 32.74 1.78 25.52
CA ALA A 918 33.90 1.04 26.04
C ALA A 918 34.93 0.79 24.96
N ILE A 919 34.46 0.44 23.76
CA ILE A 919 35.38 0.14 22.68
C ILE A 919 36.07 1.41 22.17
N GLU A 920 35.29 2.50 21.98
CA GLU A 920 35.93 3.74 21.52
C GLU A 920 37.00 4.20 22.48
N LEU A 921 36.76 4.01 23.79
CA LEU A 921 37.72 4.45 24.80
C LEU A 921 39.04 3.72 24.63
N LEU A 922 38.98 2.40 24.52
CA LEU A 922 40.20 1.62 24.32
C LEU A 922 40.89 1.99 23.01
N LEU A 923 40.11 2.17 21.93
CA LEU A 923 40.71 2.42 20.63
C LEU A 923 41.36 3.79 20.58
N SER A 924 40.77 4.75 21.27
CA SER A 924 41.26 6.12 21.29
C SER A 924 42.61 6.27 21.96
N LEU A 925 43.11 5.25 22.66
CA LEU A 925 44.46 5.38 23.21
C LEU A 925 45.54 5.35 22.13
N ASP A 926 45.21 4.97 20.89
CA ASP A 926 46.18 4.96 19.80
C ASP A 926 46.15 6.24 18.97
N GLU A 927 45.42 7.26 19.42
CA GLU A 927 45.41 8.53 18.72
C GLU A 927 46.81 9.09 18.58
N ARG A 928 47.06 9.70 17.41
CA ARG A 928 48.36 10.31 17.14
C ARG A 928 48.46 11.58 17.97
N LEU A 929 49.41 11.60 18.92
CA LEU A 929 49.50 12.68 19.89
C LEU A 929 50.37 13.84 19.39
N ILE B 52 -38.73 43.80 25.50
CA ILE B 52 -37.55 43.04 25.94
C ILE B 52 -37.65 42.82 27.45
N ARG B 53 -37.36 41.59 27.91
CA ARG B 53 -37.58 41.19 29.30
C ARG B 53 -36.37 40.41 29.82
N LEU B 54 -35.64 40.95 30.80
CA LEU B 54 -34.33 40.40 31.12
C LEU B 54 -34.35 39.35 32.22
N GLY B 55 -33.49 38.36 32.03
CA GLY B 55 -33.34 37.22 32.90
C GLY B 55 -32.13 37.36 33.80
N CYS B 56 -31.70 36.23 34.34
CA CYS B 56 -30.69 36.20 35.39
C CYS B 56 -29.35 36.74 34.92
N ASN B 57 -28.51 37.05 35.90
CA ASN B 57 -27.25 37.72 35.69
C ASN B 57 -26.13 36.73 35.40
N VAL B 58 -25.44 36.94 34.29
CA VAL B 58 -24.35 36.08 33.83
C VAL B 58 -22.98 36.72 34.00
N SER B 59 -22.88 37.86 34.67
CA SER B 59 -21.58 38.51 34.82
C SER B 59 -20.61 37.61 35.58
N ALA B 60 -19.31 37.76 35.29
CA ALA B 60 -18.27 36.94 35.88
C ALA B 60 -17.40 37.74 36.84
N PRO B 61 -16.82 37.12 37.87
CA PRO B 61 -15.92 37.87 38.80
C PRO B 61 -14.66 38.41 38.12
N SER B 62 -14.13 39.50 38.68
CA SER B 62 -12.98 40.17 38.11
C SER B 62 -11.76 39.26 38.00
N GLY B 63 -11.55 38.41 39.00
CA GLY B 63 -10.43 37.51 38.98
C GLY B 63 -10.56 36.45 37.91
N VAL B 64 -11.78 36.02 37.62
CA VAL B 64 -11.96 35.06 36.54
C VAL B 64 -11.82 35.76 35.19
N LEU B 65 -12.34 36.99 35.08
CA LEU B 65 -12.18 37.76 33.85
C LEU B 65 -10.73 38.15 33.62
N GLU B 66 -10.00 38.45 34.70
CA GLU B 66 -8.59 38.77 34.49
C GLU B 66 -7.85 37.56 33.94
N ARG B 67 -8.19 36.37 34.44
CA ARG B 67 -7.46 35.20 34.01
C ARG B 67 -8.02 34.63 32.70
N VAL B 68 -9.31 34.82 32.41
CA VAL B 68 -9.80 34.53 31.06
C VAL B 68 -9.07 35.40 30.04
N LYS B 69 -8.84 36.67 30.39
CA LYS B 69 -8.16 37.60 29.47
C LYS B 69 -6.69 37.22 29.27
N GLU B 70 -6.00 36.79 30.34
CA GLU B 70 -4.61 36.36 30.21
C GLU B 70 -4.48 35.17 29.25
N LEU B 71 -5.43 34.24 29.27
CA LEU B 71 -5.29 33.06 28.43
C LEU B 71 -5.60 33.37 26.96
N MET B 72 -6.63 34.17 26.72
CA MET B 72 -6.92 34.61 25.35
C MET B 72 -5.73 35.33 24.76
N GLU B 73 -4.91 35.97 25.61
CA GLU B 73 -3.75 36.70 25.14
C GLU B 73 -2.63 35.73 24.77
N ASP B 74 -2.37 34.74 25.63
CA ASP B 74 -1.46 33.65 25.29
C ASP B 74 -1.84 33.04 23.95
N TYR B 75 -3.14 32.79 23.78
CA TYR B 75 -3.62 32.16 22.56
C TYR B 75 -3.30 32.97 21.32
N SER B 76 -3.26 34.29 21.44
CA SER B 76 -3.02 35.17 20.29
C SER B 76 -1.54 35.36 19.98
N ARG B 77 -0.65 34.86 20.82
CA ARG B 77 0.78 34.83 20.54
C ARG B 77 1.22 33.56 19.82
N ALA B 78 0.30 32.78 19.36
CA ALA B 78 0.85 31.61 18.70
C ALA B 78 1.22 31.93 17.25
N PRO B 79 2.26 31.27 16.73
CA PRO B 79 2.70 31.47 15.35
C PRO B 79 1.70 30.86 14.34
N ASP B 90 1.02 17.45 8.81
CA ASP B 90 0.90 18.24 7.58
C ASP B 90 -0.53 18.73 7.31
N ALA B 91 -0.65 19.18 6.05
CA ALA B 91 -1.77 19.91 5.47
C ALA B 91 -2.59 19.07 4.49
N LYS B 92 -2.39 17.75 4.43
CA LYS B 92 -3.06 16.96 3.39
C LYS B 92 -4.57 17.16 3.38
N PHE B 93 -5.20 17.40 4.52
CA PHE B 93 -6.64 17.63 4.44
C PHE B 93 -6.94 18.92 3.66
N GLN B 94 -6.09 19.92 3.81
CA GLN B 94 -6.38 21.20 3.18
C GLN B 94 -6.32 21.09 1.67
N GLN B 95 -5.40 20.28 1.15
CA GLN B 95 -5.30 20.10 -0.30
C GLN B 95 -6.42 19.23 -0.84
N GLN B 96 -6.80 18.18 -0.11
CA GLN B 96 -8.02 17.48 -0.47
C GLN B 96 -9.19 18.45 -0.58
N PHE B 97 -9.29 19.39 0.37
CA PHE B 97 -10.48 20.25 0.38
C PHE B 97 -10.48 21.20 -0.81
N ARG B 98 -9.33 21.78 -1.16
CA ARG B 98 -9.34 22.71 -2.28
C ARG B 98 -9.25 22.00 -3.60
N HIS B 99 -8.77 20.75 -3.62
CA HIS B 99 -8.87 19.99 -4.85
C HIS B 99 -10.33 19.78 -5.24
N LEU B 100 -11.15 19.40 -4.25
CA LEU B 100 -12.57 19.15 -4.49
C LEU B 100 -13.27 20.40 -5.00
N LEU B 101 -12.90 21.57 -4.48
CA LEU B 101 -13.53 22.80 -4.94
C LEU B 101 -12.97 23.25 -6.27
N SER B 102 -11.77 22.79 -6.64
CA SER B 102 -11.13 23.25 -7.87
C SER B 102 -11.59 22.52 -9.13
N VAL B 103 -12.13 21.31 -9.01
CA VAL B 103 -12.42 20.49 -10.19
C VAL B 103 -13.88 20.64 -10.58
N ASN B 104 -14.13 20.65 -11.88
CA ASN B 104 -15.49 20.57 -12.39
C ASN B 104 -15.92 19.10 -12.52
N PHE B 105 -17.16 18.87 -12.93
CA PHE B 105 -17.72 17.52 -12.79
C PHE B 105 -17.04 16.51 -13.71
N GLU B 106 -16.63 16.92 -14.90
CA GLU B 106 -15.99 15.90 -15.72
C GLU B 106 -14.53 15.69 -15.36
N GLU B 107 -13.87 16.66 -14.71
CA GLU B 107 -12.59 16.36 -14.09
C GLU B 107 -12.78 15.35 -12.97
N PHE B 108 -13.78 15.59 -12.13
CA PHE B 108 -14.13 14.66 -11.06
C PHE B 108 -14.34 13.24 -11.59
N VAL B 109 -15.08 13.11 -12.69
CA VAL B 109 -15.31 11.80 -13.30
C VAL B 109 -13.99 11.16 -13.71
N ALA B 110 -13.18 11.90 -14.45
CA ALA B 110 -11.90 11.35 -14.89
C ALA B 110 -11.05 10.88 -13.71
N GLU B 111 -10.96 11.70 -12.65
CA GLU B 111 -10.07 11.35 -11.55
C GLU B 111 -10.53 10.06 -10.89
N THR B 112 -11.84 9.93 -10.63
CA THR B 112 -12.32 8.75 -9.92
C THR B 112 -12.23 7.49 -10.77
N LYS B 113 -12.13 7.65 -12.08
CA LYS B 113 -11.89 6.50 -12.93
C LYS B 113 -10.46 5.97 -12.77
N GLU B 114 -9.48 6.88 -12.78
CA GLU B 114 -8.10 6.44 -12.59
C GLU B 114 -7.90 5.82 -11.22
N ARG B 115 -8.54 6.39 -10.21
CA ARG B 115 -8.32 5.93 -8.84
C ARG B 115 -9.07 4.64 -8.51
N ASN B 116 -10.19 4.35 -9.16
CA ASN B 116 -10.82 3.05 -8.95
C ASN B 116 -10.81 2.29 -10.29
N ALA B 117 -9.70 1.60 -10.54
CA ALA B 117 -9.48 0.84 -11.78
C ALA B 117 -9.37 -0.68 -11.57
N ASP B 118 -9.55 -1.20 -10.35
CA ASP B 118 -9.17 -2.58 -10.08
C ASP B 118 -9.96 -3.61 -10.91
N LEU B 119 -11.25 -3.35 -11.20
CA LEU B 119 -12.00 -4.31 -11.98
C LEU B 119 -11.70 -4.26 -13.48
N ASP B 120 -10.82 -3.35 -13.94
CA ASP B 120 -10.29 -3.47 -15.28
C ASP B 120 -9.43 -4.73 -15.45
N TRP B 121 -9.02 -5.34 -14.33
CA TRP B 121 -8.13 -6.49 -14.32
C TRP B 121 -8.86 -7.77 -13.94
N VAL B 122 -8.61 -8.83 -14.70
CA VAL B 122 -9.11 -10.17 -14.45
C VAL B 122 -7.99 -11.16 -14.36
N ASN B 123 -8.31 -12.32 -13.79
CA ASN B 123 -7.34 -13.35 -13.40
C ASN B 123 -7.76 -14.63 -14.11
N PRO B 124 -7.28 -14.83 -15.35
CA PRO B 124 -7.66 -16.04 -16.13
C PRO B 124 -7.49 -17.36 -15.40
N LYS B 125 -6.46 -17.53 -14.58
CA LYS B 125 -6.23 -18.80 -13.91
C LYS B 125 -7.22 -19.01 -12.78
N LEU B 126 -7.73 -17.93 -12.20
CA LEU B 126 -8.78 -18.06 -11.20
C LEU B 126 -10.14 -18.27 -11.84
N ASP B 127 -10.36 -17.64 -13.00
CA ASP B 127 -11.51 -17.95 -13.84
C ASP B 127 -11.59 -19.44 -14.13
N GLU B 128 -10.50 -20.03 -14.62
CA GLU B 128 -10.54 -21.43 -14.99
C GLU B 128 -10.60 -22.34 -13.78
N ARG B 129 -10.00 -21.92 -12.67
CA ARG B 129 -10.06 -22.75 -11.48
C ARG B 129 -11.47 -22.77 -10.90
N LEU B 130 -12.09 -21.59 -10.77
CA LEU B 130 -13.46 -21.54 -10.25
C LEU B 130 -14.42 -22.23 -11.19
N GLN B 131 -14.24 -22.05 -12.50
CA GLN B 131 -15.13 -22.67 -13.46
C GLN B 131 -15.08 -24.17 -13.33
N LEU B 132 -13.91 -24.70 -13.01
CA LEU B 132 -13.78 -26.14 -13.00
C LEU B 132 -14.25 -26.72 -11.68
N GLU B 133 -14.08 -26.00 -10.56
CA GLU B 133 -14.68 -26.47 -9.30
C GLU B 133 -16.19 -26.42 -9.36
N LEU B 134 -16.78 -25.46 -10.05
CA LEU B 134 -18.23 -25.51 -10.16
C LEU B 134 -18.66 -26.66 -11.08
N GLY B 135 -17.96 -26.78 -12.20
CA GLY B 135 -18.17 -27.93 -13.06
C GLY B 135 -18.04 -29.25 -12.33
N GLN B 136 -16.97 -29.42 -11.55
CA GLN B 136 -16.85 -30.70 -10.85
C GLN B 136 -18.02 -30.86 -9.93
N ARG B 137 -18.40 -29.79 -9.32
CA ARG B 137 -19.15 -30.03 -8.13
C ARG B 137 -20.65 -29.78 -8.36
N GLN B 138 -21.03 -29.57 -9.63
CA GLN B 138 -22.33 -30.00 -10.12
C GLN B 138 -22.48 -31.52 -10.17
N LEU B 139 -21.39 -32.29 -10.15
CA LEU B 139 -21.52 -33.74 -10.27
C LEU B 139 -21.56 -34.49 -8.94
N GLU B 140 -21.22 -33.84 -7.83
CA GLU B 140 -21.49 -34.44 -6.53
C GLU B 140 -22.97 -34.44 -6.25
N GLU B 141 -23.31 -34.99 -5.09
CA GLU B 141 -24.51 -34.64 -4.39
C GLU B 141 -24.24 -33.54 -3.35
N ASN B 142 -23.22 -32.72 -3.56
CA ASN B 142 -23.32 -31.40 -2.94
C ASN B 142 -23.99 -30.33 -3.82
N ALA B 143 -24.18 -30.57 -5.12
CA ALA B 143 -25.32 -29.94 -5.80
C ALA B 143 -25.95 -30.94 -6.77
N LYS B 144 -27.05 -31.54 -6.34
CA LYS B 144 -28.14 -31.87 -7.24
C LYS B 144 -29.35 -31.33 -6.48
N LYS B 145 -29.60 -31.89 -5.28
CA LYS B 145 -30.85 -31.65 -4.60
C LYS B 145 -31.17 -30.14 -4.41
N ARG B 146 -30.17 -29.22 -4.35
CA ARG B 146 -30.56 -27.81 -4.33
C ARG B 146 -30.83 -27.28 -5.75
N LEU B 147 -30.17 -27.79 -6.79
CA LEU B 147 -30.68 -27.47 -8.10
C LEU B 147 -32.02 -28.13 -8.39
N GLU B 148 -32.40 -29.22 -7.75
CA GLU B 148 -33.85 -29.42 -7.82
C GLU B 148 -34.60 -28.57 -6.81
N ALA B 149 -34.06 -28.33 -5.61
CA ALA B 149 -34.84 -27.60 -4.63
C ALA B 149 -34.94 -26.12 -4.96
N ARG B 150 -33.88 -25.54 -5.55
CA ARG B 150 -33.97 -24.16 -6.02
C ARG B 150 -34.84 -24.05 -7.27
N LYS B 151 -34.81 -25.06 -8.16
CA LYS B 151 -35.70 -24.99 -9.31
C LYS B 151 -37.18 -25.03 -8.93
N LYS B 152 -37.50 -25.47 -7.70
CA LYS B 152 -38.88 -25.32 -7.22
C LYS B 152 -39.27 -23.87 -6.90
N LEU B 153 -38.32 -22.89 -7.06
CA LEU B 153 -38.68 -21.49 -6.85
C LEU B 153 -38.93 -20.79 -8.18
N PRO B 154 -40.03 -20.01 -8.22
CA PRO B 154 -40.45 -19.39 -9.50
C PRO B 154 -39.34 -18.64 -10.22
N THR B 155 -38.45 -17.96 -9.48
CA THR B 155 -37.40 -17.17 -10.13
C THR B 155 -36.49 -18.04 -11.01
N MET B 156 -36.30 -19.31 -10.67
CA MET B 156 -35.40 -20.14 -11.45
C MET B 156 -35.98 -20.48 -12.83
N LYS B 157 -37.30 -20.52 -12.99
CA LYS B 157 -37.87 -20.71 -14.32
C LYS B 157 -37.40 -19.64 -15.28
N TYR B 158 -37.04 -18.46 -14.78
CA TYR B 158 -36.64 -17.34 -15.60
C TYR B 158 -35.16 -17.13 -15.67
N ALA B 159 -34.35 -18.07 -15.17
CA ALA B 159 -32.90 -17.91 -15.14
C ALA B 159 -32.35 -17.38 -16.47
N ASP B 160 -32.57 -18.14 -17.56
CA ASP B 160 -31.91 -17.84 -18.83
C ASP B 160 -32.42 -16.52 -19.42
N ASP B 161 -33.71 -16.23 -19.26
CA ASP B 161 -34.23 -14.96 -19.77
C ASP B 161 -33.66 -13.78 -19.00
N ILE B 162 -33.51 -13.94 -17.69
CA ILE B 162 -32.95 -12.88 -16.86
C ILE B 162 -31.50 -12.62 -17.26
N ILE B 163 -30.72 -13.70 -17.40
CA ILE B 163 -29.34 -13.62 -17.88
C ILE B 163 -29.26 -12.86 -19.20
N GLN B 164 -30.14 -13.15 -20.14
CA GLN B 164 -30.06 -12.47 -21.42
C GLN B 164 -30.52 -11.02 -21.30
N ALA B 165 -31.55 -10.77 -20.50
CA ALA B 165 -32.01 -9.40 -20.31
C ALA B 165 -30.91 -8.55 -19.71
N VAL B 166 -30.15 -9.12 -18.77
CA VAL B 166 -29.05 -8.38 -18.17
C VAL B 166 -27.96 -8.11 -19.19
N ARG B 167 -27.66 -9.09 -20.05
CA ARG B 167 -26.60 -8.87 -21.04
C ARG B 167 -26.97 -7.76 -22.03
N GLU B 168 -28.25 -7.65 -22.37
CA GLU B 168 -28.72 -6.69 -23.37
C GLU B 168 -29.18 -5.35 -22.82
N ASN B 169 -29.20 -5.18 -21.50
CA ASN B 169 -29.74 -3.97 -20.90
C ASN B 169 -28.93 -3.54 -19.69
N GLN B 170 -28.68 -2.24 -19.62
CA GLN B 170 -27.96 -1.68 -18.48
C GLN B 170 -28.79 -1.79 -17.20
N VAL B 171 -30.10 -1.63 -17.32
CA VAL B 171 -31.02 -1.65 -16.19
C VAL B 171 -32.22 -2.53 -16.54
N ILE B 172 -32.56 -3.47 -15.66
CA ILE B 172 -33.80 -4.23 -15.75
C ILE B 172 -34.53 -4.18 -14.41
N LEU B 173 -35.78 -4.63 -14.42
CA LEU B 173 -36.63 -4.58 -13.24
C LEU B 173 -37.23 -5.96 -13.02
N ILE B 174 -37.13 -6.46 -11.79
CA ILE B 174 -37.67 -7.77 -11.44
C ILE B 174 -38.73 -7.57 -10.38
N VAL B 175 -39.98 -7.80 -10.76
CA VAL B 175 -41.11 -7.60 -9.87
C VAL B 175 -41.63 -8.97 -9.46
N GLY B 176 -41.79 -9.17 -8.18
CA GLY B 176 -42.19 -10.46 -7.68
C GLY B 176 -42.50 -10.35 -6.21
N SER B 177 -43.40 -11.21 -5.76
CA SER B 177 -43.87 -11.17 -4.39
C SER B 177 -42.98 -12.02 -3.49
N THR B 178 -43.32 -11.99 -2.20
CA THR B 178 -42.70 -12.83 -1.19
C THR B 178 -42.64 -14.28 -1.65
N GLY B 179 -41.47 -14.89 -1.56
CA GLY B 179 -41.35 -16.29 -1.83
C GLY B 179 -41.00 -16.62 -3.27
N CYS B 180 -40.97 -15.63 -4.18
CA CYS B 180 -40.67 -15.90 -5.57
C CYS B 180 -39.20 -16.32 -5.77
N GLY B 181 -38.33 -16.01 -4.79
CA GLY B 181 -36.93 -16.40 -4.76
C GLY B 181 -35.94 -15.39 -5.33
N LYS B 182 -36.39 -14.20 -5.74
CA LYS B 182 -35.53 -13.28 -6.48
C LYS B 182 -34.33 -12.78 -5.64
N THR B 183 -34.55 -12.51 -4.36
CA THR B 183 -33.48 -12.01 -3.49
C THR B 183 -32.39 -13.05 -3.29
N THR B 184 -32.77 -14.28 -2.97
CA THR B 184 -31.76 -15.31 -2.80
C THR B 184 -31.24 -15.84 -4.14
N GLN B 185 -32.11 -15.94 -5.14
CA GLN B 185 -31.73 -16.64 -6.37
C GLN B 185 -31.11 -15.78 -7.47
N VAL B 186 -31.57 -14.55 -7.69
CA VAL B 186 -31.02 -13.76 -8.81
C VAL B 186 -29.52 -13.52 -8.71
N PRO B 187 -28.95 -13.12 -7.55
CA PRO B 187 -27.48 -12.97 -7.50
C PRO B 187 -26.73 -14.23 -7.89
N GLN B 188 -27.19 -15.40 -7.44
CA GLN B 188 -26.53 -16.64 -7.85
C GLN B 188 -26.74 -16.95 -9.33
N ILE B 189 -27.86 -16.54 -9.91
CA ILE B 189 -28.06 -16.80 -11.33
C ILE B 189 -27.00 -16.06 -12.14
N LEU B 190 -26.66 -14.83 -11.74
CA LEU B 190 -25.66 -14.08 -12.48
C LEU B 190 -24.25 -14.53 -12.14
N LEU B 191 -24.06 -14.94 -10.88
CA LEU B 191 -22.75 -15.38 -10.42
C LEU B 191 -22.36 -16.71 -11.04
N ASP B 192 -23.26 -17.69 -10.99
CA ASP B 192 -22.93 -19.00 -11.55
C ASP B 192 -22.80 -18.98 -13.06
N ASP B 193 -23.40 -18.00 -13.74
CA ASP B 193 -23.21 -17.92 -15.18
C ASP B 193 -21.83 -17.38 -15.53
N ALA B 194 -21.39 -16.33 -14.86
CA ALA B 194 -20.05 -15.81 -15.10
C ALA B 194 -18.98 -16.83 -14.76
N ILE B 195 -19.24 -17.63 -13.71
CA ILE B 195 -18.35 -18.74 -13.38
C ILE B 195 -18.39 -19.80 -14.49
N SER B 196 -19.56 -20.11 -15.04
CA SER B 196 -19.60 -21.14 -16.09
C SER B 196 -18.99 -20.65 -17.40
N ARG B 197 -19.21 -19.37 -17.74
CA ARG B 197 -18.58 -18.79 -18.92
C ARG B 197 -17.08 -18.54 -18.74
N GLY B 198 -16.53 -18.79 -17.55
CA GLY B 198 -15.13 -18.54 -17.25
C GLY B 198 -14.74 -17.08 -17.17
N CYS B 199 -15.68 -16.23 -16.80
CA CYS B 199 -15.48 -14.80 -16.51
C CYS B 199 -15.52 -14.49 -15.02
N ALA B 200 -15.44 -15.50 -14.15
CA ALA B 200 -15.74 -15.35 -12.73
C ALA B 200 -15.08 -14.12 -12.10
N SER B 201 -13.83 -13.84 -12.42
CA SER B 201 -13.13 -12.80 -11.68
C SER B 201 -13.62 -11.41 -12.05
N SER B 202 -14.32 -11.28 -13.17
CA SER B 202 -14.89 -10.00 -13.55
C SER B 202 -16.21 -9.73 -12.84
N CYS B 203 -16.67 -10.67 -12.00
CA CYS B 203 -17.99 -10.63 -11.40
C CYS B 203 -17.90 -10.29 -9.90
N ARG B 204 -18.45 -9.15 -9.51
CA ARG B 204 -18.61 -8.78 -8.11
C ARG B 204 -19.99 -8.18 -7.96
N ILE B 205 -20.85 -8.84 -7.19
CA ILE B 205 -22.25 -8.46 -7.07
C ILE B 205 -22.51 -7.83 -5.70
N ILE B 206 -23.10 -6.64 -5.70
CA ILE B 206 -23.55 -5.99 -4.49
C ILE B 206 -25.07 -5.93 -4.55
N CYS B 207 -25.73 -6.49 -3.52
CA CYS B 207 -27.19 -6.46 -3.41
C CYS B 207 -27.60 -5.71 -2.14
N THR B 208 -28.38 -4.63 -2.31
CA THR B 208 -28.81 -3.82 -1.19
C THR B 208 -30.06 -4.37 -0.54
N GLN B 209 -30.18 -4.18 0.77
CA GLN B 209 -31.39 -4.46 1.54
C GLN B 209 -31.76 -3.29 2.45
N PRO B 210 -33.05 -3.14 2.78
CA PRO B 210 -33.42 -1.98 3.61
C PRO B 210 -32.94 -2.14 5.02
N ARG B 211 -33.03 -3.35 5.56
CA ARG B 211 -32.87 -3.63 6.97
C ARG B 211 -31.64 -4.48 7.23
N ARG B 212 -31.00 -4.22 8.38
CA ARG B 212 -29.78 -4.93 8.74
C ARG B 212 -30.02 -6.43 8.86
N ILE B 213 -31.13 -6.81 9.50
CA ILE B 213 -31.40 -8.21 9.75
C ILE B 213 -31.66 -8.92 8.43
N SER B 214 -32.23 -8.22 7.45
CA SER B 214 -32.41 -8.79 6.12
C SER B 214 -31.06 -9.15 5.50
N ALA B 215 -30.11 -8.21 5.55
CA ALA B 215 -28.85 -8.43 4.87
C ALA B 215 -28.09 -9.60 5.47
N ILE B 216 -28.08 -9.71 6.80
CA ILE B 216 -27.39 -10.80 7.47
C ILE B 216 -28.09 -12.13 7.18
N ALA B 217 -29.39 -12.19 7.46
CA ALA B 217 -30.13 -13.44 7.34
C ALA B 217 -30.10 -13.98 5.92
N ILE B 218 -30.34 -13.12 4.93
CA ILE B 218 -30.28 -13.55 3.55
C ILE B 218 -28.87 -14.01 3.19
N ALA B 219 -27.85 -13.32 3.66
CA ALA B 219 -26.48 -13.75 3.36
C ALA B 219 -26.18 -15.11 3.97
N GLU B 220 -26.55 -15.31 5.22
CA GLU B 220 -26.27 -16.61 5.85
C GLU B 220 -26.99 -17.72 5.13
N TRP B 221 -28.19 -17.42 4.63
CA TRP B 221 -29.00 -18.43 3.97
C TRP B 221 -28.57 -18.69 2.55
N VAL B 222 -28.18 -17.66 1.81
CA VAL B 222 -27.68 -17.91 0.46
C VAL B 222 -26.36 -18.69 0.51
N SER B 223 -25.52 -18.45 1.52
CA SER B 223 -24.29 -19.21 1.59
C SER B 223 -24.56 -20.67 1.98
N TYR B 224 -25.57 -20.91 2.82
CA TYR B 224 -26.05 -22.27 3.08
C TYR B 224 -26.36 -23.03 1.79
N GLU B 225 -27.09 -22.40 0.86
CA GLU B 225 -27.51 -23.06 -0.37
C GLU B 225 -26.34 -23.41 -1.29
N ARG B 226 -25.15 -22.88 -1.02
CA ARG B 226 -23.95 -23.22 -1.76
C ARG B 226 -22.99 -24.11 -0.99
N CYS B 227 -23.36 -24.57 0.19
CA CYS B 227 -22.52 -25.42 1.06
C CYS B 227 -21.17 -24.77 1.33
N GLU B 228 -21.19 -23.47 1.57
CA GLU B 228 -20.02 -22.72 1.97
C GLU B 228 -20.35 -22.00 3.27
N SER B 229 -19.33 -21.80 4.10
CA SER B 229 -19.53 -20.92 5.23
C SER B 229 -19.48 -19.47 4.76
N LEU B 230 -20.07 -18.57 5.55
CA LEU B 230 -20.02 -17.15 5.25
C LEU B 230 -18.59 -16.70 5.01
N GLY B 231 -18.39 -15.87 3.97
CA GLY B 231 -17.07 -15.36 3.67
C GLY B 231 -16.39 -15.90 2.43
N ASN B 232 -16.99 -16.84 1.69
CA ASN B 232 -16.33 -17.21 0.45
C ASN B 232 -16.96 -16.50 -0.73
N SER B 233 -17.94 -17.15 -1.37
CA SER B 233 -18.60 -16.48 -2.50
C SER B 233 -19.71 -15.54 -2.06
N VAL B 234 -20.22 -15.67 -0.84
CA VAL B 234 -21.27 -14.80 -0.35
C VAL B 234 -20.84 -14.20 0.98
N GLY B 235 -21.07 -12.88 1.12
CA GLY B 235 -20.79 -12.17 2.35
C GLY B 235 -21.84 -11.10 2.59
N TYR B 236 -21.77 -10.49 3.76
CA TYR B 236 -22.62 -9.34 4.02
C TYR B 236 -21.83 -8.20 4.60
N GLN B 237 -22.32 -6.99 4.40
CA GLN B 237 -21.69 -5.83 5.00
C GLN B 237 -22.79 -4.89 5.48
N ILE B 238 -22.88 -4.70 6.80
CA ILE B 238 -23.74 -3.66 7.34
C ILE B 238 -22.85 -2.68 8.06
N ARG B 239 -23.42 -1.61 8.57
CA ARG B 239 -22.62 -0.67 9.35
C ARG B 239 -22.16 -1.32 10.65
N LEU B 240 -20.88 -1.19 10.96
CA LEU B 240 -20.24 -1.65 12.19
C LEU B 240 -20.01 -3.15 12.21
N GLU B 241 -20.39 -3.89 11.17
CA GLU B 241 -20.23 -5.34 11.21
C GLU B 241 -20.18 -5.88 9.78
N SER B 242 -19.27 -6.82 9.53
CA SER B 242 -19.24 -7.45 8.21
C SER B 242 -18.65 -8.85 8.29
N ARG B 243 -19.17 -9.77 7.50
CA ARG B 243 -18.39 -10.91 7.05
C ARG B 243 -18.23 -10.70 5.55
N LYS B 244 -17.06 -10.21 5.14
CA LYS B 244 -16.86 -9.84 3.74
C LYS B 244 -16.72 -11.07 2.86
N ALA B 245 -17.32 -11.00 1.67
CA ALA B 245 -17.06 -12.04 0.70
C ALA B 245 -15.64 -11.88 0.18
N ARG B 246 -15.12 -12.97 -0.41
CA ARG B 246 -13.90 -12.89 -1.20
C ARG B 246 -14.07 -11.81 -2.28
N GLU B 247 -12.96 -11.22 -2.70
CA GLU B 247 -13.05 -10.01 -3.53
C GLU B 247 -13.77 -10.27 -4.86
N ARG B 248 -13.51 -11.40 -5.52
CA ARG B 248 -14.05 -11.63 -6.85
C ARG B 248 -14.89 -12.90 -6.94
N ALA B 249 -15.67 -12.97 -8.02
CA ALA B 249 -16.73 -13.97 -8.14
C ALA B 249 -17.49 -14.07 -6.82
N SER B 250 -18.20 -13.02 -6.44
CA SER B 250 -18.75 -12.99 -5.11
C SER B 250 -20.07 -12.22 -5.11
N ILE B 251 -20.85 -12.45 -4.05
CA ILE B 251 -22.09 -11.74 -3.80
C ILE B 251 -22.01 -11.15 -2.41
N THR B 252 -22.25 -9.85 -2.28
CA THR B 252 -22.35 -9.23 -0.96
C THR B 252 -23.73 -8.61 -0.76
N TYR B 253 -24.41 -9.02 0.30
CA TYR B 253 -25.62 -8.32 0.72
C TYR B 253 -25.23 -7.23 1.71
N CYS B 254 -25.74 -6.03 1.48
CA CYS B 254 -25.40 -4.91 2.33
C CYS B 254 -26.63 -4.04 2.49
N THR B 255 -26.63 -3.24 3.54
CA THR B 255 -27.69 -2.26 3.67
C THR B 255 -27.40 -1.10 2.73
N THR B 256 -28.48 -0.47 2.26
CA THR B 256 -28.34 0.60 1.28
C THR B 256 -27.46 1.73 1.81
N GLY B 257 -27.54 2.01 3.11
CA GLY B 257 -26.73 3.08 3.67
C GLY B 257 -25.24 2.81 3.56
N VAL B 258 -24.82 1.56 3.81
CA VAL B 258 -23.42 1.21 3.64
C VAL B 258 -22.96 1.59 2.23
N LEU B 259 -23.77 1.25 1.23
CA LEU B 259 -23.36 1.52 -0.14
C LEU B 259 -23.25 3.02 -0.40
N LEU B 260 -24.15 3.81 0.20
CA LEU B 260 -24.10 5.26 0.03
C LEU B 260 -22.81 5.84 0.60
N GLN B 261 -22.33 5.32 1.74
CA GLN B 261 -21.07 5.85 2.24
C GLN B 261 -19.91 5.39 1.35
N GLN B 262 -19.95 4.17 0.82
CA GLN B 262 -18.90 3.78 -0.12
C GLN B 262 -18.90 4.63 -1.38
N LEU B 263 -19.97 5.39 -1.63
CA LEU B 263 -19.95 6.25 -2.81
C LEU B 263 -18.93 7.37 -2.71
N GLN B 264 -18.61 7.85 -1.49
CA GLN B 264 -17.69 8.99 -1.47
C GLN B 264 -16.28 8.57 -1.87
N SER B 265 -15.89 7.31 -1.64
CA SER B 265 -14.63 6.82 -2.19
C SER B 265 -14.75 6.39 -3.66
N ASP B 266 -15.89 5.83 -4.08
CA ASP B 266 -16.05 5.35 -5.45
C ASP B 266 -17.36 5.89 -6.00
N PRO B 267 -17.39 7.18 -6.37
CA PRO B 267 -18.67 7.81 -6.74
C PRO B 267 -19.27 7.34 -8.05
N LEU B 268 -18.50 6.75 -8.97
CA LEU B 268 -19.11 6.11 -10.15
C LEU B 268 -19.11 4.57 -10.11
N MET B 269 -18.90 3.96 -8.94
CA MET B 269 -19.24 2.53 -8.75
C MET B 269 -18.40 1.61 -9.65
N HIS B 270 -17.14 1.97 -9.85
CA HIS B 270 -16.26 1.13 -10.67
C HIS B 270 -15.95 -0.22 -10.05
N ASN B 271 -16.17 -0.38 -8.74
CA ASN B 271 -15.69 -1.53 -7.99
C ASN B 271 -16.74 -2.62 -7.79
N LEU B 272 -17.84 -2.57 -8.53
CA LEU B 272 -18.76 -3.68 -8.64
C LEU B 272 -19.18 -3.80 -10.09
N SER B 273 -19.49 -5.02 -10.53
CA SER B 273 -19.97 -5.21 -11.89
C SER B 273 -21.49 -5.27 -12.01
N VAL B 274 -22.18 -5.56 -10.92
CA VAL B 274 -23.64 -5.64 -10.90
C VAL B 274 -24.14 -5.06 -9.59
N LEU B 275 -25.03 -4.06 -9.67
CA LEU B 275 -25.71 -3.48 -8.53
C LEU B 275 -27.18 -3.92 -8.55
N ILE B 276 -27.60 -4.66 -7.53
CA ILE B 276 -28.99 -5.07 -7.35
C ILE B 276 -29.59 -4.23 -6.23
N LEU B 277 -30.63 -3.43 -6.55
CA LEU B 277 -31.38 -2.65 -5.55
C LEU B 277 -32.68 -3.40 -5.23
N ASP B 278 -32.79 -3.90 -4.00
CA ASP B 278 -33.97 -4.63 -3.60
C ASP B 278 -34.92 -3.76 -2.78
N GLU B 279 -36.21 -4.08 -2.85
CA GLU B 279 -37.27 -3.49 -2.02
C GLU B 279 -37.41 -1.98 -2.23
N ILE B 280 -37.19 -1.55 -3.48
CA ILE B 280 -37.27 -0.14 -3.81
C ILE B 280 -38.69 0.38 -3.67
N HIS B 281 -39.68 -0.53 -3.72
CA HIS B 281 -41.08 -0.15 -3.59
C HIS B 281 -41.42 0.42 -2.22
N GLU B 282 -40.60 0.17 -1.19
CA GLU B 282 -40.86 0.85 0.09
C GLU B 282 -40.44 2.30 0.07
N ARG B 283 -39.78 2.74 -0.99
CA ARG B 283 -39.41 4.13 -1.23
C ARG B 283 -38.75 4.76 0.01
N SER B 284 -37.77 4.05 0.55
CA SER B 284 -36.87 4.61 1.53
C SER B 284 -36.04 5.71 0.89
N VAL B 285 -35.53 6.61 1.76
CA VAL B 285 -34.69 7.73 1.30
C VAL B 285 -33.51 7.23 0.48
N GLU B 286 -32.91 6.12 0.91
CA GLU B 286 -31.64 5.71 0.31
C GLU B 286 -31.84 5.14 -1.08
N THR B 287 -32.86 4.28 -1.26
CA THR B 287 -33.11 3.74 -2.59
C THR B 287 -33.62 4.82 -3.54
N ASP B 288 -34.37 5.79 -3.04
CA ASP B 288 -34.76 6.89 -3.91
C ASP B 288 -33.55 7.75 -4.30
N LEU B 289 -32.69 8.06 -3.32
CA LEU B 289 -31.46 8.77 -3.66
C LEU B 289 -30.65 7.98 -4.67
N LEU B 290 -30.52 6.68 -4.46
CA LEU B 290 -29.67 5.83 -5.31
C LEU B 290 -30.17 5.80 -6.76
N MET B 291 -31.49 5.73 -6.95
CA MET B 291 -31.99 5.79 -8.32
C MET B 291 -31.67 7.14 -8.93
N GLY B 292 -31.75 8.22 -8.13
CA GLY B 292 -31.34 9.53 -8.61
C GLY B 292 -29.88 9.54 -9.02
N LEU B 293 -29.01 8.94 -8.20
CA LEU B 293 -27.59 8.95 -8.51
C LEU B 293 -27.26 8.06 -9.69
N LEU B 294 -27.99 6.95 -9.88
CA LEU B 294 -27.77 6.12 -11.06
C LEU B 294 -28.04 6.90 -12.34
N LYS B 295 -28.96 7.86 -12.30
CA LYS B 295 -29.17 8.67 -13.50
C LYS B 295 -27.97 9.56 -13.77
N VAL B 296 -27.22 9.95 -12.73
CA VAL B 296 -25.97 10.68 -12.92
C VAL B 296 -24.84 9.73 -13.27
N ILE B 297 -24.81 8.56 -12.63
CA ILE B 297 -23.68 7.65 -12.77
C ILE B 297 -23.71 6.90 -14.10
N LEU B 298 -24.85 6.31 -14.46
CA LEU B 298 -24.87 5.33 -15.54
C LEU B 298 -24.44 5.84 -16.91
N PRO B 299 -24.68 7.10 -17.30
CA PRO B 299 -24.06 7.59 -18.54
C PRO B 299 -22.56 7.39 -18.58
N HIS B 300 -21.88 7.45 -17.43
CA HIS B 300 -20.44 7.26 -17.39
C HIS B 300 -20.01 5.84 -17.05
N ARG B 301 -20.93 4.88 -17.01
CA ARG B 301 -20.59 3.51 -16.64
C ARG B 301 -21.35 2.57 -17.55
N PRO B 302 -20.95 2.48 -18.82
CA PRO B 302 -21.69 1.65 -19.77
C PRO B 302 -21.67 0.17 -19.44
N ASP B 303 -20.58 -0.31 -18.85
CA ASP B 303 -20.46 -1.71 -18.48
C ASP B 303 -21.21 -2.05 -17.20
N LEU B 304 -21.64 -1.06 -16.43
CA LEU B 304 -22.34 -1.36 -15.19
C LEU B 304 -23.72 -1.94 -15.47
N LYS B 305 -24.07 -3.01 -14.77
CA LYS B 305 -25.38 -3.64 -14.85
C LYS B 305 -26.13 -3.40 -13.54
N VAL B 306 -27.38 -2.95 -13.67
CA VAL B 306 -28.26 -2.68 -12.53
C VAL B 306 -29.51 -3.54 -12.66
N ILE B 307 -29.89 -4.19 -11.59
CA ILE B 307 -31.17 -4.89 -11.51
C ILE B 307 -31.96 -4.24 -10.39
N LEU B 308 -33.06 -3.58 -10.75
CA LEU B 308 -34.02 -3.11 -9.78
C LEU B 308 -34.93 -4.25 -9.34
N MET B 309 -35.22 -4.30 -8.04
CA MET B 309 -36.09 -5.34 -7.50
C MET B 309 -37.19 -4.75 -6.64
N SER B 310 -38.42 -5.22 -6.86
CA SER B 310 -39.60 -4.58 -6.31
C SER B 310 -40.71 -5.59 -6.07
N ALA B 311 -41.54 -5.30 -5.06
CA ALA B 311 -42.83 -5.99 -4.88
C ALA B 311 -43.83 -5.54 -5.95
N THR B 312 -45.04 -6.08 -5.95
CA THR B 312 -46.02 -5.52 -6.88
C THR B 312 -46.76 -4.42 -6.13
N VAL B 313 -46.09 -3.27 -6.02
CA VAL B 313 -46.61 -2.07 -5.35
C VAL B 313 -46.10 -0.88 -6.15
N ARG B 314 -46.95 -0.33 -7.01
CA ARG B 314 -46.55 0.69 -7.98
C ARG B 314 -45.25 0.37 -8.70
N GLU B 315 -45.09 -0.91 -9.11
CA GLU B 315 -43.89 -1.31 -9.84
C GLU B 315 -43.64 -0.46 -11.08
N GLN B 316 -44.71 0.01 -11.72
CA GLN B 316 -44.54 0.71 -12.99
C GLN B 316 -43.85 2.06 -12.84
N ASP B 317 -43.88 2.68 -11.64
CA ASP B 317 -43.13 3.91 -11.40
C ASP B 317 -41.64 3.74 -11.69
N PHE B 318 -41.07 2.60 -11.29
CA PHE B 318 -39.65 2.40 -11.49
C PHE B 318 -39.35 2.09 -12.92
N CYS B 319 -40.24 1.33 -13.56
CA CYS B 319 -40.16 1.12 -14.99
C CYS B 319 -40.15 2.45 -15.71
N ASP B 320 -41.14 3.30 -15.41
CA ASP B 320 -41.23 4.64 -16.02
C ASP B 320 -39.98 5.47 -15.72
N TYR B 321 -39.53 5.46 -14.46
CA TYR B 321 -38.41 6.30 -14.08
C TYR B 321 -37.15 5.96 -14.87
N PHE B 322 -36.95 4.71 -15.26
CA PHE B 322 -35.78 4.35 -16.03
C PHE B 322 -36.19 4.09 -17.48
N ASN B 323 -36.21 5.16 -18.29
CA ASN B 323 -36.75 5.09 -19.65
C ASN B 323 -38.04 4.27 -19.59
N ASN B 324 -38.15 3.19 -20.37
CA ASN B 324 -39.09 2.12 -20.03
C ASN B 324 -38.31 0.82 -20.15
N CYS B 325 -37.85 0.33 -19.03
CA CYS B 325 -36.87 -0.74 -19.04
C CYS B 325 -37.56 -2.10 -18.91
N PRO B 326 -36.87 -3.19 -19.29
CA PRO B 326 -37.47 -4.52 -19.13
C PRO B 326 -37.94 -4.77 -17.70
N MET B 327 -39.16 -5.28 -17.58
CA MET B 327 -39.73 -5.67 -16.31
C MET B 327 -40.16 -7.11 -16.39
N PHE B 328 -39.67 -7.92 -15.46
CA PHE B 328 -40.09 -9.30 -15.28
C PHE B 328 -41.08 -9.36 -14.13
N ARG B 329 -42.15 -10.13 -14.32
CA ARG B 329 -43.09 -10.44 -13.27
C ARG B 329 -42.92 -11.90 -12.90
N ILE B 330 -42.63 -12.15 -11.65
CA ILE B 330 -42.35 -13.48 -11.18
C ILE B 330 -43.41 -13.80 -10.16
N GLU B 331 -44.18 -14.85 -10.43
CA GLU B 331 -45.35 -15.15 -9.60
C GLU B 331 -44.90 -15.72 -8.26
N GLY B 332 -45.41 -15.17 -7.16
CA GLY B 332 -44.98 -15.63 -5.88
C GLY B 332 -45.58 -16.99 -5.64
N VAL B 333 -45.12 -17.68 -4.60
CA VAL B 333 -45.81 -18.90 -4.25
C VAL B 333 -45.92 -18.83 -2.73
N MET B 334 -47.14 -18.68 -2.24
CA MET B 334 -47.33 -18.39 -0.83
C MET B 334 -48.49 -19.25 -0.41
N PHE B 335 -48.85 -19.16 0.83
CA PHE B 335 -50.13 -19.85 0.92
C PHE B 335 -51.28 -18.89 0.60
N PRO B 336 -52.38 -19.40 0.05
CA PRO B 336 -53.57 -18.56 -0.10
C PRO B 336 -53.96 -17.92 1.23
N VAL B 337 -54.34 -16.66 1.17
CA VAL B 337 -54.92 -15.98 2.32
C VAL B 337 -56.23 -15.37 1.84
N LYS B 338 -57.33 -15.75 2.49
CA LYS B 338 -58.61 -15.17 2.16
C LYS B 338 -58.69 -13.78 2.81
N MET B 339 -59.24 -12.82 2.06
CA MET B 339 -59.46 -11.46 2.55
C MET B 339 -60.93 -11.29 2.88
N LEU B 340 -61.24 -11.03 4.14
CA LEU B 340 -62.57 -10.59 4.51
C LEU B 340 -62.56 -9.13 4.95
N TYR B 341 -63.65 -8.44 4.65
CA TYR B 341 -63.80 -7.03 4.98
C TYR B 341 -64.78 -6.86 6.13
N LEU B 342 -64.99 -5.60 6.51
CA LEU B 342 -65.82 -5.32 7.68
C LEU B 342 -67.21 -5.92 7.50
N GLU B 343 -67.77 -5.79 6.29
CA GLU B 343 -69.01 -6.46 5.93
C GLU B 343 -68.97 -7.94 6.27
N ASP B 344 -67.91 -8.63 5.85
CA ASP B 344 -67.83 -10.07 6.13
C ASP B 344 -67.66 -10.34 7.62
N VAL B 345 -66.85 -9.55 8.31
CA VAL B 345 -66.55 -9.85 9.71
C VAL B 345 -67.81 -9.76 10.55
N LEU B 346 -68.58 -8.71 10.32
CA LEU B 346 -69.83 -8.53 11.05
C LEU B 346 -70.86 -9.58 10.67
N SER B 347 -70.89 -10.00 9.40
CA SER B 347 -71.84 -11.02 9.01
C SER B 347 -71.53 -12.37 9.66
N LYS B 348 -70.28 -12.63 10.04
CA LYS B 348 -69.96 -13.86 10.75
C LYS B 348 -70.15 -13.74 12.26
N THR B 349 -69.68 -12.65 12.87
CA THR B 349 -69.72 -12.48 14.31
C THR B 349 -71.00 -11.87 14.85
N ASN B 350 -71.67 -11.02 14.06
CA ASN B 350 -72.87 -10.26 14.46
C ASN B 350 -72.69 -9.53 15.80
N TYR B 351 -71.46 -9.12 16.09
CA TYR B 351 -71.21 -8.25 17.22
C TYR B 351 -72.07 -6.99 17.06
N GLU B 352 -72.50 -6.39 18.16
CA GLU B 352 -73.20 -5.12 17.99
C GLU B 352 -72.60 -4.03 18.87
N PHE B 353 -72.50 -2.84 18.30
CA PHE B 353 -71.78 -1.71 18.89
C PHE B 353 -72.71 -0.85 19.74
N GLN B 354 -72.28 -0.51 20.95
CA GLN B 354 -72.91 0.54 21.75
C GLN B 354 -72.18 0.61 23.08
N LYS B 355 -72.49 1.66 23.84
CA LYS B 355 -72.15 1.83 25.27
C LYS B 355 -71.75 0.55 26.02
N ARG B 369 -67.66 13.29 11.83
CA ARG B 369 -68.84 13.69 11.06
C ARG B 369 -69.42 12.52 10.31
N MET B 370 -70.51 12.78 9.60
CA MET B 370 -70.86 11.95 8.45
C MET B 370 -71.21 12.89 7.28
N LYS B 371 -70.35 13.06 6.24
CA LYS B 371 -69.00 12.46 5.98
C LYS B 371 -68.99 10.93 5.85
N HIS B 372 -68.71 10.19 6.93
CA HIS B 372 -68.65 8.74 6.85
C HIS B 372 -69.73 8.13 5.98
N GLU B 373 -70.96 8.61 6.12
CA GLU B 373 -72.05 8.07 5.32
C GLU B 373 -71.97 8.53 3.87
N ALA B 374 -71.38 9.70 3.60
CA ALA B 374 -71.10 10.09 2.22
C ALA B 374 -70.18 9.09 1.56
N MET B 375 -69.28 8.46 2.33
CA MET B 375 -68.38 7.47 1.76
C MET B 375 -69.07 6.13 1.55
N ILE B 376 -69.76 5.62 2.57
CA ILE B 376 -70.10 4.22 2.50
C ILE B 376 -71.50 3.98 1.93
N GLU B 377 -72.36 5.01 1.87
CA GLU B 377 -73.76 4.80 1.48
C GLU B 377 -73.85 4.35 0.02
N PRO B 378 -73.08 4.93 -0.92
CA PRO B 378 -73.16 4.40 -2.32
C PRO B 378 -72.73 2.95 -2.45
N TYR B 379 -71.70 2.54 -1.69
CA TYR B 379 -71.27 1.15 -1.71
C TYR B 379 -72.38 0.21 -1.23
N LEU B 380 -73.01 0.56 -0.11
CA LEU B 380 -74.01 -0.33 0.47
C LEU B 380 -75.27 -0.42 -0.38
N ARG B 381 -75.50 0.57 -1.25
CA ARG B 381 -76.60 0.46 -2.20
C ARG B 381 -76.39 -0.72 -3.14
N ARG B 382 -75.14 -0.95 -3.59
CA ARG B 382 -74.91 -1.97 -4.60
C ARG B 382 -74.82 -3.38 -4.04
N ILE B 383 -74.55 -3.54 -2.75
CA ILE B 383 -74.41 -4.84 -2.10
C ILE B 383 -75.59 -5.20 -1.20
N ARG B 384 -76.69 -4.44 -1.25
CA ARG B 384 -77.83 -4.66 -0.36
C ARG B 384 -78.32 -6.12 -0.34
N ASN B 385 -78.27 -6.83 -1.47
CA ASN B 385 -78.70 -8.21 -1.56
C ASN B 385 -77.58 -9.23 -1.42
N SER B 386 -76.37 -8.81 -1.08
CA SER B 386 -75.32 -9.75 -0.72
C SER B 386 -75.04 -9.84 0.78
N TYR B 387 -75.66 -8.99 1.59
CA TYR B 387 -75.52 -9.04 3.04
C TYR B 387 -76.86 -8.74 3.71
N ASP B 388 -77.02 -9.30 4.91
CA ASP B 388 -78.22 -9.08 5.70
C ASP B 388 -78.46 -7.59 5.90
N SER B 389 -79.74 -7.23 6.01
CA SER B 389 -80.09 -5.83 6.23
C SER B 389 -79.35 -5.28 7.44
N ARG B 390 -79.30 -6.07 8.53
CA ARG B 390 -78.73 -5.60 9.79
C ARG B 390 -77.22 -5.41 9.72
N VAL B 391 -76.53 -6.16 8.86
CA VAL B 391 -75.07 -6.01 8.78
C VAL B 391 -74.72 -4.62 8.24
N LEU B 392 -75.41 -4.19 7.19
CA LEU B 392 -75.15 -2.91 6.55
C LEU B 392 -75.49 -1.70 7.42
N ASP B 393 -76.47 -1.78 8.33
CA ASP B 393 -76.70 -0.63 9.22
C ASP B 393 -75.53 -0.43 10.15
N LYS B 394 -74.95 -1.52 10.68
CA LYS B 394 -73.72 -1.41 11.46
C LYS B 394 -72.59 -0.76 10.66
N LEU B 395 -72.52 -1.01 9.35
CA LEU B 395 -71.45 -0.39 8.57
C LEU B 395 -71.64 1.12 8.42
N ARG B 396 -72.85 1.64 8.67
CA ARG B 396 -73.04 3.09 8.69
C ARG B 396 -72.64 3.71 10.02
N LEU B 397 -72.33 2.90 11.02
CA LEU B 397 -71.79 3.45 12.24
C LEU B 397 -70.32 3.81 11.98
N PRO B 398 -69.89 5.05 12.25
CA PRO B 398 -68.47 5.36 12.05
C PRO B 398 -67.54 4.60 12.98
N GLU B 399 -67.97 4.32 14.22
CA GLU B 399 -67.19 3.50 15.15
C GLU B 399 -66.96 2.08 14.66
N SER B 400 -67.72 1.60 13.68
CA SER B 400 -67.63 0.20 13.26
C SER B 400 -66.34 -0.12 12.50
N GLU B 401 -65.67 0.89 11.95
CA GLU B 401 -64.43 0.71 11.21
C GLU B 401 -63.22 1.17 12.02
N GLY B 402 -62.09 0.55 11.74
CA GLY B 402 -60.85 0.82 12.46
C GLY B 402 -60.81 0.02 13.74
N CYS B 403 -60.19 0.61 14.76
CA CYS B 403 -60.11 0.04 16.12
C CYS B 403 -60.83 0.87 17.20
N GLU B 404 -61.74 1.79 16.84
CA GLU B 404 -62.29 2.69 17.86
C GLU B 404 -63.01 1.92 18.98
N ASP B 405 -63.53 0.74 18.69
CA ASP B 405 -64.11 -0.15 19.70
C ASP B 405 -63.23 -1.40 19.78
N ILE B 406 -62.38 -1.47 20.81
CA ILE B 406 -61.47 -2.60 20.92
C ILE B 406 -62.20 -3.86 21.35
N ASP B 407 -63.36 -3.72 22.00
CA ASP B 407 -64.15 -4.90 22.33
C ASP B 407 -64.66 -5.61 21.08
N PHE B 408 -64.91 -4.85 20.00
CA PHE B 408 -65.21 -5.47 18.71
C PHE B 408 -64.05 -6.36 18.28
N ILE B 409 -62.83 -5.84 18.39
CA ILE B 409 -61.66 -6.66 18.08
C ILE B 409 -61.58 -7.84 19.02
N ALA B 410 -61.87 -7.61 20.31
CA ALA B 410 -61.82 -8.70 21.28
C ALA B 410 -62.78 -9.83 20.91
N ASP B 411 -64.01 -9.49 20.51
CA ASP B 411 -64.96 -10.53 20.15
C ASP B 411 -64.50 -11.26 18.91
N LEU B 412 -63.90 -10.53 17.97
CA LEU B 412 -63.46 -11.19 16.75
C LEU B 412 -62.27 -12.11 17.04
N VAL B 413 -61.41 -11.74 17.99
CA VAL B 413 -60.41 -12.68 18.47
C VAL B 413 -61.07 -13.92 19.03
N TYR B 414 -62.00 -13.72 19.97
CA TYR B 414 -62.68 -14.85 20.59
C TYR B 414 -63.41 -15.68 19.54
N TYR B 415 -63.95 -15.01 18.51
CA TYR B 415 -64.63 -15.72 17.43
C TYR B 415 -63.67 -16.64 16.70
N ILE B 416 -62.47 -16.17 16.44
CA ILE B 416 -61.50 -16.99 15.73
C ILE B 416 -61.11 -18.18 16.59
N CYS B 417 -61.06 -18.00 17.91
CA CYS B 417 -60.73 -19.12 18.80
C CYS B 417 -61.80 -20.20 18.78
N GLU B 418 -63.05 -19.83 18.51
CA GLU B 418 -64.17 -20.75 18.61
C GLU B 418 -64.29 -21.58 17.34
N ASN B 419 -64.48 -20.93 16.21
CA ASN B 419 -64.36 -21.59 14.92
C ASN B 419 -62.88 -21.62 14.53
N GLU B 420 -62.60 -22.04 13.32
CA GLU B 420 -61.29 -21.96 12.65
C GLU B 420 -60.22 -22.83 13.29
N PRO B 421 -59.35 -23.42 12.48
CA PRO B 421 -58.33 -24.35 12.99
C PRO B 421 -57.22 -23.70 13.78
N GLU B 422 -56.29 -24.55 14.24
CA GLU B 422 -55.11 -24.09 14.97
C GLU B 422 -54.36 -23.04 14.17
N GLY B 423 -54.00 -21.94 14.85
CA GLY B 423 -53.10 -20.97 14.26
C GLY B 423 -52.98 -19.73 15.12
N ALA B 424 -51.92 -18.95 14.93
CA ALA B 424 -51.75 -17.72 15.70
C ALA B 424 -52.49 -16.55 15.06
N ILE B 425 -52.92 -15.63 15.91
CA ILE B 425 -53.65 -14.45 15.48
C ILE B 425 -52.71 -13.26 15.62
N LEU B 426 -52.53 -12.52 14.55
CA LEU B 426 -51.71 -11.32 14.56
C LEU B 426 -52.66 -10.12 14.46
N VAL B 427 -52.74 -9.33 15.53
CA VAL B 427 -53.63 -8.17 15.60
C VAL B 427 -52.77 -6.92 15.39
N PHE B 428 -53.00 -6.21 14.29
CA PHE B 428 -52.32 -4.95 14.00
C PHE B 428 -53.14 -3.79 14.54
N LEU B 429 -52.63 -3.14 15.58
CA LEU B 429 -53.20 -1.93 16.14
C LEU B 429 -52.21 -0.77 15.98
N PRO B 430 -52.71 0.48 15.95
CA PRO B 430 -51.84 1.61 15.57
C PRO B 430 -50.69 1.85 16.52
N GLY B 431 -50.93 1.82 17.83
CA GLY B 431 -49.91 2.25 18.77
C GLY B 431 -49.98 1.63 20.14
N TYR B 432 -49.06 2.09 20.98
CA TYR B 432 -48.89 1.55 22.32
C TYR B 432 -50.21 1.53 23.10
N ASP B 433 -50.94 2.65 23.07
CA ASP B 433 -52.10 2.80 23.93
C ASP B 433 -53.21 1.82 23.54
N LYS B 434 -53.44 1.64 22.24
CA LYS B 434 -54.46 0.68 21.82
C LYS B 434 -53.99 -0.76 22.04
N ILE B 435 -52.68 -1.02 21.96
CA ILE B 435 -52.19 -2.35 22.30
C ILE B 435 -52.50 -2.66 23.76
N SER B 436 -52.23 -1.69 24.63
CA SER B 436 -52.50 -1.85 26.04
C SER B 436 -53.98 -2.12 26.30
N GLN B 437 -54.88 -1.39 25.63
CA GLN B 437 -56.29 -1.58 25.92
C GLN B 437 -56.77 -2.97 25.53
N LEU B 438 -56.32 -3.45 24.36
CA LEU B 438 -56.80 -4.77 23.96
C LEU B 438 -56.14 -5.87 24.79
N TYR B 439 -54.88 -5.66 25.19
CA TYR B 439 -54.23 -6.62 26.07
C TYR B 439 -55.02 -6.77 27.37
N ASN B 440 -55.43 -5.64 27.96
CA ASN B 440 -56.09 -5.69 29.25
C ASN B 440 -57.45 -6.34 29.17
N ILE B 441 -58.10 -6.28 28.01
CA ILE B 441 -59.36 -6.96 27.89
C ILE B 441 -59.18 -8.45 27.66
N LEU B 442 -58.16 -8.85 26.91
CA LEU B 442 -57.94 -10.28 26.76
C LEU B 442 -57.49 -10.89 28.08
N ASP B 443 -56.67 -10.16 28.84
CA ASP B 443 -56.04 -10.73 30.03
C ASP B 443 -56.94 -10.70 31.26
N LYS B 444 -57.74 -9.64 31.42
CA LYS B 444 -58.65 -9.51 32.55
C LYS B 444 -60.07 -9.24 32.02
N PRO B 445 -60.70 -10.24 31.42
CA PRO B 445 -61.93 -9.99 30.63
C PRO B 445 -63.15 -9.71 31.49
N LYS B 446 -63.93 -8.72 31.05
CA LYS B 446 -65.23 -8.41 31.61
C LYS B 446 -66.36 -9.21 30.98
N THR B 447 -66.14 -9.87 29.85
CA THR B 447 -67.21 -10.58 29.13
C THR B 447 -67.21 -12.05 29.52
N SER B 448 -68.40 -12.63 29.58
CA SER B 448 -68.52 -14.08 29.69
C SER B 448 -67.68 -14.80 28.63
N LYS B 449 -67.80 -14.35 27.39
CA LYS B 449 -67.10 -15.01 26.29
C LYS B 449 -65.58 -14.88 26.45
N GLY B 450 -65.11 -13.74 26.97
CA GLY B 450 -63.69 -13.57 27.23
C GLY B 450 -63.18 -14.34 28.44
N GLN B 451 -63.93 -14.30 29.55
CA GLN B 451 -63.64 -15.12 30.74
C GLN B 451 -63.32 -16.55 30.33
N ARG B 452 -64.15 -17.08 29.44
CA ARG B 452 -64.03 -18.45 28.98
C ARG B 452 -62.69 -18.68 28.28
N TRP B 453 -62.25 -17.72 27.46
CA TRP B 453 -61.08 -17.92 26.60
C TRP B 453 -59.75 -17.48 27.22
N ARG B 454 -59.73 -16.95 28.44
CA ARG B 454 -58.55 -16.21 28.92
C ARG B 454 -57.32 -17.09 29.04
N ASP B 455 -57.47 -18.32 29.51
CA ASP B 455 -56.34 -19.22 29.72
C ASP B 455 -56.16 -20.17 28.56
N HIS B 456 -56.94 -20.03 27.51
CA HIS B 456 -56.73 -20.74 26.26
C HIS B 456 -56.06 -19.85 25.22
N MET B 457 -55.56 -18.69 25.63
CA MET B 457 -54.82 -17.77 24.78
C MET B 457 -53.48 -17.43 25.41
N ALA B 458 -52.43 -17.43 24.59
CA ALA B 458 -51.14 -16.87 24.96
C ALA B 458 -50.95 -15.52 24.27
N VAL B 459 -50.97 -14.43 25.02
CA VAL B 459 -51.08 -13.08 24.47
C VAL B 459 -49.76 -12.32 24.62
N PHE B 460 -49.21 -11.88 23.49
CA PHE B 460 -47.93 -11.18 23.42
C PHE B 460 -48.11 -9.79 22.83
N PRO B 461 -47.86 -8.72 23.59
CA PRO B 461 -47.74 -7.39 22.96
C PRO B 461 -46.42 -7.25 22.20
N LEU B 462 -46.47 -6.59 21.04
CA LEU B 462 -45.29 -6.46 20.19
C LEU B 462 -45.15 -5.01 19.72
N HIS B 463 -44.04 -4.38 20.12
CA HIS B 463 -43.84 -2.95 19.97
C HIS B 463 -42.34 -2.67 19.99
N SER B 464 -41.92 -1.65 19.23
CA SER B 464 -40.49 -1.37 19.15
C SER B 464 -39.90 -1.04 20.51
N LEU B 465 -40.73 -0.54 21.43
CA LEU B 465 -40.38 -0.24 22.81
C LEU B 465 -40.61 -1.38 23.79
N MET B 466 -41.00 -2.56 23.33
CA MET B 466 -41.29 -3.67 24.24
C MET B 466 -40.27 -4.77 24.01
N GLN B 467 -40.09 -5.61 25.02
CA GLN B 467 -39.01 -6.59 24.95
C GLN B 467 -39.39 -7.81 24.11
N SER B 468 -40.69 -8.08 23.97
CA SER B 468 -41.13 -9.36 23.40
C SER B 468 -40.50 -9.66 22.04
N GLY B 469 -40.23 -8.63 21.22
CA GLY B 469 -39.64 -8.85 19.91
C GLY B 469 -38.18 -9.22 19.95
N GLU B 470 -37.49 -8.95 21.07
CA GLU B 470 -36.12 -9.36 21.30
C GLU B 470 -36.00 -10.64 22.13
N GLN B 471 -37.11 -11.23 22.58
CA GLN B 471 -37.10 -12.52 23.20
C GLN B 471 -37.70 -13.51 22.20
N GLN B 472 -37.65 -14.80 22.52
CA GLN B 472 -38.06 -15.77 21.51
C GLN B 472 -39.37 -16.47 21.81
N ALA B 473 -40.06 -16.10 22.89
CA ALA B 473 -41.37 -16.69 23.19
C ALA B 473 -42.38 -16.38 22.08
N VAL B 474 -42.46 -15.11 21.67
CA VAL B 474 -43.44 -14.71 20.68
C VAL B 474 -43.20 -15.38 19.32
N PHE B 475 -42.03 -15.99 19.10
CA PHE B 475 -41.77 -16.67 17.83
C PHE B 475 -42.11 -18.15 17.83
N ARG B 476 -42.32 -18.75 18.99
CA ARG B 476 -42.66 -20.15 19.07
C ARG B 476 -44.15 -20.49 19.06
N ARG B 477 -44.40 -21.76 18.71
CA ARG B 477 -45.60 -22.52 18.96
C ARG B 477 -46.16 -22.28 20.37
N PRO B 478 -47.47 -21.98 20.52
CA PRO B 478 -48.00 -21.82 21.88
C PRO B 478 -48.11 -23.16 22.57
N PRO B 479 -48.16 -23.19 23.91
CA PRO B 479 -48.38 -24.45 24.62
C PRO B 479 -49.71 -25.10 24.25
N ALA B 480 -49.75 -26.43 24.37
CA ALA B 480 -50.90 -27.21 23.94
C ALA B 480 -52.17 -26.73 24.64
N GLY B 481 -53.24 -26.59 23.86
CA GLY B 481 -54.50 -26.06 24.34
C GLY B 481 -54.59 -24.55 24.35
N GLN B 482 -53.47 -23.85 24.17
CA GLN B 482 -53.46 -22.39 24.09
C GLN B 482 -53.22 -21.92 22.66
N ARG B 483 -53.91 -20.85 22.28
CA ARG B 483 -53.74 -20.20 21.00
C ARG B 483 -52.92 -18.93 21.15
N LYS B 484 -51.99 -18.71 20.24
CA LYS B 484 -51.17 -17.52 20.33
C LYS B 484 -51.87 -16.33 19.68
N VAL B 485 -51.88 -15.19 20.40
CA VAL B 485 -52.52 -13.95 20.00
C VAL B 485 -51.47 -12.85 20.14
N ILE B 486 -51.08 -12.24 19.03
CA ILE B 486 -50.06 -11.18 19.04
C ILE B 486 -50.71 -9.84 18.76
N ILE B 487 -50.48 -8.89 19.65
CA ILE B 487 -51.01 -7.54 19.53
C ILE B 487 -49.83 -6.64 19.17
N SER B 488 -49.78 -6.18 17.92
CA SER B 488 -48.58 -5.54 17.39
C SER B 488 -48.92 -4.22 16.70
N THR B 489 -47.92 -3.34 16.65
CA THR B 489 -47.92 -2.23 15.71
C THR B 489 -47.48 -2.74 14.33
N ILE B 490 -47.28 -1.79 13.41
CA ILE B 490 -46.83 -2.02 12.04
C ILE B 490 -45.53 -2.83 12.02
N ILE B 491 -44.83 -2.90 13.16
CA ILE B 491 -43.53 -3.57 13.23
C ILE B 491 -43.58 -5.03 12.73
N ALA B 492 -44.71 -5.72 12.88
CA ALA B 492 -44.79 -7.09 12.39
C ALA B 492 -45.15 -7.16 10.91
N GLU B 493 -45.29 -6.01 10.23
CA GLU B 493 -45.56 -6.02 8.79
C GLU B 493 -44.34 -6.49 8.01
N THR B 494 -43.15 -5.95 8.33
CA THR B 494 -41.90 -6.40 7.69
C THR B 494 -40.85 -6.80 8.71
N SER B 495 -40.46 -5.84 9.57
CA SER B 495 -39.26 -6.00 10.41
C SER B 495 -39.26 -7.27 11.24
N VAL B 496 -40.37 -7.59 11.88
CA VAL B 496 -40.48 -8.76 12.74
C VAL B 496 -41.47 -9.71 12.08
N THR B 497 -41.14 -11.00 12.08
CA THR B 497 -41.90 -11.99 11.32
C THR B 497 -42.19 -13.20 12.18
N ILE B 498 -43.47 -13.43 12.48
CA ILE B 498 -43.87 -14.63 13.22
C ILE B 498 -44.44 -15.60 12.20
N ASP B 499 -43.94 -16.83 12.22
CA ASP B 499 -44.22 -17.73 11.11
C ASP B 499 -45.46 -18.59 11.30
N ASP B 500 -45.91 -18.80 12.53
CA ASP B 500 -47.09 -19.63 12.75
C ASP B 500 -48.36 -18.80 12.76
N VAL B 501 -48.28 -17.54 12.34
CA VAL B 501 -49.47 -16.71 12.24
C VAL B 501 -50.30 -17.26 11.09
N VAL B 502 -51.54 -17.65 11.39
CA VAL B 502 -52.50 -18.02 10.36
C VAL B 502 -53.62 -17.00 10.19
N TYR B 503 -53.75 -16.02 11.08
CA TYR B 503 -54.84 -15.08 10.98
C TYR B 503 -54.34 -13.70 11.30
N VAL B 504 -54.60 -12.77 10.41
CA VAL B 504 -54.29 -11.38 10.63
C VAL B 504 -55.59 -10.62 10.79
N ILE B 505 -55.71 -9.87 11.90
CA ILE B 505 -56.74 -8.87 12.09
C ILE B 505 -56.09 -7.53 11.79
N ASN B 506 -56.49 -6.92 10.69
CA ASN B 506 -55.91 -5.66 10.26
C ASN B 506 -56.92 -4.56 10.55
N SER B 507 -56.67 -3.79 11.62
CA SER B 507 -57.53 -2.67 11.92
C SER B 507 -57.45 -1.59 10.85
N GLY B 508 -56.36 -1.56 10.08
CA GLY B 508 -56.23 -0.52 9.08
C GLY B 508 -55.84 0.83 9.62
N ARG B 509 -55.41 0.91 10.88
CA ARG B 509 -54.99 2.18 11.44
C ARG B 509 -53.57 2.03 11.94
N THR B 510 -52.78 3.06 11.71
CA THR B 510 -51.38 3.14 12.14
C THR B 510 -51.14 4.58 12.60
N LYS B 511 -49.96 4.83 13.12
CA LYS B 511 -49.51 6.17 13.49
C LYS B 511 -48.40 6.61 12.55
N ALA B 512 -48.37 7.90 12.27
CA ALA B 512 -47.40 8.42 11.31
C ALA B 512 -46.93 9.81 11.73
N THR B 513 -45.71 10.14 11.32
CA THR B 513 -45.19 11.48 11.54
C THR B 513 -45.49 12.34 10.32
N ASN B 514 -45.90 13.56 10.59
CA ASN B 514 -46.15 14.52 9.53
C ASN B 514 -45.41 15.80 9.90
N TYR B 515 -44.86 16.45 8.88
CA TYR B 515 -44.14 17.69 9.10
C TYR B 515 -44.92 18.79 8.42
N ASP B 516 -45.39 19.74 9.21
CA ASP B 516 -45.98 20.95 8.64
C ASP B 516 -44.82 21.92 8.46
N ILE B 517 -44.47 22.18 7.20
CA ILE B 517 -43.23 22.90 6.92
C ILE B 517 -43.28 24.33 7.42
N GLU B 518 -44.44 24.96 7.38
CA GLU B 518 -44.49 26.39 7.68
C GLU B 518 -44.88 26.72 9.12
N THR B 519 -45.35 25.76 9.93
CA THR B 519 -45.47 26.01 11.36
C THR B 519 -44.30 25.45 12.18
N ASN B 520 -43.38 24.73 11.52
CA ASN B 520 -42.27 23.99 12.17
C ASN B 520 -42.72 23.17 13.38
N ILE B 521 -43.88 22.52 13.27
CA ILE B 521 -44.37 21.62 14.32
C ILE B 521 -44.54 20.25 13.72
N GLN B 522 -43.81 19.27 14.26
CA GLN B 522 -43.97 17.88 13.84
C GLN B 522 -44.98 17.17 14.73
N SER B 523 -45.83 16.37 14.11
CA SER B 523 -46.88 15.68 14.84
C SER B 523 -46.88 14.19 14.50
N LEU B 524 -47.43 13.41 15.43
CA LEU B 524 -47.62 11.98 15.28
C LEU B 524 -49.12 11.73 15.36
N ASP B 525 -49.73 11.32 14.26
CA ASP B 525 -51.17 11.19 14.21
C ASP B 525 -51.59 9.78 13.81
N GLU B 526 -52.75 9.38 14.32
CA GLU B 526 -53.34 8.12 13.93
C GLU B 526 -54.00 8.31 12.57
N VAL B 527 -53.66 7.44 11.61
CA VAL B 527 -54.12 7.57 10.24
C VAL B 527 -54.52 6.20 9.69
N TRP B 528 -55.21 6.22 8.55
CA TRP B 528 -55.47 4.97 7.83
C TRP B 528 -54.20 4.47 7.15
N VAL B 529 -54.06 3.15 7.10
CA VAL B 529 -52.95 2.53 6.36
C VAL B 529 -53.20 2.73 4.88
N THR B 530 -52.29 2.25 4.05
CA THR B 530 -52.45 2.34 2.59
C THR B 530 -52.80 0.97 2.01
N LYS B 531 -53.15 0.97 0.73
CA LYS B 531 -53.37 -0.32 0.05
C LYS B 531 -52.13 -1.22 0.14
N ALA B 532 -50.94 -0.64 -0.02
CA ALA B 532 -49.71 -1.44 0.08
C ALA B 532 -49.52 -2.02 1.47
N ASN B 533 -49.90 -1.29 2.53
CA ASN B 533 -49.84 -1.85 3.87
C ASN B 533 -50.73 -3.08 3.99
N THR B 534 -52.00 -2.96 3.57
CA THR B 534 -52.96 -4.04 3.68
C THR B 534 -52.48 -5.27 2.90
N GLN B 535 -52.01 -5.04 1.67
CA GLN B 535 -51.48 -6.11 0.85
C GLN B 535 -50.38 -6.84 1.59
N GLN B 536 -49.50 -6.08 2.24
CA GLN B 536 -48.37 -6.68 2.92
C GLN B 536 -48.81 -7.41 4.20
N ARG B 537 -49.80 -6.87 4.93
CA ARG B 537 -50.26 -7.55 6.14
C ARG B 537 -50.97 -8.86 5.83
N ARG B 538 -51.62 -8.92 4.68
CA ARG B 538 -52.31 -10.13 4.29
C ARG B 538 -51.36 -11.32 4.12
N GLY B 539 -50.18 -11.07 3.54
CA GLY B 539 -49.18 -12.12 3.40
C GLY B 539 -48.64 -12.64 4.72
N ARG B 540 -48.78 -11.87 5.80
CA ARG B 540 -48.31 -12.31 7.11
C ARG B 540 -49.06 -13.53 7.61
N ALA B 541 -50.26 -13.79 7.11
CA ALA B 541 -51.01 -14.96 7.50
C ALA B 541 -50.77 -16.16 6.58
N GLY B 542 -50.05 -15.97 5.47
CA GLY B 542 -49.93 -17.02 4.49
C GLY B 542 -48.60 -17.77 4.48
N ARG B 543 -47.90 -17.80 5.62
CA ARG B 543 -46.54 -18.32 5.60
C ARG B 543 -46.38 -19.78 6.04
N VAL B 544 -47.32 -20.35 6.81
CA VAL B 544 -47.27 -21.80 7.06
C VAL B 544 -48.38 -22.61 6.39
N ARG B 545 -49.44 -21.99 5.91
CA ARG B 545 -50.68 -22.69 5.57
C ARG B 545 -51.73 -21.65 5.20
N PRO B 546 -52.81 -22.01 4.51
CA PRO B 546 -53.80 -20.99 4.12
C PRO B 546 -54.28 -20.21 5.34
N GLY B 547 -54.20 -18.89 5.23
CA GLY B 547 -54.55 -17.99 6.30
C GLY B 547 -55.80 -17.19 5.97
N ILE B 548 -56.18 -16.35 6.94
CA ILE B 548 -57.32 -15.44 6.80
C ILE B 548 -56.89 -14.06 7.30
N CYS B 549 -57.21 -13.02 6.54
CA CYS B 549 -56.92 -11.65 6.90
C CYS B 549 -58.24 -10.93 7.07
N TYR B 550 -58.55 -10.53 8.32
CA TYR B 550 -59.77 -9.79 8.62
C TYR B 550 -59.46 -8.30 8.63
N ASN B 551 -59.97 -7.58 7.65
CA ASN B 551 -59.83 -6.14 7.58
C ASN B 551 -61.05 -5.49 8.23
N LEU B 552 -60.79 -4.62 9.20
CA LEU B 552 -61.77 -3.94 10.04
C LEU B 552 -62.29 -2.65 9.41
N PHE B 553 -62.37 -2.65 8.08
CA PHE B 553 -62.96 -1.55 7.33
C PHE B 553 -63.61 -2.08 6.06
N SER B 554 -64.58 -1.34 5.54
CA SER B 554 -65.30 -1.76 4.35
C SER B 554 -64.43 -1.60 3.09
N ARG B 555 -64.81 -2.28 2.01
CA ARG B 555 -64.05 -2.05 0.78
C ARG B 555 -64.35 -0.70 0.20
N ALA B 556 -65.41 -0.03 0.64
CA ALA B 556 -65.56 1.37 0.29
C ALA B 556 -64.47 2.19 0.94
N ARG B 557 -64.12 1.88 2.19
CA ARG B 557 -62.97 2.58 2.80
C ARG B 557 -61.66 2.18 2.13
N GLU B 558 -61.53 0.91 1.69
CA GLU B 558 -60.28 0.47 1.06
C GLU B 558 -59.96 1.30 -0.18
N ASP B 559 -60.96 1.61 -1.00
CA ASP B 559 -60.70 2.33 -2.23
C ASP B 559 -60.56 3.82 -1.98
N ARG B 560 -60.88 4.31 -0.80
CA ARG B 560 -60.46 5.68 -0.54
C ARG B 560 -59.07 5.74 0.07
N MET B 561 -58.42 4.60 0.31
CA MET B 561 -57.07 4.58 0.84
C MET B 561 -56.05 4.85 -0.27
N ASP B 562 -54.93 5.43 0.13
CA ASP B 562 -53.81 5.66 -0.77
C ASP B 562 -53.17 4.35 -1.23
N ASP B 563 -52.48 4.43 -2.38
CA ASP B 563 -51.70 3.31 -2.88
C ASP B 563 -50.54 3.01 -1.94
N ILE B 564 -49.72 4.02 -1.66
CA ILE B 564 -48.52 3.83 -0.83
C ILE B 564 -48.42 4.96 0.20
N PRO B 565 -47.67 4.73 1.28
CA PRO B 565 -47.44 5.81 2.25
C PRO B 565 -46.67 6.93 1.60
N THR B 566 -46.72 8.08 2.22
CA THR B 566 -46.02 9.22 1.69
C THR B 566 -44.54 8.91 1.63
N PRO B 567 -43.90 9.00 0.47
CA PRO B 567 -42.50 8.56 0.38
C PRO B 567 -41.58 9.31 1.35
N GLU B 568 -40.68 8.56 1.99
CA GLU B 568 -39.98 9.01 3.14
C GLU B 568 -39.13 10.25 2.89
N ILE B 569 -38.74 10.54 1.64
CA ILE B 569 -37.99 11.77 1.37
C ILE B 569 -38.86 13.03 1.28
N LEU B 570 -40.19 12.92 1.24
CA LEU B 570 -40.98 14.14 1.37
C LEU B 570 -41.32 14.50 2.82
N ARG B 571 -41.07 13.61 3.78
CA ARG B 571 -41.25 13.92 5.19
C ARG B 571 -39.95 14.14 5.94
N SER B 572 -38.81 14.28 5.25
CA SER B 572 -37.50 14.14 5.88
C SER B 572 -36.69 15.43 5.87
N LYS B 573 -35.92 15.63 6.96
CA LYS B 573 -34.90 16.67 7.01
C LYS B 573 -33.86 16.44 5.92
N LEU B 574 -33.48 17.50 5.21
CA LEU B 574 -32.55 17.33 4.09
C LEU B 574 -31.12 17.78 4.34
N GLU B 575 -30.77 18.27 5.53
CA GLU B 575 -29.41 18.75 5.80
C GLU B 575 -28.38 17.69 5.45
N SER B 576 -28.56 16.47 5.95
CA SER B 576 -27.57 15.41 5.77
C SER B 576 -27.35 15.12 4.29
N ILE B 577 -28.43 15.01 3.53
CA ILE B 577 -28.38 14.64 2.13
C ILE B 577 -27.67 15.71 1.33
N ILE B 578 -28.04 16.97 1.58
CA ILE B 578 -27.45 18.08 0.83
C ILE B 578 -25.95 18.10 1.04
N LEU B 579 -25.53 17.90 2.27
CA LEU B 579 -24.13 17.90 2.60
C LEU B 579 -23.41 16.71 1.97
N SER B 580 -23.97 15.52 2.15
CA SER B 580 -23.42 14.32 1.54
C SER B 580 -23.25 14.51 0.05
N LEU B 581 -24.23 15.16 -0.62
CA LEU B 581 -24.15 15.30 -2.07
C LEU B 581 -23.00 16.20 -2.51
N LYS B 582 -22.53 17.11 -1.66
CA LYS B 582 -21.39 17.95 -2.06
C LYS B 582 -20.12 17.12 -2.24
N LEU B 583 -19.96 16.02 -1.48
CA LEU B 583 -18.77 15.19 -1.59
C LEU B 583 -18.75 14.38 -2.86
N LEU B 584 -19.93 14.11 -3.43
CA LEU B 584 -20.11 13.50 -4.76
C LEU B 584 -20.05 14.52 -5.89
N HIS B 585 -19.65 15.77 -5.59
CA HIS B 585 -19.55 16.84 -6.57
C HIS B 585 -20.91 17.14 -7.20
N ILE B 586 -21.97 16.93 -6.44
CA ILE B 586 -23.30 17.38 -6.84
C ILE B 586 -23.55 18.61 -5.98
N ASP B 587 -23.28 19.79 -6.53
CA ASP B 587 -23.25 20.97 -5.69
C ASP B 587 -24.56 21.76 -5.71
N ASP B 588 -25.45 21.46 -6.64
CA ASP B 588 -26.74 22.14 -6.62
C ASP B 588 -27.83 21.18 -6.15
N PRO B 589 -28.28 21.27 -4.90
CA PRO B 589 -29.31 20.33 -4.44
C PRO B 589 -30.63 20.49 -5.16
N TYR B 590 -30.98 21.68 -5.60
CA TYR B 590 -32.21 21.85 -6.34
C TYR B 590 -32.27 20.98 -7.55
N ARG B 591 -31.30 21.19 -8.42
CA ARG B 591 -31.37 20.52 -9.68
C ARG B 591 -31.34 19.01 -9.49
N PHE B 592 -30.51 18.51 -8.57
CA PHE B 592 -30.44 17.05 -8.45
C PHE B 592 -31.69 16.49 -7.80
N LEU B 593 -32.10 17.08 -6.67
CA LEU B 593 -33.23 16.51 -5.94
C LEU B 593 -34.51 16.58 -6.75
N GLN B 594 -34.63 17.58 -7.63
CA GLN B 594 -35.77 17.66 -8.53
C GLN B 594 -35.86 16.47 -9.47
N THR B 595 -34.76 15.71 -9.67
CA THR B 595 -34.78 14.57 -10.59
C THR B 595 -35.27 13.27 -9.94
N LEU B 596 -35.46 13.24 -8.62
CA LEU B 596 -35.93 12.02 -7.97
C LEU B 596 -37.37 11.70 -8.40
N ILE B 597 -37.77 10.43 -8.23
CA ILE B 597 -39.13 10.01 -8.60
C ILE B 597 -40.16 10.94 -7.97
N ASN B 598 -39.92 11.39 -6.75
CA ASN B 598 -40.75 12.42 -6.13
C ASN B 598 -39.84 13.52 -5.64
N ALA B 599 -39.91 14.66 -6.30
CA ALA B 599 -39.10 15.80 -5.92
C ALA B 599 -39.52 16.30 -4.55
N PRO B 600 -38.59 16.50 -3.63
CA PRO B 600 -38.96 17.13 -2.36
C PRO B 600 -39.32 18.58 -2.59
N ASN B 601 -40.05 19.12 -1.63
CA ASN B 601 -40.40 20.51 -1.66
C ASN B 601 -39.14 21.37 -1.69
N PRO B 602 -38.97 22.25 -2.68
CA PRO B 602 -37.84 23.18 -2.63
C PRO B 602 -37.82 24.08 -1.39
N GLU B 603 -38.94 24.25 -0.70
CA GLU B 603 -38.89 24.95 0.58
C GLU B 603 -38.08 24.17 1.60
N ALA B 604 -38.18 22.84 1.59
CA ALA B 604 -37.41 22.00 2.52
C ALA B 604 -35.92 21.97 2.19
N ILE B 605 -35.57 22.07 0.91
CA ILE B 605 -34.18 22.09 0.48
C ILE B 605 -33.53 23.39 0.97
N LYS B 606 -34.31 24.50 0.90
CA LYS B 606 -33.84 25.83 1.29
C LYS B 606 -33.82 25.93 2.81
N MET B 607 -34.63 25.13 3.52
CA MET B 607 -34.50 25.06 4.97
C MET B 607 -33.23 24.30 5.40
N GLY B 608 -32.82 23.32 4.60
CA GLY B 608 -31.63 22.55 4.88
C GLY B 608 -30.37 23.32 4.54
N VAL B 609 -30.35 23.99 3.39
CA VAL B 609 -29.20 24.83 3.06
C VAL B 609 -29.04 25.90 4.14
N GLU B 610 -30.15 26.42 4.67
CA GLU B 610 -30.04 27.48 5.66
C GLU B 610 -29.52 26.95 6.97
N LEU B 611 -29.92 25.74 7.32
CA LEU B 611 -29.40 25.14 8.54
C LEU B 611 -27.90 24.92 8.42
N LEU B 612 -27.46 24.38 7.29
CA LEU B 612 -26.03 24.13 7.08
C LEU B 612 -25.25 25.43 7.06
N LYS B 613 -25.86 26.52 6.61
CA LYS B 613 -25.17 27.80 6.66
C LYS B 613 -25.01 28.28 8.10
N ARG B 614 -26.05 28.07 8.92
CA ARG B 614 -26.04 28.53 10.30
C ARG B 614 -24.97 27.81 11.13
N ILE B 615 -24.90 26.48 11.04
CA ILE B 615 -23.84 25.71 11.68
C ILE B 615 -22.52 25.83 10.94
N GLU B 616 -22.51 26.54 9.81
CA GLU B 616 -21.30 26.95 9.08
C GLU B 616 -20.63 25.78 8.36
N ALA B 617 -21.43 24.80 7.89
CA ALA B 617 -20.94 23.77 6.99
C ALA B 617 -20.88 24.24 5.54
N LEU B 618 -21.73 25.20 5.18
CA LEU B 618 -21.65 25.92 3.92
C LEU B 618 -21.40 27.39 4.21
N ASP B 619 -20.66 28.04 3.32
CA ASP B 619 -20.46 29.48 3.41
C ASP B 619 -21.69 30.21 2.87
N GLN B 620 -21.66 31.55 2.89
CA GLN B 620 -22.81 32.32 2.41
C GLN B 620 -23.16 31.99 0.97
N THR B 621 -22.14 31.64 0.18
CA THR B 621 -22.35 31.25 -1.22
C THR B 621 -23.09 29.93 -1.35
N GLY B 622 -23.13 29.12 -0.30
CA GLY B 622 -23.67 27.79 -0.41
C GLY B 622 -22.61 26.74 -0.61
N THR B 623 -21.35 27.13 -0.57
CA THR B 623 -20.24 26.28 -0.90
C THR B 623 -19.70 25.62 0.37
N LEU B 624 -19.24 24.40 0.21
CA LEU B 624 -18.74 23.61 1.32
C LEU B 624 -17.59 24.31 2.03
N THR B 625 -17.67 24.37 3.33
CA THR B 625 -16.56 24.81 4.16
C THR B 625 -15.72 23.62 4.57
N PRO B 626 -14.49 23.85 5.02
CA PRO B 626 -13.72 22.74 5.61
C PRO B 626 -14.44 22.00 6.74
N LEU B 627 -15.15 22.71 7.63
CA LEU B 627 -15.85 21.96 8.67
C LEU B 627 -16.97 21.11 8.09
N GLY B 628 -17.68 21.66 7.10
CA GLY B 628 -18.70 20.89 6.42
C GLY B 628 -18.20 19.65 5.70
N MET B 629 -16.95 19.67 5.22
CA MET B 629 -16.44 18.47 4.60
C MET B 629 -16.20 17.37 5.64
N HIS B 630 -15.76 17.75 6.83
CA HIS B 630 -15.68 16.78 7.92
C HIS B 630 -17.07 16.26 8.27
N LEU B 631 -18.06 17.15 8.37
CA LEU B 631 -19.40 16.72 8.74
C LEU B 631 -20.01 15.80 7.69
N ALA B 632 -19.69 16.03 6.40
CA ALA B 632 -20.25 15.15 5.37
C ALA B 632 -19.63 13.76 5.41
N LYS B 633 -18.41 13.64 5.89
CA LYS B 633 -17.76 12.34 5.97
C LYS B 633 -18.13 11.59 7.25
N LEU B 634 -18.98 12.17 8.13
CA LEU B 634 -19.30 11.38 9.31
C LEU B 634 -20.71 10.84 9.22
N PRO B 635 -20.89 9.60 9.65
CA PRO B 635 -22.15 8.87 9.48
C PRO B 635 -23.23 9.26 10.49
N ILE B 636 -23.50 10.56 10.59
CA ILE B 636 -24.45 11.05 11.57
C ILE B 636 -24.91 12.40 11.08
N ASP B 637 -26.04 12.86 11.61
CA ASP B 637 -26.58 14.13 11.13
C ASP B 637 -25.60 15.24 11.46
N PRO B 638 -25.52 16.29 10.61
CA PRO B 638 -24.42 17.26 10.74
C PRO B 638 -24.35 18.01 12.08
N GLN B 639 -25.46 18.30 12.74
CA GLN B 639 -25.38 18.99 14.03
C GLN B 639 -24.68 18.14 15.06
N MET B 640 -25.03 16.87 15.12
CA MET B 640 -24.41 16.00 16.10
C MET B 640 -23.01 15.57 15.69
N GLY B 641 -22.72 15.58 14.38
CA GLY B 641 -21.33 15.51 13.96
C GLY B 641 -20.51 16.66 14.51
N LYS B 642 -21.09 17.87 14.49
CA LYS B 642 -20.38 19.03 15.04
C LYS B 642 -20.18 18.87 16.53
N MET B 643 -21.19 18.36 17.25
CA MET B 643 -21.08 18.14 18.69
C MET B 643 -19.96 17.16 19.01
N ILE B 644 -19.85 16.13 18.16
CA ILE B 644 -18.85 15.08 18.34
C ILE B 644 -17.45 15.63 18.11
N LEU B 645 -17.28 16.51 17.13
CA LEU B 645 -15.97 17.12 16.90
C LEU B 645 -15.59 18.07 18.02
N MET B 646 -16.52 18.93 18.44
CA MET B 646 -16.25 19.82 19.56
C MET B 646 -15.76 19.02 20.74
N SER B 647 -16.38 17.85 20.97
CA SER B 647 -16.05 17.05 22.15
C SER B 647 -14.62 16.54 22.08
N ALA B 648 -14.08 16.33 20.87
CA ALA B 648 -12.65 16.07 20.71
C ALA B 648 -11.83 17.28 21.14
N LEU B 649 -12.13 18.46 20.59
CA LEU B 649 -11.36 19.66 20.93
C LEU B 649 -11.39 19.93 22.42
N PHE B 650 -12.52 19.66 23.07
CA PHE B 650 -12.76 19.94 24.48
C PHE B 650 -12.56 18.73 25.39
N CYS B 651 -12.00 17.63 24.89
CA CYS B 651 -11.62 16.49 25.71
C CYS B 651 -12.76 15.98 26.57
N CYS B 652 -13.95 15.84 25.97
CA CYS B 652 -14.94 15.00 26.62
C CYS B 652 -15.57 14.10 25.56
N LEU B 653 -14.88 13.03 25.21
CA LEU B 653 -15.31 12.29 24.04
C LEU B 653 -16.33 11.24 24.39
N ASP B 654 -16.12 10.54 25.52
CA ASP B 654 -17.00 9.44 25.88
C ASP B 654 -18.43 9.88 26.18
N PRO B 655 -18.69 10.85 27.04
CA PRO B 655 -20.10 11.20 27.28
C PRO B 655 -20.77 11.72 26.02
N ILE B 656 -20.06 12.50 25.22
CA ILE B 656 -20.73 13.19 24.14
C ILE B 656 -21.06 12.22 23.01
N THR B 657 -20.14 11.29 22.71
CA THR B 657 -20.49 10.30 21.71
C THR B 657 -21.64 9.43 22.19
N SER B 658 -21.72 9.16 23.50
CA SER B 658 -22.89 8.47 24.03
C SER B 658 -24.15 9.27 23.74
N ALA B 659 -24.13 10.59 23.97
CA ALA B 659 -25.28 11.41 23.64
C ALA B 659 -25.59 11.30 22.15
N ALA B 660 -24.56 11.44 21.33
CA ALA B 660 -24.77 11.47 19.91
C ALA B 660 -25.34 10.14 19.39
N ALA B 661 -24.80 9.03 19.88
CA ALA B 661 -25.22 7.73 19.39
C ALA B 661 -26.67 7.43 19.76
N ALA B 662 -27.13 7.89 20.92
CA ALA B 662 -28.50 7.62 21.32
C ALA B 662 -29.49 8.42 20.48
N LEU B 663 -29.18 9.69 20.20
CA LEU B 663 -30.02 10.49 19.33
C LEU B 663 -29.96 10.00 17.89
N SER B 664 -28.82 9.42 17.50
CA SER B 664 -28.70 8.94 16.13
C SER B 664 -29.39 7.60 15.95
N PHE B 665 -29.53 6.83 17.02
CA PHE B 665 -30.13 5.53 16.89
C PHE B 665 -31.41 5.52 17.79
N LYS B 666 -31.29 5.06 19.03
CA LYS B 666 -32.47 5.05 19.91
C LYS B 666 -32.03 4.90 21.36
N SER B 667 -32.96 5.16 22.28
CA SER B 667 -32.71 4.90 23.69
C SER B 667 -32.69 3.39 23.96
N PRO B 668 -31.82 2.93 24.88
CA PRO B 668 -31.77 1.50 25.22
C PRO B 668 -32.92 1.00 26.07
N PHE B 669 -33.73 1.90 26.64
CA PHE B 669 -34.77 1.50 27.58
C PHE B 669 -36.00 0.94 26.86
N TYR B 670 -36.48 -0.21 27.31
CA TYR B 670 -37.81 -0.70 26.99
C TYR B 670 -38.86 0.07 27.77
N SER B 671 -40.12 -0.05 27.33
CA SER B 671 -41.28 0.44 28.07
C SER B 671 -42.31 -0.67 28.13
N PRO B 672 -42.13 -1.65 29.02
CA PRO B 672 -43.04 -2.80 29.04
C PRO B 672 -44.39 -2.44 29.66
N LEU B 673 -45.42 -3.13 29.16
CA LEU B 673 -46.79 -2.89 29.61
C LEU B 673 -46.90 -3.00 31.13
N GLY B 674 -47.55 -2.01 31.74
CA GLY B 674 -47.84 -2.04 33.16
C GLY B 674 -46.69 -1.65 34.05
N LYS B 675 -45.49 -1.53 33.51
CA LYS B 675 -44.28 -1.25 34.27
C LYS B 675 -43.81 0.21 34.14
N GLU B 676 -44.63 1.10 33.59
CA GLU B 676 -44.17 2.45 33.26
C GLU B 676 -43.69 3.19 34.51
N SER B 677 -44.45 3.10 35.61
CA SER B 677 -44.05 3.75 36.85
C SER B 677 -42.66 3.35 37.28
N ARG B 678 -42.27 2.10 36.96
CA ARG B 678 -40.98 1.61 37.39
C ARG B 678 -39.84 2.04 36.45
N VAL B 679 -40.11 2.14 35.16
CA VAL B 679 -39.07 2.59 34.25
C VAL B 679 -38.83 4.07 34.40
N ASP B 680 -39.89 4.84 34.67
CA ASP B 680 -39.70 6.25 35.01
C ASP B 680 -38.68 6.40 36.13
N GLU B 681 -38.70 5.48 37.08
CA GLU B 681 -37.87 5.59 38.27
C GLU B 681 -36.45 5.08 38.02
N ILE B 682 -36.27 4.05 37.20
CA ILE B 682 -34.92 3.63 36.79
C ILE B 682 -34.23 4.73 35.99
N LYS B 683 -34.96 5.38 35.09
CA LYS B 683 -34.38 6.45 34.30
C LYS B 683 -33.99 7.62 35.18
N ARG B 684 -34.77 7.86 36.23
CA ARG B 684 -34.42 8.94 37.15
C ARG B 684 -33.14 8.60 37.92
N ARG B 685 -32.99 7.34 38.36
CA ARG B 685 -31.75 6.93 39.02
C ARG B 685 -30.56 7.01 38.07
N MET B 686 -30.69 6.48 36.85
CA MET B 686 -29.59 6.60 35.89
C MET B 686 -29.30 8.03 35.52
N ALA B 687 -30.30 8.92 35.61
CA ALA B 687 -30.08 10.33 35.28
C ALA B 687 -29.25 11.05 36.33
N ARG B 688 -29.07 10.45 37.52
CA ARG B 688 -28.19 10.98 38.56
C ARG B 688 -28.41 12.45 38.86
N ASN B 689 -29.67 12.88 38.80
CA ASN B 689 -30.06 14.27 39.08
C ASN B 689 -29.37 15.29 38.17
N MET B 690 -28.97 14.89 36.97
CA MET B 690 -28.27 15.78 36.05
C MET B 690 -29.20 16.47 35.05
N ARG B 691 -30.51 16.23 35.12
CA ARG B 691 -31.51 16.91 34.30
C ARG B 691 -31.22 16.82 32.81
N SER B 692 -30.70 15.67 32.37
CA SER B 692 -30.42 15.47 30.95
C SER B 692 -30.76 14.06 30.51
N ASP B 693 -31.63 13.94 29.51
CA ASP B 693 -31.83 12.65 28.89
C ASP B 693 -30.55 12.15 28.22
N HIS B 694 -29.72 13.07 27.73
CA HIS B 694 -28.51 12.67 27.02
C HIS B 694 -27.40 12.17 27.95
N LEU B 695 -27.16 12.84 29.09
CA LEU B 695 -26.19 12.24 29.98
C LEU B 695 -26.78 11.06 30.74
N MET B 696 -28.11 10.98 30.83
CA MET B 696 -28.75 9.81 31.40
C MET B 696 -28.36 8.54 30.63
N VAL B 697 -28.35 8.62 29.28
CA VAL B 697 -27.93 7.49 28.45
C VAL B 697 -26.46 7.18 28.66
N HIS B 698 -25.63 8.21 28.82
CA HIS B 698 -24.22 7.92 29.02
C HIS B 698 -23.99 7.16 30.31
N ASN B 699 -24.60 7.62 31.41
CA ASN B 699 -24.52 6.92 32.70
C ASN B 699 -25.05 5.49 32.57
N THR B 700 -26.13 5.32 31.80
CA THR B 700 -26.61 3.96 31.53
C THR B 700 -25.51 3.13 30.92
N ILE B 701 -24.72 3.72 30.02
CA ILE B 701 -23.68 2.96 29.34
C ILE B 701 -22.50 2.71 30.27
N ILE B 702 -22.20 3.67 31.15
CA ILE B 702 -21.19 3.42 32.17
C ILE B 702 -21.58 2.24 33.05
N ALA B 703 -22.86 2.19 33.47
CA ALA B 703 -23.32 1.08 34.27
C ALA B 703 -23.30 -0.23 33.47
N TYR B 704 -23.55 -0.15 32.16
CA TYR B 704 -23.52 -1.36 31.35
C TYR B 704 -22.10 -1.90 31.17
N ARG B 705 -21.09 -1.02 31.07
CA ARG B 705 -19.72 -1.52 30.98
C ARG B 705 -19.28 -2.17 32.28
N ASP B 706 -19.67 -1.59 33.41
CA ASP B 706 -19.30 -2.16 34.69
C ASP B 706 -19.97 -3.51 34.91
N SER B 707 -21.17 -3.67 34.36
CA SER B 707 -21.87 -4.95 34.52
C SER B 707 -21.25 -6.04 33.65
N ARG B 708 -20.61 -5.66 32.53
CA ARG B 708 -19.86 -6.64 31.74
C ARG B 708 -18.58 -7.04 32.45
N TYR B 709 -17.88 -6.06 33.00
CA TYR B 709 -16.68 -6.34 33.78
C TYR B 709 -16.99 -7.10 35.07
N SER B 710 -18.25 -7.07 35.54
CA SER B 710 -18.65 -7.85 36.71
C SER B 710 -19.35 -9.15 36.34
N HIS B 711 -19.44 -9.47 35.04
CA HIS B 711 -20.18 -10.65 34.56
C HIS B 711 -21.61 -10.66 35.09
N ALA B 712 -22.20 -9.48 35.25
CA ALA B 712 -23.57 -9.27 35.71
C ALA B 712 -24.53 -8.77 34.63
N GLU B 713 -24.17 -8.86 33.33
CA GLU B 713 -24.88 -8.12 32.28
C GLU B 713 -26.38 -8.42 32.25
N ARG B 714 -26.75 -9.71 32.25
CA ARG B 714 -28.17 -10.08 32.18
C ARG B 714 -28.94 -9.58 33.39
N ASP B 715 -28.37 -9.74 34.58
CA ASP B 715 -29.00 -9.21 35.77
C ASP B 715 -29.14 -7.69 35.69
N PHE B 716 -28.09 -6.99 35.25
CA PHE B 716 -28.15 -5.55 35.01
C PHE B 716 -29.26 -5.19 34.01
N CYS B 717 -29.29 -5.84 32.83
CA CYS B 717 -30.28 -5.45 31.81
C CYS B 717 -31.71 -5.74 32.26
N TYR B 718 -31.90 -6.87 32.94
CA TYR B 718 -33.20 -7.23 33.49
C TYR B 718 -33.70 -6.20 34.50
N LYS B 719 -32.92 -5.92 35.55
CA LYS B 719 -33.36 -5.04 36.63
C LYS B 719 -33.75 -3.65 36.14
N ASN B 720 -33.09 -3.17 35.09
CA ASN B 720 -33.28 -1.80 34.63
C ASN B 720 -34.05 -1.67 33.33
N PHE B 721 -34.69 -2.74 32.85
CA PHE B 721 -35.49 -2.70 31.62
C PHE B 721 -34.68 -2.13 30.45
N LEU B 722 -33.52 -2.73 30.23
CA LEU B 722 -32.58 -2.26 29.23
C LEU B 722 -32.43 -3.30 28.12
N SER B 723 -32.28 -2.81 26.91
CA SER B 723 -31.99 -3.70 25.79
C SER B 723 -30.48 -3.81 25.67
N SER B 724 -29.95 -4.99 26.00
CA SER B 724 -28.52 -5.23 25.86
C SER B 724 -28.07 -5.12 24.41
N MET B 725 -28.96 -5.41 23.47
CA MET B 725 -28.55 -5.38 22.08
C MET B 725 -28.49 -3.95 21.56
N THR B 726 -29.33 -3.05 22.09
CA THR B 726 -29.19 -1.63 21.76
C THR B 726 -27.93 -1.05 22.40
N LEU B 727 -27.63 -1.45 23.65
CA LEU B 727 -26.42 -0.95 24.29
C LEU B 727 -25.20 -1.40 23.53
N GLN B 728 -25.23 -2.63 23.01
CA GLN B 728 -24.09 -3.11 22.24
C GLN B 728 -23.91 -2.32 20.95
N GLN B 729 -25.03 -1.88 20.33
CA GLN B 729 -24.90 -1.10 19.11
C GLN B 729 -24.49 0.34 19.42
N LEU B 730 -25.04 0.92 20.49
CA LEU B 730 -24.59 2.25 20.92
C LEU B 730 -23.09 2.20 21.17
N GLU B 731 -22.61 1.12 21.77
CA GLU B 731 -21.17 1.14 22.01
C GLU B 731 -20.36 0.95 20.74
N ARG B 732 -20.79 0.17 19.74
CA ARG B 732 -19.86 0.19 18.64
C ARG B 732 -20.05 1.39 17.71
N MET B 733 -21.23 2.01 17.72
CA MET B 733 -21.31 3.33 17.10
C MET B 733 -20.31 4.30 17.75
N LYS B 734 -20.24 4.28 19.09
CA LYS B 734 -19.28 5.13 19.80
C LYS B 734 -17.85 4.86 19.32
N ASN B 735 -17.46 3.57 19.24
CA ASN B 735 -16.15 3.20 18.72
C ASN B 735 -15.94 3.66 17.28
N GLN B 736 -16.98 3.66 16.46
CA GLN B 736 -16.79 4.09 15.08
C GLN B 736 -16.49 5.59 15.02
N PHE B 737 -17.25 6.39 15.78
CA PHE B 737 -16.95 7.82 15.85
C PHE B 737 -15.54 8.05 16.36
N SER B 738 -15.08 7.28 17.35
CA SER B 738 -13.78 7.68 17.85
C SER B 738 -12.69 7.26 16.87
N GLU B 739 -12.90 6.17 16.10
CA GLU B 739 -11.88 5.82 15.09
C GLU B 739 -11.87 6.82 13.95
N LEU B 740 -13.05 7.26 13.48
CA LEU B 740 -13.07 8.24 12.39
C LEU B 740 -12.35 9.51 12.81
N LEU B 741 -12.73 10.04 13.98
CA LEU B 741 -12.09 11.23 14.51
C LEU B 741 -10.59 11.04 14.68
N TYR B 742 -10.16 9.82 14.96
CA TYR B 742 -8.72 9.53 15.02
C TYR B 742 -8.08 9.60 13.64
N ASN B 743 -8.72 8.96 12.65
CA ASN B 743 -8.18 9.01 11.30
C ASN B 743 -8.26 10.40 10.69
N TYR B 744 -9.25 11.18 11.11
CA TYR B 744 -9.32 12.56 10.67
C TYR B 744 -8.35 13.45 11.43
N LYS B 745 -7.53 12.86 12.30
CA LYS B 745 -6.48 13.54 13.03
C LYS B 745 -7.04 14.52 14.07
N PHE B 746 -8.26 14.30 14.55
CA PHE B 746 -8.82 15.10 15.63
C PHE B 746 -8.59 14.50 17.01
N LEU B 747 -8.19 13.24 17.08
CA LEU B 747 -7.94 12.56 18.35
C LEU B 747 -6.56 11.94 18.34
N ALA B 748 -5.90 11.95 19.51
CA ALA B 748 -4.63 11.27 19.64
C ALA B 748 -4.82 9.76 19.65
N SER B 749 -5.94 9.26 20.17
CA SER B 749 -6.23 7.82 20.21
C SER B 749 -7.59 7.54 19.60
N SER B 750 -7.73 6.35 19.02
CA SER B 750 -9.01 5.90 18.47
C SER B 750 -9.88 5.20 19.51
N ASN B 751 -9.45 5.11 20.75
CA ASN B 751 -10.19 4.46 21.81
C ASN B 751 -11.06 5.53 22.48
N CYS B 752 -12.38 5.42 22.32
CA CYS B 752 -13.22 6.52 22.81
C CYS B 752 -13.25 6.60 24.33
N LYS B 753 -12.71 5.61 25.04
CA LYS B 753 -12.56 5.64 26.49
C LYS B 753 -11.23 6.20 26.93
N ASP B 754 -10.39 6.63 26.00
CA ASP B 754 -9.03 7.06 26.33
C ASP B 754 -8.98 8.24 27.30
N ALA B 755 -7.99 8.20 28.20
CA ALA B 755 -7.88 9.20 29.27
C ALA B 755 -7.58 10.58 28.72
N ALA B 756 -6.69 10.68 27.72
CA ALA B 756 -6.36 11.98 27.14
C ALA B 756 -7.59 12.64 26.52
N SER B 757 -8.46 11.86 25.89
CA SER B 757 -9.65 12.37 25.25
C SER B 757 -10.77 12.68 26.24
N ASN B 758 -10.66 12.21 27.49
CA ASN B 758 -11.72 12.42 28.47
C ASN B 758 -11.36 13.28 29.66
N LYS B 759 -10.28 14.06 29.61
CA LYS B 759 -9.86 14.79 30.80
C LYS B 759 -10.94 15.69 31.40
N ASN B 760 -11.92 16.16 30.62
CA ASN B 760 -13.06 16.89 31.18
C ASN B 760 -14.36 16.11 31.19
N SER B 761 -14.33 14.79 30.95
CA SER B 761 -15.60 14.07 30.79
C SER B 761 -16.44 14.03 32.06
N GLU B 762 -15.90 14.42 33.21
CA GLU B 762 -16.68 14.51 34.43
C GLU B 762 -17.09 15.94 34.80
N LYS B 763 -16.78 16.93 33.98
CA LYS B 763 -17.23 18.29 34.29
C LYS B 763 -18.60 18.47 33.63
N ILE B 764 -19.64 18.36 34.45
CA ILE B 764 -21.00 18.40 33.92
C ILE B 764 -21.31 19.73 33.27
N PRO B 765 -20.90 20.87 33.83
CA PRO B 765 -21.13 22.14 33.12
C PRO B 765 -20.53 22.14 31.73
N LEU B 766 -19.36 21.55 31.55
CA LEU B 766 -18.79 21.46 30.22
C LEU B 766 -19.64 20.57 29.30
N LEU B 767 -20.17 19.46 29.82
CA LEU B 767 -20.94 18.57 28.97
C LEU B 767 -22.27 19.20 28.54
N ARG B 768 -22.88 20.01 29.41
CA ARG B 768 -24.06 20.74 28.99
C ARG B 768 -23.72 21.70 27.85
N ALA B 769 -22.54 22.32 27.92
CA ALA B 769 -22.18 23.25 26.86
C ALA B 769 -22.04 22.54 25.53
N ILE B 770 -21.40 21.37 25.53
CA ILE B 770 -21.13 20.70 24.27
C ILE B 770 -22.40 20.10 23.69
N ILE B 771 -23.28 19.59 24.55
CA ILE B 771 -24.60 19.11 24.11
C ILE B 771 -25.40 20.26 23.53
N GLY B 772 -25.37 21.41 24.21
CA GLY B 772 -26.06 22.58 23.68
C GLY B 772 -25.47 23.06 22.37
N ALA B 773 -24.16 22.94 22.20
CA ALA B 773 -23.57 23.35 20.93
C ALA B 773 -24.11 22.51 19.79
N GLY B 774 -24.49 21.26 20.08
CA GLY B 774 -25.06 20.42 19.06
C GLY B 774 -26.55 20.58 18.88
N LEU B 775 -27.28 20.81 19.97
CA LEU B 775 -28.73 20.91 19.89
C LEU B 775 -29.22 22.31 19.62
N TYR B 776 -28.37 23.30 19.80
CA TYR B 776 -28.68 24.68 19.38
C TYR B 776 -29.01 24.68 17.87
N PRO B 777 -30.01 25.47 17.44
CA PRO B 777 -30.85 26.36 18.28
C PRO B 777 -32.13 25.83 18.82
N ASN B 778 -32.27 24.60 19.29
CA ASN B 778 -33.54 24.17 19.87
C ASN B 778 -33.41 24.44 21.37
N MET B 779 -34.01 25.54 21.80
CA MET B 779 -33.98 25.95 23.19
C MET B 779 -35.41 26.11 23.68
N ALA B 780 -35.59 25.88 24.98
CA ALA B 780 -36.85 26.16 25.63
C ALA B 780 -36.53 26.80 26.97
N HIS B 781 -37.52 27.52 27.49
CA HIS B 781 -37.38 28.25 28.74
C HIS B 781 -38.57 27.89 29.62
N LEU B 782 -38.30 27.44 30.84
CA LEU B 782 -39.34 27.06 31.79
C LEU B 782 -39.58 28.22 32.73
N ARG B 783 -40.83 28.64 32.88
CA ARG B 783 -41.13 29.74 33.80
C ARG B 783 -42.05 29.51 35.01
N LYS B 784 -42.63 28.34 35.24
CA LYS B 784 -43.56 28.28 36.38
C LYS B 784 -43.49 26.93 37.09
N SER B 785 -44.42 26.70 38.02
CA SER B 785 -44.12 26.15 39.33
C SER B 785 -45.21 25.21 39.84
N ARG B 786 -44.77 24.26 40.67
CA ARG B 786 -45.59 23.47 41.62
C ARG B 786 -44.65 22.78 42.61
N ARG B 793 -45.33 15.40 42.00
CA ARG B 793 -44.97 15.92 40.68
C ARG B 793 -45.54 17.34 40.43
N ALA B 794 -44.98 18.05 39.45
CA ALA B 794 -45.23 19.47 39.23
C ALA B 794 -45.77 19.77 37.84
N ILE B 795 -46.48 20.92 37.72
CA ILE B 795 -46.92 21.45 36.44
C ILE B 795 -45.87 22.44 35.95
N HIS B 796 -45.76 22.58 34.63
CA HIS B 796 -44.68 23.34 34.00
C HIS B 796 -45.28 24.33 33.03
N THR B 797 -44.88 25.60 33.13
CA THR B 797 -45.15 26.59 32.10
C THR B 797 -43.85 26.87 31.37
N MET B 798 -43.75 26.37 30.14
CA MET B 798 -42.50 26.39 29.39
C MET B 798 -42.83 26.67 27.95
N ALA B 799 -41.88 27.27 27.22
CA ALA B 799 -42.07 27.54 25.81
C ALA B 799 -40.75 27.51 25.08
N THR B 800 -40.78 27.02 23.85
CA THR B 800 -39.63 27.07 22.96
C THR B 800 -39.40 28.50 22.50
N ASP B 801 -38.19 28.75 21.97
CA ASP B 801 -37.76 30.10 21.65
C ASP B 801 -38.60 30.77 20.58
N ASP B 802 -39.52 30.04 19.94
CA ASP B 802 -40.48 30.63 19.03
C ASP B 802 -41.77 31.02 19.74
N GLY B 803 -41.80 30.92 21.06
CA GLY B 803 -42.95 31.32 21.83
C GLY B 803 -43.96 30.24 22.05
N ARG B 804 -43.92 29.17 21.26
CA ARG B 804 -44.91 28.11 21.39
C ARG B 804 -44.75 27.43 22.74
N ARG B 805 -45.85 27.26 23.43
CA ARG B 805 -45.80 26.62 24.73
C ARG B 805 -45.61 25.09 24.57
N VAL B 806 -44.67 24.55 25.34
CA VAL B 806 -44.28 23.14 25.27
C VAL B 806 -44.29 22.52 26.66
N ASN B 807 -44.27 21.19 26.70
CA ASN B 807 -43.99 20.47 27.93
C ASN B 807 -43.05 19.30 27.63
N PHE B 808 -42.36 18.83 28.68
CA PHE B 808 -41.50 17.65 28.55
C PHE B 808 -42.35 16.41 28.28
N HIS B 809 -41.90 15.59 27.33
CA HIS B 809 -42.61 14.34 27.10
C HIS B 809 -42.49 13.45 28.33
N PRO B 810 -43.58 12.82 28.76
CA PRO B 810 -43.55 12.06 30.02
C PRO B 810 -42.50 10.93 30.07
N SER B 811 -41.93 10.54 28.93
CA SER B 811 -40.83 9.59 28.93
C SER B 811 -39.46 10.25 29.12
N SER B 812 -39.39 11.57 29.08
CA SER B 812 -38.16 12.28 29.44
C SER B 812 -37.99 12.27 30.96
N VAL B 813 -36.73 12.17 31.43
CA VAL B 813 -36.46 12.28 32.85
C VAL B 813 -36.88 13.63 33.41
N ASN B 814 -36.98 14.67 32.57
CA ASN B 814 -37.29 15.97 33.12
C ASN B 814 -38.77 16.20 33.38
N SER B 815 -39.67 15.35 32.86
CA SER B 815 -41.09 15.65 32.99
C SER B 815 -41.51 15.53 34.46
N GLY B 816 -42.18 16.57 34.95
CA GLY B 816 -42.68 16.59 36.31
C GLY B 816 -41.67 16.96 37.37
N GLU B 817 -40.39 17.12 37.02
CA GLU B 817 -39.39 17.48 38.01
C GLU B 817 -39.57 18.94 38.40
N SER B 818 -39.13 19.27 39.60
CA SER B 818 -39.11 20.64 40.10
C SER B 818 -37.75 20.91 40.71
N GLY B 819 -37.39 22.20 40.76
CA GLY B 819 -36.11 22.60 41.31
C GLY B 819 -34.92 22.41 40.41
N PHE B 820 -35.03 22.84 39.14
CA PHE B 820 -33.90 22.87 38.22
C PHE B 820 -32.99 24.06 38.55
N ASP B 821 -31.67 23.86 38.46
CA ASP B 821 -30.74 24.98 38.63
C ASP B 821 -30.92 26.05 37.56
N SER B 822 -31.30 25.63 36.37
CA SER B 822 -31.44 26.55 35.27
C SER B 822 -32.81 26.31 34.61
N ALA B 823 -33.41 27.39 34.16
CA ALA B 823 -34.70 27.33 33.51
C ALA B 823 -34.57 27.08 32.01
N TYR B 824 -33.35 26.85 31.52
CA TYR B 824 -33.10 26.72 30.10
C TYR B 824 -32.79 25.28 29.73
N PHE B 825 -33.28 24.87 28.57
CA PHE B 825 -33.18 23.51 28.08
C PHE B 825 -32.94 23.50 26.59
N VAL B 826 -32.20 22.51 26.13
CA VAL B 826 -32.11 22.21 24.72
C VAL B 826 -32.70 20.83 24.48
N TYR B 827 -33.12 20.60 23.25
CA TYR B 827 -33.81 19.39 22.85
C TYR B 827 -33.43 19.04 21.42
N PHE B 828 -33.47 17.75 21.12
CA PHE B 828 -33.27 17.30 19.76
C PHE B 828 -34.56 17.33 18.98
N GLN B 829 -35.66 16.86 19.56
CA GLN B 829 -36.86 16.71 18.79
C GLN B 829 -38.10 17.13 19.57
N ARG B 830 -38.88 18.01 18.96
CA ARG B 830 -40.18 18.41 19.47
C ARG B 830 -41.27 17.74 18.65
N GLN B 831 -42.33 17.33 19.32
CA GLN B 831 -43.36 16.56 18.64
C GLN B 831 -44.69 16.81 19.29
N LYS B 832 -45.74 16.96 18.46
CA LYS B 832 -47.10 17.21 18.94
C LYS B 832 -47.87 15.92 18.87
N SER B 833 -48.51 15.54 19.98
CA SER B 833 -49.57 14.55 19.91
C SER B 833 -50.84 15.05 20.62
N THR B 834 -51.00 14.75 21.90
CA THR B 834 -52.01 15.42 22.71
C THR B 834 -51.60 16.85 23.03
N ASP B 835 -50.31 17.12 22.94
CA ASP B 835 -49.70 18.37 23.33
C ASP B 835 -48.38 18.47 22.57
N LEU B 836 -47.78 19.65 22.60
CA LEU B 836 -46.47 19.86 21.99
C LEU B 836 -45.39 19.48 23.00
N PHE B 837 -44.69 18.38 22.74
CA PHE B 837 -43.78 17.77 23.71
C PHE B 837 -42.35 17.87 23.25
N LEU B 838 -41.45 18.05 24.21
CA LEU B 838 -40.01 17.89 24.00
C LEU B 838 -39.67 16.42 24.27
N LEU B 839 -39.14 15.72 23.29
CA LEU B 839 -38.99 14.28 23.52
C LEU B 839 -37.76 13.92 24.34
N ASP B 840 -36.80 14.83 24.40
CA ASP B 840 -35.52 14.65 25.07
C ASP B 840 -35.04 16.04 25.43
N SER B 841 -34.33 16.16 26.54
CA SER B 841 -33.87 17.50 26.88
C SER B 841 -32.67 17.44 27.78
N THR B 842 -31.85 18.49 27.69
CA THR B 842 -30.80 18.72 28.68
C THR B 842 -30.92 20.14 29.19
N MET B 843 -30.90 20.28 30.51
CA MET B 843 -30.80 21.58 31.16
C MET B 843 -29.44 22.19 30.88
N VAL B 844 -29.42 23.42 30.36
CA VAL B 844 -28.18 24.07 29.95
C VAL B 844 -28.14 25.42 30.65
N PHE B 845 -26.95 26.03 30.67
CA PHE B 845 -26.79 27.30 31.37
C PHE B 845 -26.56 28.43 30.37
N PRO B 846 -27.07 29.64 30.68
CA PRO B 846 -26.98 30.75 29.71
C PRO B 846 -25.56 31.06 29.25
N MET B 847 -24.56 31.04 30.14
CA MET B 847 -23.20 31.29 29.68
C MET B 847 -22.79 30.30 28.60
N ALA B 848 -23.26 29.05 28.67
CA ALA B 848 -22.91 28.07 27.65
C ALA B 848 -23.56 28.40 26.31
N LEU B 849 -24.86 28.75 26.34
CA LEU B 849 -25.49 29.15 25.09
C LEU B 849 -24.82 30.39 24.51
N ILE B 850 -24.44 31.34 25.34
CA ILE B 850 -23.86 32.58 24.82
C ILE B 850 -22.52 32.30 24.13
N ILE B 851 -21.75 31.36 24.68
CA ILE B 851 -20.43 31.09 24.11
C ILE B 851 -20.56 30.36 22.78
N PHE B 852 -21.37 29.32 22.73
CA PHE B 852 -21.40 28.51 21.54
C PHE B 852 -22.50 28.87 20.54
N GLY B 853 -23.46 29.71 20.93
CA GLY B 853 -24.55 30.08 20.04
C GLY B 853 -24.19 31.22 19.11
N ASP B 854 -25.23 31.88 18.60
CA ASP B 854 -25.07 33.02 17.72
C ASP B 854 -26.14 34.04 18.07
N GLY B 855 -26.16 35.16 17.36
CA GLY B 855 -27.10 36.21 17.73
C GLY B 855 -26.75 36.81 19.08
N VAL B 856 -25.47 37.05 19.32
CA VAL B 856 -24.97 37.53 20.60
C VAL B 856 -24.64 39.01 20.45
N GLU B 857 -25.28 39.81 21.28
CA GLU B 857 -25.16 41.25 21.21
C GLU B 857 -25.09 41.77 22.64
N ALA B 858 -24.26 42.78 22.87
CA ALA B 858 -24.17 43.47 24.16
C ALA B 858 -24.90 44.80 24.07
N GLY B 859 -25.53 45.20 25.16
CA GLY B 859 -26.23 46.46 25.09
C GLY B 859 -26.81 46.91 26.41
N VAL B 860 -27.70 47.89 26.31
CA VAL B 860 -28.42 48.43 27.45
C VAL B 860 -29.86 48.69 27.03
N THR B 861 -30.81 48.20 27.83
CA THR B 861 -32.24 48.24 27.57
C THR B 861 -32.99 49.00 28.64
N GLN B 862 -32.73 48.78 29.93
CA GLN B 862 -33.28 49.76 30.85
C GLN B 862 -32.37 50.97 30.96
N ASN B 863 -31.61 51.01 32.05
CA ASN B 863 -30.25 51.52 32.15
C ASN B 863 -29.36 50.36 32.53
N THR B 864 -29.91 49.15 32.35
CA THR B 864 -29.29 47.88 32.69
C THR B 864 -28.48 47.36 31.50
N PRO B 865 -27.18 47.11 31.65
CA PRO B 865 -26.44 46.42 30.59
C PRO B 865 -26.88 44.97 30.46
N TYR B 866 -26.91 44.48 29.22
CA TYR B 866 -27.33 43.12 28.97
C TYR B 866 -26.38 42.41 28.01
N LEU B 867 -26.52 41.08 28.00
CA LEU B 867 -25.92 40.24 26.96
C LEU B 867 -26.99 39.26 26.48
N CYS B 868 -27.12 39.10 25.17
CA CYS B 868 -28.18 38.27 24.63
C CYS B 868 -27.63 37.12 23.80
N VAL B 869 -28.48 36.12 23.61
CA VAL B 869 -28.22 35.01 22.70
C VAL B 869 -29.44 34.84 21.83
N ALA B 870 -29.20 34.57 20.54
CA ALA B 870 -30.21 34.30 19.50
C ALA B 870 -31.21 35.44 19.31
N LYS B 871 -30.84 36.67 19.70
CA LYS B 871 -31.78 37.78 19.68
C LYS B 871 -33.11 37.40 20.31
N THR B 872 -33.05 36.54 21.32
CA THR B 872 -34.24 35.94 21.91
C THR B 872 -34.23 36.04 23.43
N TYR B 873 -33.18 35.51 24.06
CA TYR B 873 -33.03 35.52 25.50
C TYR B 873 -32.01 36.57 25.89
N TYR B 874 -32.42 37.51 26.75
CA TYR B 874 -31.58 38.62 27.19
C TYR B 874 -31.23 38.47 28.67
N PHE B 875 -29.95 38.51 28.98
CA PHE B 875 -29.46 38.28 30.34
C PHE B 875 -28.76 39.51 30.89
N LYS B 876 -29.01 39.81 32.16
CA LYS B 876 -28.26 40.87 32.83
C LYS B 876 -26.77 40.55 32.80
N CYS B 877 -25.97 41.47 32.29
CA CYS B 877 -24.54 41.21 32.26
C CYS B 877 -23.81 42.54 32.25
N ASN B 878 -22.75 42.65 33.05
CA ASN B 878 -21.97 43.87 33.09
C ASN B 878 -21.08 44.01 31.84
N ARG B 879 -20.60 45.22 31.61
CA ARG B 879 -19.80 45.48 30.41
C ARG B 879 -18.50 44.69 30.41
N GLU B 880 -17.79 44.65 31.55
CA GLU B 880 -16.47 44.03 31.55
C GLU B 880 -16.54 42.55 31.18
N THR B 881 -17.60 41.84 31.61
CA THR B 881 -17.75 40.45 31.23
C THR B 881 -18.28 40.32 29.80
N ALA B 882 -19.27 41.13 29.44
CA ALA B 882 -19.75 41.14 28.05
C ALA B 882 -18.58 41.35 27.10
N ASP B 883 -17.76 42.35 27.35
CA ASP B 883 -16.65 42.60 26.42
C ASP B 883 -15.71 41.40 26.38
N VAL B 884 -15.54 40.69 27.50
CA VAL B 884 -14.65 39.53 27.52
C VAL B 884 -15.27 38.34 26.77
N VAL B 885 -16.56 38.08 26.99
CA VAL B 885 -17.22 36.97 26.32
C VAL B 885 -17.25 37.19 24.81
N ILE B 886 -17.51 38.42 24.38
CA ILE B 886 -17.54 38.72 22.95
C ILE B 886 -16.17 38.50 22.33
N GLN B 887 -15.11 38.92 23.03
CA GLN B 887 -13.77 38.63 22.54
C GLN B 887 -13.52 37.12 22.51
N LEU B 888 -13.97 36.42 23.55
CA LEU B 888 -13.79 34.97 23.60
C LEU B 888 -14.50 34.29 22.44
N ARG B 889 -15.66 34.79 22.06
CA ARG B 889 -16.40 34.16 20.97
C ARG B 889 -15.66 34.32 19.65
N SER B 890 -14.96 35.45 19.48
CA SER B 890 -14.19 35.66 18.25
C SER B 890 -13.00 34.71 18.17
N ASN B 891 -12.25 34.54 19.27
CA ASN B 891 -11.14 33.61 19.18
C ASN B 891 -11.61 32.15 19.10
N LEU B 892 -12.83 31.87 19.56
CA LEU B 892 -13.35 30.52 19.37
C LEU B 892 -13.67 30.24 17.89
N GLU B 893 -14.21 31.24 17.18
CA GLU B 893 -14.46 31.01 15.76
C GLU B 893 -13.17 30.78 15.02
N LYS B 894 -12.14 31.56 15.32
CA LYS B 894 -10.89 31.45 14.62
C LYS B 894 -10.22 30.11 14.93
N LEU B 895 -10.39 29.63 16.17
CA LEU B 895 -9.84 28.32 16.54
C LEU B 895 -10.52 27.20 15.77
N LEU B 896 -11.85 27.21 15.74
CA LEU B 896 -12.60 26.19 15.00
C LEU B 896 -12.27 26.24 13.52
N LEU B 897 -12.23 27.45 12.94
CA LEU B 897 -11.87 27.59 11.54
C LEU B 897 -10.52 26.97 11.25
N LYS B 898 -9.57 27.13 12.16
CA LYS B 898 -8.27 26.57 11.84
C LYS B 898 -8.19 25.08 12.17
N LYS B 899 -8.96 24.59 13.14
CA LYS B 899 -8.97 23.15 13.38
C LYS B 899 -9.67 22.40 12.27
N ALA B 900 -10.68 23.00 11.66
CA ALA B 900 -11.34 22.31 10.56
C ALA B 900 -10.37 22.13 9.38
N LEU B 901 -9.59 23.17 9.08
CA LEU B 901 -8.76 23.16 7.90
C LEU B 901 -7.41 22.45 8.13
N TYR B 902 -6.89 22.49 9.35
CA TYR B 902 -5.63 21.84 9.68
C TYR B 902 -5.87 20.95 10.88
N PRO B 903 -6.46 19.77 10.67
CA PRO B 903 -6.84 18.91 11.80
C PRO B 903 -5.62 18.43 12.57
N ALA B 904 -5.66 18.65 13.89
CA ALA B 904 -4.68 18.12 14.82
C ALA B 904 -5.37 17.94 16.16
N PRO B 905 -4.91 17.00 16.99
CA PRO B 905 -5.31 17.04 18.40
C PRO B 905 -4.77 18.30 19.02
N ILE B 906 -5.57 18.95 19.87
CA ILE B 906 -5.10 20.06 20.67
C ILE B 906 -4.03 19.54 21.64
N GLU B 907 -2.85 20.16 21.61
CA GLU B 907 -1.75 19.79 22.48
C GLU B 907 -2.03 20.29 23.89
N GLU B 908 -1.51 19.56 24.88
CA GLU B 908 -1.91 19.84 26.26
C GLU B 908 -1.27 21.11 26.81
N ASN B 909 -0.01 21.37 26.50
CA ASN B 909 0.66 22.56 27.01
C ASN B 909 0.78 23.70 25.99
N GLY B 910 0.11 23.60 24.84
CA GLY B 910 0.26 24.57 23.77
C GLY B 910 -0.69 25.76 23.89
N TYR B 911 -0.72 26.56 22.82
CA TYR B 911 -1.49 27.81 22.82
C TYR B 911 -2.98 27.59 22.65
N GLU B 912 -3.39 26.63 21.83
CA GLU B 912 -4.82 26.44 21.66
C GLU B 912 -5.47 25.98 22.95
N LYS B 913 -4.75 25.16 23.73
CA LYS B 913 -5.30 24.68 24.98
C LYS B 913 -5.58 25.83 25.94
N GLN B 914 -4.88 26.96 25.79
CA GLN B 914 -5.14 28.10 26.66
C GLN B 914 -6.49 28.73 26.38
N LEU B 915 -6.93 28.71 25.11
CA LEU B 915 -8.26 29.26 24.84
C LEU B 915 -9.36 28.25 25.23
N ILE B 916 -9.06 26.95 25.13
CA ILE B 916 -9.96 25.95 25.69
C ILE B 916 -10.12 26.15 27.18
N LYS B 917 -9.00 26.30 27.90
CA LYS B 917 -9.11 26.40 29.35
C LYS B 917 -9.81 27.68 29.77
N ALA B 918 -9.73 28.75 28.97
CA ALA B 918 -10.50 29.95 29.26
C ALA B 918 -12.00 29.66 29.21
N ILE B 919 -12.43 28.86 28.24
CA ILE B 919 -13.85 28.54 28.13
C ILE B 919 -14.29 27.66 29.29
N GLU B 920 -13.47 26.66 29.68
CA GLU B 920 -13.83 25.81 30.81
C GLU B 920 -13.95 26.61 32.09
N LEU B 921 -13.04 27.59 32.30
CA LEU B 921 -13.09 28.42 33.50
C LEU B 921 -14.41 29.18 33.58
N LEU B 922 -14.76 29.86 32.49
CA LEU B 922 -16.04 30.56 32.45
C LEU B 922 -17.20 29.57 32.62
N LEU B 923 -17.12 28.38 32.03
CA LEU B 923 -18.26 27.47 32.09
C LEU B 923 -18.44 26.91 33.50
N SER B 924 -17.32 26.67 34.21
CA SER B 924 -17.31 26.08 35.55
C SER B 924 -17.92 26.98 36.63
N LEU B 925 -18.21 28.25 36.34
CA LEU B 925 -18.88 29.03 37.37
C LEU B 925 -20.32 28.61 37.60
N ASP B 926 -20.87 27.76 36.73
CA ASP B 926 -22.21 27.21 36.93
C ASP B 926 -22.20 25.85 37.61
N GLU B 927 -21.05 25.37 38.07
CA GLU B 927 -21.03 24.12 38.83
C GLU B 927 -21.96 24.21 40.03
N ARG B 928 -22.65 23.11 40.29
CA ARG B 928 -23.63 23.01 41.36
C ARG B 928 -22.94 23.05 42.72
N LEU B 929 -23.27 24.05 43.54
CA LEU B 929 -22.55 24.19 44.79
C LEU B 929 -23.20 23.28 45.84
#